data_4YOC
#
_entry.id   4YOC
#
_cell.length_a   110.231
_cell.length_b   111.619
_cell.length_c   163.868
_cell.angle_alpha   90.000
_cell.angle_beta   90.000
_cell.angle_gamma   90.000
#
_symmetry.space_group_name_H-M   'P 21 21 21'
#
loop_
_entity.id
_entity.type
_entity.pdbx_description
1 polymer 'DNA (cytosine-5)-methyltransferase 1'
2 polymer 'Ubiquitin carboxyl-terminal hydrolase 7'
3 non-polymer 'ZINC ION'
4 water water
#
loop_
_entity_poly.entity_id
_entity_poly.type
_entity_poly.pdbx_seq_one_letter_code
_entity_poly.pdbx_strand_id
1 'polypeptide(L)'
;SEFRRQTIRHSTREKDRGPTKATTTKLVYQIFDTFFAEQIEKDDREDKENAFKRRRCGVCEVCQQPECGKCKACKDMVKF
GGSGRSKQACQERRCPNMAMKEADDDEEVDDNIPEMPSPKKMHQGKKKKQNKNRISWVGEAVKTDGKKSYYKKVCIDAET
LEVGDCVSVIPDDSSKPLYLARVTALWEDSSNGQMFHAHWFCAGTDTVLGATSDPLELFLVDECEDMQLSYIHSKVKVIY
KAPSENWAMEGGMDPESLLEGDDGKTYFYQLWYDQDYARFESPPKTQPTEDNKFKFCVSCARLAEMRQKEIPRVLEQLED
LDSRVLYYSATKNGILYRVGDGVYLPPEAFTFNIKLSSPVKRPRKEPVDEDLYPEHYRKYSDYIKGSNLDAPEPYRIGRI
KEIFCPKKSNGRPNETDIKIRVNKFYRPENTHKSTPASYHADINLLYWSDEEAVVDFKAVQGRCTVEYGEDLPECVQVYS
MGGPNRFYFLEAYNAKSKSFEDPPNHARSPGNKGKGKGKGKGKPKSQACEPSEPEIEIKLPKLRTLDVFSGCGGLSEGFH
QAGISDTLWAIEMWDPAAQAFRLNNPGSTVFTEDCNILLKLVMAGETTNSRGQRLPQKGDVEMLCGGPPCQGFSGMNRFN
SRTYSKFKNSLVVSFLSYCDYYRPRFFLLENVRNFVSFKRSMVLKLTLRCLVRMGYQCTFGVLQAGQYGVAQTRRRAIIL
AAAPGEKLPLFPEPLHVFAPRACQLSVVVDDKKFVSNITRLSSGPFRTITVRDTMSDLPEVRNGASALEISYNGEPQSWF
QRQLRGAQYQPILRDHICKDMSALVAARMRHIPLAPGSDWRDLPNIEVRLSDGTMARKLRYTHHDRKNGRSSSGALRGVC
SCVEAGKACDPAARQFNTLIPWCLPHTGNRHNHWAGLYGRLEWDGFFSTTVTNPEPMGKQGRVLHPEQHRVVSVRECARS
QGFPDTYRLFGNILDKHRQVGNAVPPPLAKAIGLEIKLCMLAKA
;
A
2 'polypeptide(L)'
;GPLGSEAHLYMQVQIVAEDQFCGHQGNDMYDEEKVKYTVFKVLKNSSLAEFVQSLSQTMGFPQDQIRLWPMQARSNGTKR
PAMLDNEADGNKTMIELSDNENPWTIFLETVDPELAASGATLPKFDKDHDVMLFLKMYDPKTRSLNYCGHIYTPISCKIR
DLLPVMCDRAGFIQDTSLILYEEVKPNLTERIQDYDVSLDKALDELMDGDIIVFQKDDPENDNSELPTAKEYFRDLYHRV
DVIFCDKTIPNDPGFVVTLSNRMNYFQVAKTVAQRLNTDPMLLQFFKSQGYRDGPGNPLRHNYEGTLRDLLQFFKPRQPK
KLYYQQLKMKITDFENRRSFKCIWLNSQFREEEITLYPDKHGCVRDLLEECKKAVELGEKASGKLRLLEIVSYKIIGVHQ
EDELLECLSPATSRTFRIEEIPLDQVDIDKENEMLVTVAHFHKEVFGTFGIPFLLRIHQGEHFREVMKRIQSLLDIQEKE
FEKFKFAIVMMGRHQYINEDEYEVNLKDFEPQPGNMSHPRPWLGLDHFNKAPKRSRYTYLEKAIKIHN
;
C
#
# COMPACT_ATOMS: atom_id res chain seq x y z
N PRO A 19 -35.16 -21.15 6.66
CA PRO A 19 -34.06 -20.22 6.45
C PRO A 19 -34.16 -18.99 7.37
N THR A 20 -35.37 -18.68 7.80
CA THR A 20 -35.62 -17.50 8.62
C THR A 20 -34.88 -17.55 9.96
N LYS A 21 -35.14 -18.60 10.72
CA LYS A 21 -34.52 -18.75 12.04
C LYS A 21 -33.03 -18.98 11.93
N ALA A 22 -32.26 -18.25 12.73
CA ALA A 22 -30.80 -18.37 12.71
C ALA A 22 -30.34 -19.53 13.56
N THR A 23 -29.38 -20.30 13.03
CA THR A 23 -28.72 -21.32 13.82
C THR A 23 -27.97 -20.65 14.95
N THR A 24 -28.08 -21.19 16.16
CA THR A 24 -27.57 -20.51 17.33
C THR A 24 -27.11 -21.44 18.44
N THR A 25 -26.29 -20.92 19.34
CA THR A 25 -25.95 -21.64 20.56
C THR A 25 -26.91 -21.20 21.65
N LYS A 26 -27.10 -22.05 22.65
CA LYS A 26 -28.04 -21.76 23.73
C LYS A 26 -27.62 -20.51 24.48
N LEU A 27 -26.31 -20.30 24.60
CA LEU A 27 -25.75 -19.12 25.24
C LEU A 27 -26.20 -17.83 24.54
N VAL A 28 -25.83 -17.71 23.28
CA VAL A 28 -26.18 -16.55 22.47
C VAL A 28 -27.68 -16.34 22.39
N TYR A 29 -28.40 -17.43 22.12
CA TYR A 29 -29.85 -17.39 22.03
C TYR A 29 -30.45 -16.84 23.31
N GLN A 30 -29.94 -17.28 24.45
CA GLN A 30 -30.41 -16.78 25.73
C GLN A 30 -30.10 -15.30 25.88
N ILE A 31 -28.89 -14.90 25.49
CA ILE A 31 -28.50 -13.49 25.55
C ILE A 31 -29.49 -12.62 24.79
N PHE A 32 -29.86 -13.03 23.58
CA PHE A 32 -30.76 -12.23 22.76
C PHE A 32 -32.23 -12.45 23.08
N ASP A 33 -32.53 -13.45 23.90
CA ASP A 33 -33.91 -13.74 24.27
C ASP A 33 -34.24 -13.17 25.64
N THR A 34 -33.26 -13.21 26.54
CA THR A 34 -33.44 -12.70 27.89
C THR A 34 -33.46 -11.18 27.91
N PHE A 35 -33.24 -10.58 26.74
CA PHE A 35 -33.18 -9.13 26.60
C PHE A 35 -34.49 -8.50 26.13
N PHE A 36 -35.54 -9.31 25.95
CA PHE A 36 -36.59 -9.03 24.97
C PHE A 36 -37.06 -7.58 24.92
N ALA A 37 -37.67 -7.10 25.99
CA ALA A 37 -38.06 -5.68 26.04
C ALA A 37 -37.86 -5.10 27.44
N ASP A 106 -25.59 4.00 2.55
CA ASP A 106 -26.56 4.35 3.57
C ASP A 106 -25.87 4.87 4.82
N GLU A 107 -25.09 5.94 4.65
CA GLU A 107 -24.51 6.64 5.79
C GLU A 107 -25.33 7.88 6.11
N GLU A 108 -25.97 7.87 7.27
CA GLU A 108 -26.78 9.00 7.72
C GLU A 108 -25.91 10.02 8.43
N VAL A 109 -24.61 9.74 8.43
CA VAL A 109 -23.57 10.56 9.07
C VAL A 109 -24.01 11.02 10.47
N ASP A 110 -24.07 10.05 11.38
CA ASP A 110 -24.49 10.29 12.75
C ASP A 110 -23.59 11.25 13.51
N ASP A 111 -22.40 11.52 12.99
CA ASP A 111 -21.53 12.47 13.69
C ASP A 111 -21.00 13.61 12.84
N ASN A 112 -21.51 14.80 13.14
CA ASN A 112 -20.77 16.05 13.05
C ASN A 112 -21.01 16.58 14.44
N ILE A 113 -19.96 16.63 15.26
CA ILE A 113 -20.17 16.41 16.67
C ILE A 113 -20.12 17.62 17.61
N PRO A 114 -21.19 17.78 18.40
CA PRO A 114 -21.21 18.55 19.64
C PRO A 114 -20.45 17.76 20.70
N GLU A 115 -19.12 17.84 20.65
CA GLU A 115 -18.23 16.89 21.31
C GLU A 115 -18.30 16.86 22.83
N MET A 116 -17.88 15.74 23.42
CA MET A 116 -17.97 15.52 24.88
C MET A 116 -16.62 15.18 25.51
N PRO A 117 -16.35 15.73 26.70
CA PRO A 117 -15.05 15.39 27.27
C PRO A 117 -14.87 13.90 27.65
N SER A 118 -15.83 13.33 28.39
CA SER A 118 -16.19 11.91 28.51
C SER A 118 -15.16 10.98 29.21
N PRO A 119 -15.59 9.74 29.53
CA PRO A 119 -15.94 9.42 30.92
C PRO A 119 -14.92 9.42 32.07
N LYS A 120 -14.41 10.60 32.43
CA LYS A 120 -14.81 11.14 33.74
C LYS A 120 -14.82 10.07 34.85
N LYS A 121 -13.67 9.69 35.39
CA LYS A 121 -13.62 8.56 36.35
C LYS A 121 -14.68 8.73 37.44
N MET A 122 -15.46 7.68 37.61
CA MET A 122 -16.84 7.79 38.08
C MET A 122 -17.08 7.91 39.59
N HIS A 123 -16.10 7.51 40.38
CA HIS A 123 -16.28 7.36 41.81
C HIS A 123 -15.87 8.61 42.60
N GLN A 124 -15.55 9.67 41.87
CA GLN A 124 -15.22 10.97 42.48
C GLN A 124 -16.33 11.47 43.40
N GLY A 125 -15.96 12.19 44.44
CA GLY A 125 -16.93 12.86 45.29
C GLY A 125 -17.18 12.21 46.64
N LYS A 126 -18.23 12.67 47.31
CA LYS A 126 -18.53 12.23 48.66
C LYS A 126 -19.46 11.02 48.69
N LYS A 127 -19.72 10.51 49.89
CA LYS A 127 -20.59 9.35 50.10
C LYS A 127 -21.12 9.31 51.53
N LYS A 128 -22.19 8.55 51.76
CA LYS A 128 -22.83 8.47 53.07
C LYS A 128 -22.09 7.54 54.04
N LYS A 129 -21.74 8.08 55.20
CA LYS A 129 -21.10 7.30 56.26
C LYS A 129 -22.14 6.49 57.03
N GLN A 130 -21.71 5.39 57.63
CA GLN A 130 -22.59 4.53 58.40
C GLN A 130 -22.28 4.60 59.89
N ASN A 131 -23.30 4.43 60.72
CA ASN A 131 -23.10 4.39 62.16
C ASN A 131 -22.89 2.97 62.64
N LYS A 132 -21.67 2.68 63.08
CA LYS A 132 -21.29 1.35 63.53
C LYS A 132 -20.91 1.40 65.00
N ASN A 133 -21.46 0.48 65.78
CA ASN A 133 -21.31 0.51 67.22
C ASN A 133 -19.96 -0.01 67.72
N ARG A 134 -19.44 -1.05 67.06
CA ARG A 134 -18.16 -1.62 67.46
C ARG A 134 -17.27 -1.94 66.27
N ILE A 135 -16.05 -1.43 66.30
CA ILE A 135 -15.03 -1.76 65.31
C ILE A 135 -13.74 -2.12 66.04
N SER A 136 -13.28 -3.36 65.91
CA SER A 136 -12.05 -3.75 66.61
C SER A 136 -11.12 -4.61 65.78
N TRP A 137 -9.82 -4.41 65.99
CA TRP A 137 -8.80 -5.16 65.26
C TRP A 137 -8.60 -6.54 65.84
N VAL A 138 -8.83 -7.57 65.03
CA VAL A 138 -8.53 -8.93 65.43
C VAL A 138 -7.03 -9.18 65.34
N GLY A 139 -6.47 -9.82 66.38
CA GLY A 139 -5.06 -10.09 66.42
C GLY A 139 -4.23 -8.85 66.66
N GLU A 140 -2.96 -8.90 66.26
CA GLU A 140 -2.04 -7.80 66.48
C GLU A 140 -1.45 -7.34 65.15
N ALA A 141 -0.88 -6.14 65.13
CA ALA A 141 -0.38 -5.54 63.90
C ALA A 141 0.66 -6.41 63.21
N VAL A 142 0.42 -6.72 61.95
CA VAL A 142 1.34 -7.53 61.15
C VAL A 142 2.52 -6.67 60.75
N LYS A 143 2.25 -5.40 60.45
CA LYS A 143 3.33 -4.45 60.17
C LYS A 143 2.99 -3.04 60.66
N THR A 144 4.00 -2.37 61.19
CA THR A 144 3.88 -0.98 61.62
C THR A 144 4.76 -0.10 60.75
N ASP A 145 4.20 1.01 60.27
CA ASP A 145 4.93 1.93 59.41
C ASP A 145 4.90 3.34 59.98
N GLY A 146 5.40 4.30 59.21
CA GLY A 146 5.66 5.64 59.69
C GLY A 146 4.56 6.31 60.50
N LYS A 147 3.31 6.10 60.12
CA LYS A 147 2.20 6.63 60.88
C LYS A 147 1.01 5.66 60.92
N LYS A 148 1.09 4.62 60.10
CA LYS A 148 0.01 3.64 60.01
C LYS A 148 0.39 2.33 60.69
N SER A 149 -0.62 1.58 61.12
CA SER A 149 -0.40 0.27 61.76
C SER A 149 -1.33 -0.77 61.16
N TYR A 150 -0.79 -1.66 60.34
CA TYR A 150 -1.60 -2.58 59.55
C TYR A 150 -2.05 -3.83 60.29
N TYR A 151 -3.30 -4.23 60.06
CA TYR A 151 -3.86 -5.45 60.62
C TYR A 151 -4.37 -6.36 59.51
N LYS A 152 -4.53 -7.64 59.84
CA LYS A 152 -4.98 -8.65 58.89
C LYS A 152 -6.51 -8.68 58.79
N LYS A 153 -7.18 -8.45 59.91
CA LYS A 153 -8.63 -8.61 59.95
C LYS A 153 -9.28 -7.74 61.02
N VAL A 154 -10.42 -7.14 60.66
CA VAL A 154 -11.16 -6.26 61.57
C VAL A 154 -12.53 -6.86 61.85
N CYS A 155 -13.22 -6.32 62.85
CA CYS A 155 -14.57 -6.77 63.19
C CYS A 155 -15.51 -5.57 63.33
N ILE A 156 -16.54 -5.53 62.49
CA ILE A 156 -17.58 -4.51 62.61
C ILE A 156 -18.88 -5.13 63.12
N ASP A 157 -19.40 -4.59 64.21
CA ASP A 157 -20.63 -5.06 64.86
C ASP A 157 -20.83 -6.58 64.77
N ALA A 158 -19.88 -7.33 65.32
CA ALA A 158 -19.98 -8.78 65.51
C ALA A 158 -19.89 -9.56 64.20
N GLU A 159 -19.42 -8.89 63.15
CA GLU A 159 -19.19 -9.54 61.88
C GLU A 159 -17.75 -9.29 61.45
N THR A 160 -17.03 -10.37 61.20
CA THR A 160 -15.61 -10.30 60.86
C THR A 160 -15.39 -9.89 59.42
N LEU A 161 -14.20 -9.38 59.12
CA LEU A 161 -13.91 -8.78 57.83
C LEU A 161 -12.41 -8.79 57.56
N GLU A 162 -11.99 -9.62 56.61
CA GLU A 162 -10.58 -9.81 56.33
C GLU A 162 -10.14 -9.08 55.06
N VAL A 163 -8.84 -8.97 54.86
CA VAL A 163 -8.30 -8.44 53.62
C VAL A 163 -8.55 -9.42 52.50
N GLY A 164 -9.03 -8.93 51.37
CA GLY A 164 -9.39 -9.78 50.25
C GLY A 164 -10.89 -9.96 50.13
N ASP A 165 -11.61 -9.58 51.19
CA ASP A 165 -13.06 -9.60 51.17
C ASP A 165 -13.58 -8.41 50.37
N CYS A 166 -14.88 -8.41 50.10
CA CYS A 166 -15.49 -7.33 49.34
C CYS A 166 -16.60 -6.66 50.14
N VAL A 167 -16.74 -5.35 49.98
CA VAL A 167 -17.73 -4.61 50.75
C VAL A 167 -18.58 -3.65 49.92
N SER A 168 -19.75 -3.33 50.48
CA SER A 168 -20.69 -2.38 49.90
C SER A 168 -20.77 -1.09 50.72
N VAL A 169 -20.64 0.02 50.01
CA VAL A 169 -20.71 1.37 50.56
C VAL A 169 -21.82 2.14 49.85
N ILE A 170 -22.51 2.99 50.60
CA ILE A 170 -23.68 3.75 50.12
C ILE A 170 -23.33 5.11 49.51
N PRO A 171 -23.88 5.40 48.33
CA PRO A 171 -23.73 6.72 47.68
C PRO A 171 -24.43 7.83 48.44
N ASP A 172 -23.80 8.99 48.56
CA ASP A 172 -24.41 10.12 49.27
C ASP A 172 -25.68 10.56 48.55
N ASP A 173 -25.64 10.54 47.23
CA ASP A 173 -26.82 10.86 46.44
C ASP A 173 -27.84 9.74 46.59
N SER A 174 -29.11 10.09 46.43
CA SER A 174 -30.19 9.11 46.49
C SER A 174 -30.12 8.13 45.33
N SER A 175 -29.22 8.42 44.38
CA SER A 175 -29.03 7.58 43.20
C SER A 175 -28.75 6.13 43.57
N LYS A 176 -29.30 5.22 42.77
CA LYS A 176 -29.24 3.78 43.03
C LYS A 176 -27.87 3.09 43.12
N PRO A 177 -26.86 3.50 42.31
CA PRO A 177 -25.68 2.64 42.29
C PRO A 177 -25.04 2.41 43.65
N LEU A 178 -24.83 1.14 43.99
CA LEU A 178 -24.30 0.77 45.29
C LEU A 178 -22.81 0.50 45.15
N TYR A 179 -22.00 1.36 45.72
CA TYR A 179 -20.56 1.26 45.53
C TYR A 179 -20.03 -0.05 46.09
N LEU A 180 -19.25 -0.75 45.29
CA LEU A 180 -18.66 -2.03 45.70
C LEU A 180 -17.15 -1.94 45.61
N ALA A 181 -16.46 -2.55 46.56
CA ALA A 181 -15.00 -2.50 46.57
C ALA A 181 -14.39 -3.77 47.14
N ARG A 182 -13.08 -3.89 46.95
CA ARG A 182 -12.31 -4.95 47.58
C ARG A 182 -11.38 -4.32 48.62
N VAL A 183 -11.33 -4.93 49.79
CA VAL A 183 -10.48 -4.47 50.87
C VAL A 183 -9.04 -4.93 50.65
N THR A 184 -8.17 -4.00 50.28
CA THR A 184 -6.79 -4.36 49.96
C THR A 184 -5.87 -4.22 51.17
N ALA A 185 -6.26 -3.37 52.12
CA ALA A 185 -5.45 -3.13 53.30
C ALA A 185 -6.29 -2.63 54.45
N LEU A 186 -5.94 -3.03 55.67
CA LEU A 186 -6.58 -2.53 56.88
C LEU A 186 -5.52 -1.93 57.79
N TRP A 187 -5.76 -0.73 58.30
CA TRP A 187 -4.79 -0.12 59.19
C TRP A 187 -5.38 0.94 60.13
N GLU A 188 -4.72 1.08 61.28
CA GLU A 188 -5.04 2.13 62.25
C GLU A 188 -4.04 3.26 62.10
N ASP A 189 -4.54 4.45 61.78
CA ASP A 189 -3.70 5.64 61.69
C ASP A 189 -4.11 6.64 62.77
N SER A 190 -3.31 6.73 63.82
CA SER A 190 -3.60 7.62 64.94
C SER A 190 -3.77 9.08 64.52
N SER A 191 -3.21 9.41 63.36
CA SER A 191 -3.41 10.74 62.79
C SER A 191 -4.81 10.87 62.19
N ASN A 192 -5.26 9.82 61.52
CA ASN A 192 -6.49 9.89 60.74
C ASN A 192 -7.62 9.00 61.29
N GLY A 193 -7.27 7.83 61.80
CA GLY A 193 -8.25 6.94 62.39
C GLY A 193 -8.15 5.49 61.94
N GLN A 194 -9.25 4.77 62.03
CA GLN A 194 -9.34 3.40 61.54
C GLN A 194 -9.63 3.41 60.04
N MET A 195 -8.71 2.87 59.25
CA MET A 195 -8.77 3.03 57.81
C MET A 195 -8.60 1.74 57.02
N PHE A 196 -9.13 1.75 55.79
CA PHE A 196 -8.92 0.64 54.85
C PHE A 196 -8.78 1.19 53.43
N HIS A 197 -8.16 0.41 52.55
CA HIS A 197 -8.01 0.82 51.17
C HIS A 197 -8.99 0.08 50.26
N ALA A 198 -9.86 0.86 49.63
CA ALA A 198 -10.92 0.31 48.79
C ALA A 198 -10.53 0.33 47.31
N HIS A 199 -10.48 -0.88 46.73
CA HIS A 199 -10.27 -1.03 45.30
C HIS A 199 -11.61 -1.30 44.62
N TRP A 200 -12.13 -0.27 43.95
CA TRP A 200 -13.50 -0.29 43.46
C TRP A 200 -13.78 -1.25 42.31
N PHE A 201 -15.00 -1.78 42.29
CA PHE A 201 -15.51 -2.49 41.13
C PHE A 201 -16.30 -1.52 40.27
N CYS A 202 -16.53 -1.90 39.02
CA CYS A 202 -17.40 -1.14 38.14
C CYS A 202 -18.67 -1.93 37.86
N ALA A 203 -19.80 -1.28 38.03
CA ALA A 203 -21.09 -1.88 37.69
C ALA A 203 -21.10 -2.16 36.20
N GLY A 204 -21.61 -3.34 35.84
CA GLY A 204 -21.70 -3.73 34.44
C GLY A 204 -22.57 -2.78 33.65
N THR A 205 -23.54 -2.16 34.34
CA THR A 205 -24.44 -1.21 33.70
C THR A 205 -23.81 0.17 33.59
N ASP A 206 -22.61 0.32 34.14
CA ASP A 206 -21.88 1.59 34.04
C ASP A 206 -20.75 1.48 33.03
N THR A 207 -20.66 0.33 32.36
CA THR A 207 -19.73 0.15 31.27
C THR A 207 -20.43 0.47 29.96
N VAL A 208 -19.86 0.00 28.85
CA VAL A 208 -20.49 0.19 27.55
C VAL A 208 -21.72 -0.71 27.44
N LEU A 209 -21.69 -1.82 28.17
CA LEU A 209 -22.76 -2.81 28.15
C LEU A 209 -24.12 -2.21 28.50
N GLY A 210 -24.14 -1.34 29.50
CA GLY A 210 -25.37 -0.69 29.93
C GLY A 210 -26.39 -1.66 30.46
N ALA A 211 -27.63 -1.51 30.00
CA ALA A 211 -28.73 -2.34 30.48
C ALA A 211 -28.59 -3.80 30.04
N THR A 212 -27.69 -4.05 29.08
CA THR A 212 -27.48 -5.40 28.56
C THR A 212 -26.73 -6.27 29.56
N SER A 213 -25.94 -5.63 30.43
CA SER A 213 -25.07 -6.34 31.34
C SER A 213 -25.82 -7.19 32.36
N ASP A 214 -25.22 -8.32 32.71
CA ASP A 214 -25.70 -9.13 33.82
C ASP A 214 -25.69 -8.26 35.07
N PRO A 215 -26.85 -8.11 35.73
CA PRO A 215 -26.95 -7.27 36.92
C PRO A 215 -26.02 -7.72 38.04
N LEU A 216 -25.53 -8.95 37.96
CA LEU A 216 -24.61 -9.51 38.94
C LEU A 216 -23.15 -9.37 38.55
N GLU A 217 -22.89 -8.77 37.38
CA GLU A 217 -21.52 -8.73 36.87
C GLU A 217 -20.79 -7.44 37.26
N LEU A 218 -19.55 -7.61 37.69
CA LEU A 218 -18.69 -6.49 38.05
C LEU A 218 -17.44 -6.51 37.17
N PHE A 219 -16.80 -5.36 37.03
CA PHE A 219 -15.55 -5.29 36.25
C PHE A 219 -14.46 -4.52 36.97
N LEU A 220 -13.30 -5.15 37.09
CA LEU A 220 -12.12 -4.49 37.67
C LEU A 220 -11.80 -3.20 36.89
N VAL A 221 -11.43 -2.15 37.61
CA VAL A 221 -11.02 -0.87 37.03
C VAL A 221 -9.79 -0.38 37.77
N ASP A 222 -9.14 0.67 37.28
CA ASP A 222 -8.14 1.34 38.10
C ASP A 222 -8.82 2.57 38.65
N GLU A 223 -9.04 2.50 39.97
CA GLU A 223 -9.91 3.38 40.73
C GLU A 223 -9.84 2.82 42.15
N CYS A 224 -9.16 3.52 43.04
CA CYS A 224 -8.97 3.02 44.39
C CYS A 224 -8.76 4.22 45.28
N GLU A 225 -9.11 4.10 46.55
CA GLU A 225 -8.89 5.21 47.47
C GLU A 225 -8.89 4.72 48.91
N ASP A 226 -8.15 5.41 49.75
CA ASP A 226 -8.19 5.18 51.17
C ASP A 226 -9.51 5.70 51.71
N MET A 227 -10.03 5.04 52.73
CA MET A 227 -11.34 5.39 53.27
C MET A 227 -11.47 4.94 54.72
N GLN A 228 -12.16 5.74 55.53
CA GLN A 228 -12.40 5.39 56.91
C GLN A 228 -13.40 4.24 57.00
N LEU A 229 -13.10 3.25 57.84
CA LEU A 229 -13.88 2.02 57.94
C LEU A 229 -15.38 2.24 58.15
N SER A 230 -15.73 3.39 58.69
CA SER A 230 -17.13 3.68 59.03
C SER A 230 -18.05 3.71 57.83
N TYR A 231 -17.48 3.94 56.65
CA TYR A 231 -18.29 4.06 55.44
C TYR A 231 -18.82 2.70 54.98
N ILE A 232 -18.15 1.63 55.40
CA ILE A 232 -18.58 0.29 55.03
C ILE A 232 -20.01 0.01 55.48
N HIS A 233 -20.90 -0.23 54.52
CA HIS A 233 -22.29 -0.57 54.83
C HIS A 233 -22.43 -2.07 55.06
N SER A 234 -21.83 -2.89 54.21
CA SER A 234 -21.96 -4.34 54.39
C SER A 234 -20.83 -5.16 53.78
N LYS A 235 -20.69 -6.40 54.23
CA LYS A 235 -19.75 -7.32 53.61
C LYS A 235 -20.48 -8.12 52.54
N VAL A 236 -20.15 -7.85 51.28
CA VAL A 236 -20.80 -8.53 50.16
C VAL A 236 -19.88 -9.57 49.54
N LYS A 237 -20.47 -10.59 48.94
CA LYS A 237 -19.69 -11.68 48.37
C LYS A 237 -19.50 -11.48 46.86
N VAL A 238 -18.25 -11.59 46.41
CA VAL A 238 -17.92 -11.47 45.00
C VAL A 238 -16.98 -12.60 44.57
N ILE A 239 -17.37 -13.35 43.56
CA ILE A 239 -16.55 -14.46 43.11
C ILE A 239 -15.88 -14.17 41.76
N TYR A 240 -14.81 -14.91 41.49
CA TYR A 240 -14.06 -14.74 40.24
C TYR A 240 -14.39 -15.86 39.25
N LYS A 241 -15.15 -15.50 38.21
CA LYS A 241 -15.52 -16.46 37.18
C LYS A 241 -14.34 -16.72 36.24
N ALA A 242 -13.40 -17.53 36.69
CA ALA A 242 -12.24 -17.87 35.90
C ALA A 242 -12.61 -18.78 34.75
N PRO A 243 -11.99 -18.57 33.58
CA PRO A 243 -12.18 -19.49 32.45
C PRO A 243 -11.66 -20.87 32.81
N SER A 244 -12.42 -21.90 32.44
CA SER A 244 -12.03 -23.27 32.71
C SER A 244 -10.81 -23.68 31.91
N GLU A 245 -10.14 -24.73 32.36
CA GLU A 245 -9.00 -25.29 31.63
C GLU A 245 -9.48 -25.91 30.31
N ASN A 246 -10.79 -26.02 30.16
CA ASN A 246 -11.41 -26.57 28.96
C ASN A 246 -12.33 -25.54 28.30
N TRP A 247 -11.96 -24.27 28.41
CA TRP A 247 -12.78 -23.16 27.92
C TRP A 247 -12.99 -23.19 26.41
N ALA A 248 -12.01 -23.72 25.69
CA ALA A 248 -12.04 -23.69 24.23
C ALA A 248 -13.03 -24.69 23.65
N MET A 249 -13.53 -25.60 24.48
CA MET A 249 -14.48 -26.60 24.02
C MET A 249 -15.86 -26.38 24.63
N GLU A 250 -15.97 -25.37 25.50
CA GLU A 250 -17.22 -25.10 26.19
C GLU A 250 -18.25 -24.44 25.29
N GLY A 251 -17.88 -24.20 24.04
CA GLY A 251 -18.80 -23.66 23.06
C GLY A 251 -19.90 -24.65 22.70
N GLY A 252 -21.15 -24.21 22.79
CA GLY A 252 -22.27 -25.05 22.43
C GLY A 252 -22.86 -25.80 23.60
N MET A 253 -22.16 -25.76 24.74
CA MET A 253 -22.65 -26.38 25.96
C MET A 253 -23.70 -25.50 26.62
N ASP A 254 -24.75 -26.12 27.15
CA ASP A 254 -25.82 -25.37 27.80
C ASP A 254 -25.37 -24.82 29.15
N PRO A 255 -25.92 -23.67 29.55
CA PRO A 255 -25.52 -22.93 30.75
C PRO A 255 -25.62 -23.72 32.04
N GLU A 256 -26.35 -24.83 32.06
CA GLU A 256 -26.30 -25.71 33.21
C GLU A 256 -24.90 -26.31 33.18
N SER A 257 -24.14 -26.11 34.25
CA SER A 257 -22.70 -26.34 34.22
C SER A 257 -22.06 -26.06 35.57
N GLY A 264 -25.41 -19.92 44.30
CA GLY A 264 -26.57 -19.50 43.52
C GLY A 264 -26.25 -18.27 42.70
N LYS A 265 -27.02 -17.20 42.91
CA LYS A 265 -26.79 -15.95 42.20
C LYS A 265 -26.06 -14.96 43.10
N THR A 266 -24.81 -14.68 42.77
CA THR A 266 -23.97 -13.80 43.55
C THR A 266 -23.29 -12.79 42.65
N TYR A 267 -22.62 -11.80 43.23
CA TYR A 267 -21.78 -10.91 42.45
C TYR A 267 -20.59 -11.68 41.91
N PHE A 268 -20.26 -11.48 40.65
CA PHE A 268 -19.10 -12.13 40.06
C PHE A 268 -18.36 -11.19 39.12
N TYR A 269 -17.11 -11.51 38.83
CA TYR A 269 -16.34 -10.74 37.87
C TYR A 269 -15.41 -11.67 37.10
N GLN A 270 -15.07 -11.27 35.87
CA GLN A 270 -14.15 -12.06 35.06
C GLN A 270 -13.22 -11.19 34.23
N LEU A 271 -13.56 -9.91 34.08
CA LEU A 271 -12.79 -9.04 33.19
C LEU A 271 -12.49 -7.67 33.79
N TRP A 272 -11.30 -7.16 33.47
CA TRP A 272 -10.90 -5.80 33.77
C TRP A 272 -11.40 -4.89 32.66
N TYR A 273 -11.69 -3.62 32.98
CA TYR A 273 -12.35 -2.75 32.01
C TYR A 273 -11.74 -1.36 31.90
N ASP A 274 -11.17 -1.07 30.74
CA ASP A 274 -10.70 0.27 30.41
C ASP A 274 -11.88 1.09 29.89
N GLN A 275 -12.12 2.23 30.55
CA GLN A 275 -13.32 3.01 30.34
C GLN A 275 -13.23 3.98 29.17
N ASP A 276 -12.04 4.53 28.95
CA ASP A 276 -11.82 5.48 27.85
C ASP A 276 -11.86 4.77 26.51
N TYR A 277 -11.17 3.64 26.44
CA TYR A 277 -11.01 2.91 25.19
C TYR A 277 -12.03 1.78 25.03
N ALA A 278 -12.89 1.61 26.03
CA ALA A 278 -13.88 0.53 26.05
C ALA A 278 -13.23 -0.84 25.85
N ARG A 279 -12.21 -1.14 26.64
CA ARG A 279 -11.49 -2.39 26.48
C ARG A 279 -11.74 -3.37 27.62
N PHE A 280 -12.41 -4.48 27.30
CA PHE A 280 -12.55 -5.56 28.27
C PHE A 280 -11.38 -6.51 28.09
N GLU A 281 -10.57 -6.69 29.13
CA GLU A 281 -9.39 -7.54 29.04
C GLU A 281 -9.29 -8.50 30.22
N SER A 282 -8.39 -9.48 30.11
CA SER A 282 -8.14 -10.41 31.20
C SER A 282 -7.56 -9.65 32.40
N PRO A 283 -7.88 -10.12 33.62
CA PRO A 283 -7.38 -9.48 34.85
C PRO A 283 -5.85 -9.41 34.88
N PRO A 284 -5.31 -8.22 35.21
CA PRO A 284 -3.87 -7.96 35.27
C PRO A 284 -3.15 -8.98 36.15
N LYS A 285 -1.95 -9.38 35.75
CA LYS A 285 -1.22 -10.44 36.42
C LYS A 285 -0.25 -9.94 37.48
N THR A 286 -0.11 -8.62 37.61
CA THR A 286 0.97 -8.05 38.42
C THR A 286 0.94 -8.55 39.85
N GLN A 287 2.05 -9.16 40.25
CA GLN A 287 2.19 -9.78 41.57
C GLN A 287 2.76 -8.84 42.63
N PRO A 288 2.37 -9.05 43.89
CA PRO A 288 2.97 -8.34 45.03
C PRO A 288 4.32 -8.93 45.40
N THR A 289 5.17 -8.12 46.03
CA THR A 289 6.29 -8.68 46.76
C THR A 289 5.74 -9.13 48.11
N GLU A 290 6.57 -9.72 48.95
CA GLU A 290 6.06 -10.24 50.21
C GLU A 290 6.13 -9.21 51.32
N ASP A 291 6.77 -8.08 51.03
CA ASP A 291 6.83 -6.97 51.98
C ASP A 291 5.54 -6.15 51.98
N ASN A 292 4.93 -6.00 50.80
CA ASN A 292 3.62 -5.34 50.69
C ASN A 292 2.44 -6.34 50.65
N LYS A 293 2.72 -7.61 50.87
CA LYS A 293 1.73 -8.69 50.71
C LYS A 293 0.39 -8.41 51.38
N PHE A 294 0.43 -7.74 52.53
CA PHE A 294 -0.78 -7.45 53.28
C PHE A 294 -1.57 -6.28 52.71
N LYS A 295 -0.87 -5.24 52.29
CA LYS A 295 -1.51 -4.02 51.82
C LYS A 295 -1.65 -3.93 50.29
N PHE A 296 -1.23 -4.96 49.59
CA PHE A 296 -1.12 -4.90 48.13
C PHE A 296 -2.42 -4.55 47.40
N CYS A 297 -2.33 -3.54 46.54
CA CYS A 297 -3.43 -3.17 45.67
C CYS A 297 -2.96 -3.17 44.22
N VAL A 298 -3.72 -3.81 43.35
CA VAL A 298 -3.35 -3.90 41.94
C VAL A 298 -3.49 -2.54 41.26
N SER A 299 -4.56 -1.82 41.58
CA SER A 299 -4.81 -0.50 41.00
C SER A 299 -3.69 0.47 41.33
N CYS A 300 -3.19 0.41 42.57
CA CYS A 300 -2.09 1.27 43.00
C CYS A 300 -0.82 0.92 42.24
N ALA A 301 -0.58 -0.37 42.04
CA ALA A 301 0.60 -0.84 41.34
C ALA A 301 0.59 -0.39 39.89
N ARG A 302 -0.59 -0.47 39.26
CA ARG A 302 -0.73 -0.09 37.86
C ARG A 302 -0.66 1.41 37.69
N LEU A 303 -1.22 2.16 38.64
CA LEU A 303 -1.10 3.61 38.64
C LEU A 303 0.37 4.00 38.75
N ALA A 304 1.09 3.30 39.62
CA ALA A 304 2.52 3.51 39.80
C ALA A 304 3.26 3.27 38.49
N GLU A 305 3.06 2.09 37.91
CA GLU A 305 3.69 1.72 36.64
C GLU A 305 3.44 2.77 35.57
N MET A 306 2.17 3.15 35.41
CA MET A 306 1.78 4.11 34.39
C MET A 306 2.45 5.45 34.60
N ARG A 307 2.20 6.08 35.76
CA ARG A 307 2.74 7.40 36.03
C ARG A 307 4.27 7.44 36.07
N GLN A 308 4.89 6.27 36.28
CA GLN A 308 6.34 6.19 36.26
C GLN A 308 6.82 6.06 34.82
N LYS A 309 6.00 5.45 33.98
CA LYS A 309 6.35 5.23 32.58
C LYS A 309 6.33 6.52 31.77
N GLU A 310 5.47 7.45 32.16
CA GLU A 310 5.21 8.62 31.32
C GLU A 310 5.88 9.91 31.80
N ILE A 311 6.81 9.81 32.74
CA ILE A 311 7.63 10.97 33.08
C ILE A 311 8.98 10.86 32.37
N PRO A 312 9.22 11.77 31.41
CA PRO A 312 10.47 11.75 30.66
C PRO A 312 11.68 11.97 31.56
N ARG A 313 12.67 11.11 31.40
CA ARG A 313 13.89 11.18 32.19
C ARG A 313 15.12 10.84 31.35
N VAL A 314 16.16 11.63 31.49
CA VAL A 314 17.47 11.39 30.87
C VAL A 314 18.11 10.19 31.55
N LEU A 315 19.04 9.50 30.87
CA LEU A 315 19.58 8.28 31.47
C LEU A 315 21.07 8.30 31.81
N GLU A 316 21.93 8.19 30.81
CA GLU A 316 23.37 8.21 31.09
C GLU A 316 24.05 9.39 30.43
N GLN A 317 24.58 10.28 31.27
CA GLN A 317 25.19 11.52 30.82
C GLN A 317 26.59 11.25 30.29
N LEU A 318 27.09 12.15 29.46
CA LEU A 318 28.40 11.93 28.86
C LEU A 318 29.23 13.20 28.71
N GLU A 319 28.64 14.35 29.03
CA GLU A 319 29.37 15.61 28.93
C GLU A 319 28.70 16.75 29.70
N ASP A 320 29.48 17.48 30.49
CA ASP A 320 29.00 18.63 31.23
C ASP A 320 29.68 19.90 30.73
N LEU A 321 28.88 20.91 30.40
CA LEU A 321 29.41 22.18 29.94
C LEU A 321 28.98 23.32 30.87
N ASP A 322 29.33 24.54 30.51
CA ASP A 322 29.08 25.70 31.37
C ASP A 322 27.60 26.07 31.46
N SER A 323 26.85 25.82 30.39
CA SER A 323 25.45 26.23 30.34
C SER A 323 24.49 25.04 30.35
N ARG A 324 25.01 23.86 30.05
CA ARG A 324 24.14 22.72 29.82
C ARG A 324 24.80 21.39 30.12
N VAL A 325 23.99 20.33 30.07
CA VAL A 325 24.45 18.98 30.38
C VAL A 325 23.99 18.01 29.30
N LEU A 326 24.94 17.23 28.77
CA LEU A 326 24.66 16.32 27.67
C LEU A 326 24.51 14.87 28.11
N TYR A 327 23.59 14.16 27.47
CA TYR A 327 23.29 12.77 27.77
C TYR A 327 23.32 11.91 26.50
N TYR A 328 23.48 10.60 26.67
CA TYR A 328 23.51 9.70 25.53
C TYR A 328 22.13 9.18 25.17
N SER A 329 21.29 8.97 26.17
CA SER A 329 19.97 8.41 25.94
C SER A 329 18.92 8.99 26.87
N ALA A 330 17.77 9.36 26.30
CA ALA A 330 16.61 9.79 27.07
C ALA A 330 15.50 8.77 26.85
N THR A 331 14.52 8.75 27.74
CA THR A 331 13.42 7.80 27.60
C THR A 331 12.08 8.46 27.88
N LYS A 332 11.06 8.08 27.12
CA LYS A 332 9.73 8.64 27.32
C LYS A 332 8.66 7.66 26.86
N ASN A 333 7.56 7.58 27.60
CA ASN A 333 6.44 6.71 27.25
C ASN A 333 6.86 5.27 26.94
N GLY A 334 7.88 4.80 27.63
CA GLY A 334 8.35 3.43 27.46
C GLY A 334 9.38 3.26 26.36
N ILE A 335 9.42 4.18 25.41
CA ILE A 335 10.38 4.07 24.32
C ILE A 335 11.68 4.81 24.61
N LEU A 336 12.78 4.21 24.15
CA LEU A 336 14.13 4.67 24.43
C LEU A 336 14.75 5.37 23.23
N TYR A 337 15.31 6.55 23.46
CA TYR A 337 15.95 7.34 22.42
C TYR A 337 17.43 7.50 22.68
N ARG A 338 18.27 6.89 21.83
CA ARG A 338 19.71 7.08 21.91
C ARG A 338 20.11 8.22 20.99
N VAL A 339 21.36 8.66 21.10
CA VAL A 339 21.89 9.65 20.17
C VAL A 339 22.10 9.00 18.80
N GLY A 340 21.49 9.56 17.77
CA GLY A 340 21.60 9.03 16.43
C GLY A 340 20.36 8.31 15.96
N ASP A 341 19.39 8.14 16.85
CA ASP A 341 18.12 7.52 16.50
C ASP A 341 17.22 8.53 15.77
N GLY A 342 16.20 8.02 15.09
CA GLY A 342 15.29 8.89 14.37
C GLY A 342 14.16 9.38 15.25
N VAL A 343 13.68 10.59 14.96
CA VAL A 343 12.66 11.21 15.78
C VAL A 343 11.55 11.83 14.92
N TYR A 344 10.32 11.49 15.30
CA TYR A 344 9.12 12.09 14.74
C TYR A 344 8.84 13.43 15.42
N LEU A 345 8.43 14.41 14.63
CA LEU A 345 8.12 15.73 15.17
C LEU A 345 6.88 16.28 14.50
N PRO A 346 6.16 17.17 15.18
CA PRO A 346 5.04 17.86 14.54
C PRO A 346 5.55 18.83 13.50
N PRO A 347 4.72 19.19 12.51
CA PRO A 347 5.14 20.17 11.50
C PRO A 347 5.46 21.53 12.12
N GLU A 348 5.01 21.73 13.35
CA GLU A 348 5.26 22.97 14.08
C GLU A 348 6.68 23.02 14.65
N ALA A 349 7.32 21.85 14.74
CA ALA A 349 8.62 21.74 15.39
C ALA A 349 9.69 22.62 14.76
N PHE A 350 9.88 22.50 13.44
CA PHE A 350 10.84 23.34 12.75
C PHE A 350 10.48 23.61 11.29
N THR A 351 11.14 24.60 10.72
CA THR A 351 10.92 24.99 9.34
C THR A 351 12.20 24.75 8.53
N PHE A 352 12.04 24.60 7.22
CA PHE A 352 13.18 24.39 6.33
C PHE A 352 13.67 25.72 5.78
N ASN A 353 14.98 25.87 5.64
CA ASN A 353 15.58 27.10 5.16
C ASN A 353 15.15 27.47 3.75
N ILE A 354 14.56 26.52 3.05
CA ILE A 354 14.06 26.75 1.70
C ILE A 354 13.00 27.85 1.67
N LYS A 355 13.10 28.73 0.69
CA LYS A 355 12.08 29.76 0.48
C LYS A 355 10.82 29.09 -0.03
N LEU A 356 9.71 29.32 0.67
CA LEU A 356 8.47 28.62 0.38
C LEU A 356 7.73 29.28 -0.79
N GLU A 366 -13.92 35.07 -11.98
CA GLU A 366 -14.62 35.51 -13.17
C GLU A 366 -16.12 35.23 -13.06
N PRO A 367 -16.95 36.22 -13.44
CA PRO A 367 -18.40 36.01 -13.46
C PRO A 367 -18.79 34.93 -14.47
N VAL A 368 -19.94 34.31 -14.26
CA VAL A 368 -20.37 33.20 -15.09
C VAL A 368 -21.59 33.57 -15.92
N ASP A 369 -21.66 33.06 -17.14
CA ASP A 369 -22.83 33.26 -17.97
C ASP A 369 -23.92 32.38 -17.38
N GLU A 370 -25.02 32.99 -16.95
CA GLU A 370 -26.07 32.26 -16.25
C GLU A 370 -27.14 31.78 -17.21
N ASP A 371 -27.01 32.19 -18.47
CA ASP A 371 -27.83 31.64 -19.53
C ASP A 371 -27.27 30.27 -19.88
N LEU A 372 -26.02 30.27 -20.35
CA LEU A 372 -25.31 29.05 -20.70
C LEU A 372 -25.14 28.09 -19.53
N TYR A 373 -24.86 28.63 -18.34
CA TYR A 373 -24.67 27.80 -17.15
C TYR A 373 -25.69 28.14 -16.06
N PRO A 374 -26.94 27.68 -16.23
CA PRO A 374 -28.07 28.04 -15.38
C PRO A 374 -28.01 27.48 -13.96
N GLU A 375 -27.21 26.45 -13.73
CA GLU A 375 -27.22 25.77 -12.43
C GLU A 375 -25.91 25.97 -11.66
N HIS A 376 -25.00 26.77 -12.22
CA HIS A 376 -23.71 27.03 -11.59
C HIS A 376 -23.85 27.73 -10.24
N TYR A 377 -24.95 28.47 -10.08
CA TYR A 377 -25.19 29.23 -8.85
C TYR A 377 -25.31 28.33 -7.63
N ARG A 378 -25.59 27.05 -7.86
CA ARG A 378 -25.71 26.08 -6.77
C ARG A 378 -24.35 25.64 -6.26
N LYS A 379 -23.29 26.25 -6.80
CA LYS A 379 -21.93 25.99 -6.33
C LYS A 379 -21.48 27.10 -5.38
N TYR A 380 -22.18 28.21 -5.40
CA TYR A 380 -21.79 29.38 -4.62
C TYR A 380 -22.07 29.22 -3.13
N SER A 381 -22.82 28.18 -2.79
CA SER A 381 -23.02 27.82 -1.39
C SER A 381 -21.97 26.79 -0.97
N ASP A 382 -21.17 26.34 -1.94
CA ASP A 382 -20.07 25.42 -1.67
C ASP A 382 -18.74 26.14 -1.50
N TYR A 383 -18.75 27.47 -1.65
CA TYR A 383 -17.55 28.27 -1.46
C TYR A 383 -17.54 28.94 -0.10
N ASN A 388 -13.35 23.58 4.23
CA ASN A 388 -12.77 22.23 4.36
C ASN A 388 -11.26 22.26 4.48
N LEU A 389 -10.76 21.95 5.67
CA LEU A 389 -9.33 21.89 5.91
C LEU A 389 -8.71 20.67 5.21
N ASP A 390 -7.59 20.89 4.52
CA ASP A 390 -6.92 19.82 3.81
C ASP A 390 -6.24 18.85 4.75
N ALA A 391 -5.59 17.83 4.18
CA ALA A 391 -4.83 16.88 4.96
C ALA A 391 -3.65 17.57 5.61
N PRO A 392 -3.30 17.15 6.84
CA PRO A 392 -2.17 17.73 7.56
C PRO A 392 -0.83 17.42 6.90
N GLU A 393 0.21 18.17 7.27
CA GLU A 393 1.56 17.80 6.88
C GLU A 393 1.95 16.55 7.64
N PRO A 394 2.68 15.63 6.97
CA PRO A 394 3.24 14.47 7.65
C PRO A 394 4.32 14.89 8.64
N TYR A 395 4.67 14.00 9.56
CA TYR A 395 5.72 14.25 10.55
C TYR A 395 6.98 14.89 9.97
N ARG A 396 7.51 15.88 10.67
CA ARG A 396 8.90 16.28 10.48
C ARG A 396 9.75 15.12 10.96
N ILE A 397 10.87 14.88 10.29
CA ILE A 397 11.77 13.81 10.72
C ILE A 397 13.14 14.35 11.01
N GLY A 398 13.65 14.08 12.21
CA GLY A 398 14.96 14.57 12.59
C GLY A 398 15.85 13.48 13.10
N ARG A 399 17.17 13.70 13.07
CA ARG A 399 18.08 12.74 13.69
C ARG A 399 18.70 13.34 14.95
N ILE A 400 18.63 12.60 16.04
CA ILE A 400 19.14 13.06 17.33
C ILE A 400 20.65 13.23 17.33
N LYS A 401 21.09 14.48 17.43
CA LYS A 401 22.50 14.83 17.49
C LYS A 401 22.90 15.05 18.95
N GLU A 402 22.14 15.88 19.65
CA GLU A 402 22.39 16.14 21.06
C GLU A 402 21.14 15.95 21.91
N ILE A 403 21.31 15.33 23.07
CA ILE A 403 20.28 15.31 24.10
C ILE A 403 20.81 16.13 25.27
N PHE A 404 20.15 17.21 25.63
CA PHE A 404 20.69 18.05 26.70
C PHE A 404 19.66 18.73 27.59
N CYS A 405 20.05 18.95 28.84
CA CYS A 405 19.25 19.70 29.79
C CYS A 405 20.01 20.96 30.21
N PRO A 406 19.33 22.11 30.15
CA PRO A 406 19.97 23.35 30.61
C PRO A 406 20.10 23.36 32.13
N LYS A 407 21.18 23.91 32.64
CA LYS A 407 21.35 24.05 34.08
C LYS A 407 20.39 25.12 34.60
N LYS A 408 20.10 25.07 35.89
CA LYS A 408 19.13 25.97 36.50
C LYS A 408 19.81 27.28 36.88
N SER A 409 21.08 27.38 36.52
CA SER A 409 21.97 28.50 36.83
C SER A 409 22.20 28.65 38.32
N ASN A 410 21.97 27.58 39.07
CA ASN A 410 22.68 27.35 40.31
C ASN A 410 23.82 26.37 40.00
N GLY A 411 23.86 25.94 38.75
CA GLY A 411 24.89 25.03 38.27
C GLY A 411 24.46 23.59 38.20
N ARG A 412 23.15 23.34 38.31
CA ARG A 412 22.62 21.99 38.29
C ARG A 412 21.58 21.84 37.18
N PRO A 413 21.58 20.68 36.50
CA PRO A 413 20.70 20.48 35.33
C PRO A 413 19.21 20.44 35.68
N ASN A 414 18.40 21.07 34.84
CA ASN A 414 16.96 20.97 34.96
C ASN A 414 16.47 19.83 34.08
N GLU A 415 16.01 18.76 34.70
CA GLU A 415 15.68 17.54 33.97
C GLU A 415 14.19 17.47 33.65
N THR A 416 13.47 18.52 34.03
CA THR A 416 12.10 18.70 33.56
C THR A 416 12.17 19.29 32.16
N ASP A 417 13.31 19.89 31.85
CA ASP A 417 13.50 20.61 30.60
C ASP A 417 14.48 19.88 29.67
N ILE A 418 14.21 18.62 29.40
CA ILE A 418 15.03 17.84 28.46
C ILE A 418 14.87 18.39 27.05
N LYS A 419 15.99 18.62 26.37
CA LYS A 419 15.94 19.17 25.01
C LYS A 419 16.74 18.36 24.01
N ILE A 420 16.30 18.38 22.76
CA ILE A 420 16.91 17.61 21.70
C ILE A 420 17.39 18.51 20.56
N ARG A 421 18.66 18.37 20.18
CA ARG A 421 19.17 19.02 18.98
C ARG A 421 19.17 18.00 17.86
N VAL A 422 18.57 18.34 16.73
CA VAL A 422 18.40 17.38 15.64
C VAL A 422 18.85 17.90 14.28
N ASN A 423 19.24 16.97 13.42
CA ASN A 423 19.43 17.24 12.01
C ASN A 423 18.12 17.11 11.26
N LYS A 424 17.77 18.14 10.49
CA LYS A 424 16.56 18.12 9.69
C LYS A 424 16.69 17.15 8.53
N PHE A 425 15.61 16.43 8.24
CA PHE A 425 15.51 15.67 7.01
C PHE A 425 14.52 16.33 6.07
N TYR A 426 14.81 16.31 4.78
CA TYR A 426 13.90 16.84 3.79
C TYR A 426 13.07 15.73 3.17
N ARG A 427 11.76 15.92 3.09
CA ARG A 427 10.97 15.08 2.20
C ARG A 427 11.12 15.70 0.82
N PRO A 428 11.07 14.88 -0.23
CA PRO A 428 11.18 15.39 -1.60
C PRO A 428 10.25 16.58 -1.86
N GLU A 429 9.09 16.58 -1.22
CA GLU A 429 8.13 17.66 -1.38
C GLU A 429 8.49 18.89 -0.54
N ASN A 430 9.50 18.76 0.32
CA ASN A 430 9.93 19.90 1.14
C ASN A 430 10.99 20.73 0.43
N THR A 431 11.57 20.17 -0.62
CA THR A 431 12.60 20.88 -1.37
C THR A 431 11.99 21.97 -2.25
N HIS A 432 12.82 22.53 -3.14
CA HIS A 432 12.35 23.57 -4.04
C HIS A 432 11.51 22.99 -5.17
N LYS A 433 11.64 21.69 -5.39
CA LYS A 433 10.86 21.00 -6.42
C LYS A 433 9.41 20.81 -5.95
N SER A 434 9.20 21.00 -4.66
CA SER A 434 7.86 21.04 -4.06
C SER A 434 7.06 19.75 -4.25
N THR A 435 5.75 19.86 -4.14
CA THR A 435 4.83 18.72 -4.20
C THR A 435 5.05 17.76 -5.38
N PRO A 436 5.33 18.27 -6.60
CA PRO A 436 5.49 17.26 -7.65
C PRO A 436 6.68 16.32 -7.47
N ALA A 437 7.57 16.62 -6.52
CA ALA A 437 8.69 15.71 -6.27
C ALA A 437 8.23 14.44 -5.57
N SER A 438 7.00 14.47 -5.04
CA SER A 438 6.49 13.33 -4.30
C SER A 438 5.92 12.26 -5.22
N TYR A 439 5.51 12.65 -6.43
CA TYR A 439 4.83 11.76 -7.37
C TYR A 439 5.56 10.43 -7.59
N HIS A 440 6.80 10.49 -8.08
CA HIS A 440 7.58 9.29 -8.35
C HIS A 440 8.23 8.69 -7.10
N ALA A 441 8.59 9.53 -6.14
CA ALA A 441 9.41 9.11 -5.01
C ALA A 441 8.74 8.10 -4.08
N ASP A 442 9.55 7.25 -3.46
CA ASP A 442 9.08 6.36 -2.41
C ASP A 442 8.56 7.18 -1.24
N ILE A 443 7.58 6.67 -0.51
CA ILE A 443 7.01 7.43 0.60
C ILE A 443 7.97 7.53 1.78
N ASN A 444 8.90 6.59 1.87
CA ASN A 444 9.88 6.62 2.96
C ASN A 444 11.21 7.27 2.57
N LEU A 445 11.30 7.77 1.34
CA LEU A 445 12.53 8.43 0.89
C LEU A 445 12.71 9.81 1.51
N LEU A 446 13.91 10.08 2.00
CA LEU A 446 14.25 11.40 2.55
C LEU A 446 15.58 11.89 2.00
N TYR A 447 15.94 13.11 2.36
CA TYR A 447 17.25 13.67 2.03
C TYR A 447 17.90 14.21 3.30
N TRP A 448 19.20 13.97 3.43
CA TRP A 448 19.96 14.48 4.55
C TRP A 448 20.19 15.98 4.40
N SER A 449 20.27 16.69 5.51
CA SER A 449 20.61 18.10 5.50
C SER A 449 21.50 18.43 6.69
N ASP A 450 22.35 19.44 6.53
CA ASP A 450 23.22 19.87 7.61
C ASP A 450 22.53 20.92 8.48
N GLU A 451 21.31 21.28 8.08
CA GLU A 451 20.48 22.17 8.89
C GLU A 451 20.17 21.51 10.23
N GLU A 452 20.12 22.30 11.29
CA GLU A 452 19.85 21.77 12.62
C GLU A 452 18.73 22.54 13.30
N ALA A 453 18.19 21.97 14.38
CA ALA A 453 17.16 22.65 15.15
C ALA A 453 17.04 22.07 16.55
N VAL A 454 16.68 22.92 17.52
CA VAL A 454 16.45 22.45 18.88
C VAL A 454 14.96 22.39 19.20
N VAL A 455 14.51 21.27 19.73
CA VAL A 455 13.11 21.09 20.09
C VAL A 455 12.99 20.49 21.49
N ASP A 456 11.86 20.70 22.13
CA ASP A 456 11.59 20.07 23.42
C ASP A 456 11.40 18.57 23.23
N PHE A 457 11.77 17.80 24.25
CA PHE A 457 11.61 16.36 24.19
C PHE A 457 10.12 15.99 24.26
N LYS A 458 9.31 16.93 24.73
CA LYS A 458 7.86 16.75 24.79
C LYS A 458 7.24 16.63 23.39
N ALA A 459 7.85 17.33 22.44
CA ALA A 459 7.30 17.41 21.08
C ALA A 459 7.54 16.13 20.28
N VAL A 460 8.47 15.29 20.75
CA VAL A 460 8.76 14.03 20.07
C VAL A 460 7.54 13.11 20.07
N GLN A 461 7.13 12.68 18.88
CA GLN A 461 5.92 11.88 18.74
C GLN A 461 6.20 10.39 18.54
N GLY A 462 7.48 10.03 18.56
CA GLY A 462 7.87 8.64 18.37
C GLY A 462 9.26 8.49 17.78
N ARG A 463 9.80 7.28 17.85
CA ARG A 463 11.13 7.01 17.30
C ARG A 463 11.02 6.33 15.95
N CYS A 464 11.87 6.74 15.01
CA CYS A 464 11.91 6.10 13.71
C CYS A 464 13.33 5.68 13.35
N THR A 465 13.45 4.84 12.33
CA THR A 465 14.73 4.40 11.81
C THR A 465 15.00 5.09 10.49
N VAL A 466 16.08 5.87 10.41
CA VAL A 466 16.43 6.53 9.16
C VAL A 466 17.85 6.17 8.73
N GLU A 467 17.97 5.30 7.74
CA GLU A 467 19.30 4.81 7.36
C GLU A 467 19.80 5.41 6.03
N TYR A 468 21.09 5.26 5.79
CA TYR A 468 21.66 5.56 4.49
C TYR A 468 21.54 4.30 3.64
N GLY A 469 20.87 4.43 2.49
CA GLY A 469 20.48 3.29 1.69
C GLY A 469 21.59 2.37 1.20
N GLU A 470 22.80 2.91 1.04
CA GLU A 470 23.91 2.12 0.50
C GLU A 470 24.55 1.20 1.53
N ASP A 471 24.51 1.60 2.80
CA ASP A 471 25.13 0.80 3.86
C ASP A 471 24.21 -0.31 4.32
N LEU A 472 23.02 -0.37 3.74
CA LEU A 472 22.06 -1.42 4.04
C LEU A 472 22.51 -2.74 3.44
N PRO A 473 22.57 -3.79 4.26
CA PRO A 473 22.84 -5.15 3.75
C PRO A 473 21.71 -5.61 2.85
N GLU A 474 20.49 -5.30 3.25
CA GLU A 474 19.31 -5.59 2.45
C GLU A 474 19.21 -4.64 1.26
N CYS A 475 18.47 -5.03 0.24
CA CYS A 475 18.09 -4.08 -0.80
C CYS A 475 17.13 -3.09 -0.14
N VAL A 476 17.04 -1.89 -0.70
CA VAL A 476 16.27 -0.81 -0.09
C VAL A 476 14.82 -1.21 0.22
N GLN A 477 14.17 -1.89 -0.73
CA GLN A 477 12.77 -2.23 -0.57
C GLN A 477 12.54 -3.36 0.43
N VAL A 478 13.49 -4.29 0.50
CA VAL A 478 13.43 -5.34 1.52
C VAL A 478 13.46 -4.70 2.90
N TYR A 479 14.33 -3.71 3.05
CA TYR A 479 14.42 -2.92 4.27
C TYR A 479 13.11 -2.18 4.55
N SER A 480 12.54 -1.59 3.49
CA SER A 480 11.33 -0.78 3.62
C SER A 480 10.12 -1.61 4.02
N MET A 481 10.10 -2.88 3.62
CA MET A 481 8.95 -3.73 3.87
C MET A 481 9.16 -4.69 5.04
N GLY A 482 10.23 -4.47 5.81
CA GLY A 482 10.62 -5.37 6.88
C GLY A 482 10.29 -4.92 8.30
N GLY A 483 9.81 -3.68 8.42
CA GLY A 483 9.49 -3.10 9.72
C GLY A 483 8.63 -1.86 9.61
N PRO A 484 7.97 -1.48 10.72
CA PRO A 484 6.94 -0.42 10.78
C PRO A 484 7.43 1.00 10.47
N ASN A 485 8.56 1.43 11.02
CA ASN A 485 8.94 2.85 10.93
C ASN A 485 10.29 3.10 10.26
N ARG A 486 10.38 2.77 8.97
CA ARG A 486 11.66 2.81 8.29
C ARG A 486 11.74 3.79 7.11
N PHE A 487 12.71 4.69 7.19
CA PHE A 487 13.01 5.69 6.17
C PHE A 487 14.46 5.54 5.77
N TYR A 488 14.80 6.02 4.57
CA TYR A 488 16.16 5.95 4.08
C TYR A 488 16.49 7.18 3.24
N PHE A 489 17.77 7.48 3.11
CA PHE A 489 18.20 8.55 2.22
C PHE A 489 19.41 8.08 1.42
N LEU A 490 19.55 8.63 0.22
CA LEU A 490 20.68 8.30 -0.64
C LEU A 490 21.52 9.53 -0.89
N GLU A 491 20.91 10.71 -0.73
CA GLU A 491 21.60 11.96 -1.00
C GLU A 491 21.40 12.97 0.11
N ALA A 492 22.01 14.14 -0.07
CA ALA A 492 21.84 15.28 0.82
C ALA A 492 21.42 16.49 0.00
N TYR A 493 20.57 17.31 0.59
CA TYR A 493 20.03 18.48 -0.08
C TYR A 493 20.64 19.76 0.46
N ASN A 494 21.02 20.66 -0.44
CA ASN A 494 21.52 21.97 -0.07
C ASN A 494 20.51 23.02 -0.51
N ALA A 495 19.82 23.58 0.47
CA ALA A 495 18.77 24.56 0.22
C ALA A 495 19.32 25.87 -0.30
N LYS A 496 20.56 26.17 0.08
CA LYS A 496 21.22 27.40 -0.32
C LYS A 496 21.51 27.36 -1.82
N SER A 497 22.06 26.25 -2.28
CA SER A 497 22.37 26.09 -3.69
C SER A 497 21.25 25.39 -4.45
N LYS A 498 20.20 25.01 -3.72
CA LYS A 498 19.09 24.23 -4.27
C LYS A 498 19.61 23.04 -5.06
N SER A 499 20.49 22.25 -4.44
CA SER A 499 21.14 21.16 -5.16
C SER A 499 21.22 19.87 -4.36
N PHE A 500 21.64 18.80 -5.02
CA PHE A 500 21.77 17.50 -4.37
C PHE A 500 23.18 16.97 -4.52
N GLU A 501 23.73 16.46 -3.42
CA GLU A 501 25.07 15.87 -3.46
C GLU A 501 25.11 14.62 -2.58
N ASP A 502 26.25 13.95 -2.53
CA ASP A 502 26.38 12.77 -1.67
C ASP A 502 26.43 13.18 -0.21
N PRO A 503 25.87 12.33 0.68
CA PRO A 503 25.85 12.63 2.12
C PRO A 503 27.24 12.77 2.70
N PRO A 504 27.37 13.63 3.73
CA PRO A 504 28.64 13.73 4.47
C PRO A 504 28.95 12.42 5.19
N ASN A 505 30.21 12.18 5.55
CA ASN A 505 30.57 10.91 6.18
C ASN A 505 30.00 10.75 7.59
N HIS A 506 29.80 11.86 8.29
CA HIS A 506 29.23 11.79 9.64
C HIS A 506 27.74 11.45 9.61
N ALA A 507 27.19 11.23 8.42
CA ALA A 507 25.77 10.91 8.25
C ALA A 507 25.51 9.43 8.05
N ARG A 508 26.53 8.68 7.65
CA ARG A 508 26.42 7.23 7.50
C ARG A 508 26.61 6.58 8.87
N SER A 509 25.53 5.98 9.40
CA SER A 509 25.38 5.76 10.83
C SER A 509 26.60 5.11 11.47
N PRO A 510 27.12 5.73 12.55
CA PRO A 510 28.40 5.41 13.17
C PRO A 510 28.45 3.94 13.56
N GLY A 511 27.28 3.39 13.84
CA GLY A 511 27.10 2.00 14.23
C GLY A 511 27.64 0.96 13.29
N ASN A 512 27.24 0.97 12.02
CA ASN A 512 27.77 -0.10 11.15
C ASN A 512 28.94 0.42 10.32
N LYS A 513 30.14 0.05 10.76
CA LYS A 513 31.35 -0.02 9.97
C LYS A 513 31.49 -1.34 9.20
N GLY A 514 31.21 -2.43 9.90
CA GLY A 514 31.11 -3.76 9.31
C GLY A 514 32.35 -4.64 9.18
N LYS A 515 33.39 -4.38 9.96
CA LYS A 515 34.66 -5.08 9.76
C LYS A 515 34.82 -6.24 10.74
N GLY A 516 35.00 -5.93 12.03
CA GLY A 516 35.11 -6.96 13.04
C GLY A 516 35.68 -6.43 14.34
N LYS A 517 36.18 -7.34 15.17
CA LYS A 517 36.80 -6.92 16.43
C LYS A 517 38.16 -6.33 16.13
N GLY A 518 39.07 -7.15 15.62
CA GLY A 518 40.41 -6.72 15.34
C GLY A 518 41.14 -6.34 16.61
N LYS A 519 41.82 -5.20 16.58
CA LYS A 519 42.65 -4.77 17.70
C LYS A 519 42.95 -3.28 17.61
N GLU A 537 14.01 -12.32 13.77
CA GLU A 537 13.30 -13.06 12.73
C GLU A 537 12.56 -14.27 13.30
N ILE A 538 11.53 -14.00 14.09
CA ILE A 538 10.72 -15.07 14.66
C ILE A 538 9.55 -15.34 13.74
N LYS A 539 9.54 -16.52 13.12
CA LYS A 539 8.49 -16.88 12.21
C LYS A 539 7.40 -17.66 12.92
N LEU A 540 6.22 -17.06 13.02
CA LEU A 540 5.09 -17.70 13.67
C LEU A 540 4.36 -18.61 12.71
N PRO A 541 3.79 -19.70 13.24
CA PRO A 541 2.85 -20.48 12.44
C PRO A 541 1.61 -19.65 12.14
N LYS A 542 1.12 -19.71 10.91
CA LYS A 542 -0.05 -18.94 10.54
C LYS A 542 -1.31 -19.50 11.17
N LEU A 543 -2.22 -18.60 11.55
CA LEU A 543 -3.48 -19.01 12.15
C LEU A 543 -4.43 -19.57 11.10
N ARG A 544 -4.97 -20.74 11.35
CA ARG A 544 -6.01 -21.28 10.48
C ARG A 544 -7.22 -20.37 10.60
N THR A 545 -7.60 -19.76 9.47
CA THR A 545 -8.63 -18.74 9.51
C THR A 545 -9.90 -19.13 8.76
N LEU A 546 -11.03 -18.80 9.39
CA LEU A 546 -12.35 -18.94 8.81
C LEU A 546 -12.91 -17.55 8.53
N ASP A 547 -13.19 -17.30 7.25
CA ASP A 547 -13.70 -16.01 6.81
C ASP A 547 -15.17 -16.13 6.41
N VAL A 548 -16.06 -15.63 7.27
CA VAL A 548 -17.49 -15.69 7.01
C VAL A 548 -17.95 -14.42 6.29
N PHE A 549 -18.78 -14.59 5.27
CA PHE A 549 -19.16 -13.50 4.38
C PHE A 549 -17.88 -12.88 3.80
N SER A 550 -17.13 -13.71 3.07
CA SER A 550 -15.77 -13.36 2.68
C SER A 550 -15.71 -12.36 1.52
N GLY A 551 -16.66 -12.43 0.61
CA GLY A 551 -16.57 -11.68 -0.63
C GLY A 551 -15.45 -12.27 -1.46
N CYS A 552 -14.80 -11.44 -2.27
CA CYS A 552 -13.69 -11.91 -3.08
C CYS A 552 -12.45 -12.14 -2.22
N GLY A 553 -12.49 -11.63 -0.99
CA GLY A 553 -11.47 -11.93 -0.01
C GLY A 553 -10.40 -10.87 0.19
N GLY A 554 -10.82 -9.62 0.33
CA GLY A 554 -9.90 -8.54 0.60
C GLY A 554 -9.35 -8.61 2.00
N LEU A 555 -10.23 -8.92 2.94
CA LEU A 555 -9.86 -9.06 4.35
C LEU A 555 -8.82 -10.17 4.53
N SER A 556 -9.13 -11.33 3.95
CA SER A 556 -8.22 -12.48 4.00
C SER A 556 -6.91 -12.16 3.28
N GLU A 557 -6.98 -11.32 2.25
CA GLU A 557 -5.79 -10.91 1.53
C GLU A 557 -4.87 -10.09 2.43
N GLY A 558 -5.43 -9.05 3.03
CA GLY A 558 -4.68 -8.21 3.95
C GLY A 558 -4.10 -9.00 5.10
N PHE A 559 -4.89 -9.94 5.63
CA PHE A 559 -4.41 -10.80 6.71
C PHE A 559 -3.27 -11.70 6.26
N HIS A 560 -3.35 -12.20 5.02
CA HIS A 560 -2.28 -13.01 4.47
C HIS A 560 -1.01 -12.17 4.33
N GLN A 561 -1.20 -10.90 4.02
CA GLN A 561 -0.08 -9.97 3.89
C GLN A 561 0.54 -9.67 5.25
N ALA A 562 -0.29 -9.66 6.29
CA ALA A 562 0.21 -9.46 7.64
C ALA A 562 1.09 -10.63 8.09
N GLY A 563 0.86 -11.79 7.50
CA GLY A 563 1.64 -12.98 7.79
C GLY A 563 1.17 -13.72 9.02
N ILE A 564 -0.10 -13.54 9.36
CA ILE A 564 -0.65 -14.12 10.57
C ILE A 564 -1.64 -15.23 10.28
N SER A 565 -2.09 -15.33 9.03
CA SER A 565 -3.21 -16.21 8.73
C SER A 565 -3.06 -17.02 7.45
N ASP A 566 -3.69 -18.18 7.48
CA ASP A 566 -3.92 -19.00 6.31
C ASP A 566 -5.40 -19.28 6.33
N THR A 567 -6.16 -18.59 5.49
CA THR A 567 -7.61 -18.77 5.46
C THR A 567 -7.95 -20.05 4.74
N LEU A 568 -8.34 -21.07 5.50
CA LEU A 568 -8.54 -22.39 4.93
C LEU A 568 -10.00 -22.62 4.58
N TRP A 569 -10.88 -21.87 5.24
CA TRP A 569 -12.30 -22.00 5.01
C TRP A 569 -12.94 -20.64 4.81
N ALA A 570 -13.84 -20.54 3.83
CA ALA A 570 -14.56 -19.29 3.58
C ALA A 570 -16.03 -19.59 3.33
N ILE A 571 -16.87 -18.62 3.64
CA ILE A 571 -18.31 -18.76 3.45
C ILE A 571 -18.88 -17.55 2.70
N GLU A 572 -19.36 -17.78 1.49
CA GLU A 572 -19.96 -16.71 0.70
C GLU A 572 -21.10 -17.24 -0.16
N MET A 573 -22.30 -16.70 0.02
CA MET A 573 -23.48 -17.19 -0.68
C MET A 573 -23.51 -16.72 -2.13
N TRP A 574 -23.01 -15.52 -2.39
CA TRP A 574 -22.97 -15.01 -3.74
C TRP A 574 -21.88 -15.72 -4.53
N ASP A 575 -22.30 -16.40 -5.61
CA ASP A 575 -21.40 -17.29 -6.35
C ASP A 575 -20.16 -16.63 -6.97
N PRO A 576 -20.33 -15.49 -7.69
CA PRO A 576 -19.13 -14.91 -8.31
C PRO A 576 -18.01 -14.59 -7.31
N ALA A 577 -18.37 -14.03 -6.17
CA ALA A 577 -17.41 -13.68 -5.13
C ALA A 577 -16.72 -14.94 -4.61
N ALA A 578 -17.50 -16.00 -4.43
CA ALA A 578 -16.96 -17.28 -3.98
C ALA A 578 -15.92 -17.79 -4.98
N GLN A 579 -16.28 -17.72 -6.26
CA GLN A 579 -15.37 -18.09 -7.33
C GLN A 579 -14.07 -17.30 -7.26
N ALA A 580 -14.19 -15.99 -7.05
CA ALA A 580 -13.03 -15.12 -6.93
C ALA A 580 -12.14 -15.54 -5.76
N PHE A 581 -12.75 -15.83 -4.62
CA PHE A 581 -12.02 -16.28 -3.44
C PHE A 581 -11.28 -17.57 -3.75
N ARG A 582 -11.94 -18.48 -4.45
CA ARG A 582 -11.30 -19.73 -4.87
C ARG A 582 -10.08 -19.44 -5.74
N LEU A 583 -10.24 -18.54 -6.70
CA LEU A 583 -9.15 -18.17 -7.60
C LEU A 583 -7.95 -17.61 -6.85
N ASN A 584 -8.22 -16.73 -5.88
CA ASN A 584 -7.13 -16.11 -5.13
C ASN A 584 -6.64 -16.96 -3.95
N ASN A 585 -7.41 -18.00 -3.60
CA ASN A 585 -7.03 -18.89 -2.51
C ASN A 585 -7.31 -20.36 -2.86
N PRO A 586 -6.48 -20.94 -3.73
CA PRO A 586 -6.70 -22.30 -4.26
C PRO A 586 -6.55 -23.39 -3.21
N GLY A 587 -5.90 -23.08 -2.09
CA GLY A 587 -5.68 -24.07 -1.05
C GLY A 587 -6.74 -24.03 0.03
N SER A 588 -7.86 -23.37 -0.26
CA SER A 588 -8.92 -23.20 0.72
C SER A 588 -10.23 -23.83 0.27
N THR A 589 -11.16 -23.97 1.22
CA THR A 589 -12.46 -24.55 0.94
C THR A 589 -13.55 -23.49 1.06
N VAL A 590 -14.23 -23.21 -0.05
CA VAL A 590 -15.27 -22.20 -0.06
C VAL A 590 -16.66 -22.81 -0.04
N PHE A 591 -17.45 -22.46 0.97
CA PHE A 591 -18.83 -22.91 1.06
C PHE A 591 -19.77 -21.83 0.53
N THR A 592 -20.73 -22.22 -0.30
CA THR A 592 -21.69 -21.28 -0.85
C THR A 592 -23.06 -21.43 -0.20
N GLU A 593 -23.21 -22.46 0.62
CA GLU A 593 -24.46 -22.71 1.32
C GLU A 593 -24.66 -21.70 2.44
N ASP A 594 -25.90 -21.54 2.87
CA ASP A 594 -26.22 -20.66 3.99
C ASP A 594 -25.38 -21.03 5.22
N CYS A 595 -24.86 -20.02 5.91
CA CYS A 595 -23.98 -20.27 7.04
C CYS A 595 -24.72 -20.97 8.18
N ASN A 596 -26.02 -20.69 8.28
CA ASN A 596 -26.85 -21.27 9.33
C ASN A 596 -26.97 -22.79 9.20
N ILE A 597 -27.23 -23.27 8.00
CA ILE A 597 -27.40 -24.71 7.81
C ILE A 597 -26.06 -25.42 7.91
N LEU A 598 -24.98 -24.70 7.65
CA LEU A 598 -23.63 -25.27 7.82
C LEU A 598 -23.30 -25.43 9.29
N LEU A 599 -23.51 -24.36 10.06
CA LEU A 599 -23.29 -24.41 11.50
C LEU A 599 -24.16 -25.48 12.12
N LYS A 600 -25.40 -25.57 11.64
CA LYS A 600 -26.33 -26.61 12.08
C LYS A 600 -25.78 -28.00 11.76
N LEU A 601 -25.22 -28.16 10.57
CA LEU A 601 -24.57 -29.41 10.18
C LEU A 601 -23.47 -29.77 11.18
N VAL A 602 -22.63 -28.79 11.51
CA VAL A 602 -21.50 -29.03 12.39
C VAL A 602 -21.95 -29.40 13.80
N MET A 603 -22.94 -28.69 14.32
CA MET A 603 -23.46 -28.96 15.67
C MET A 603 -24.14 -30.32 15.73
N ALA A 604 -24.57 -30.82 14.57
CA ALA A 604 -25.22 -32.12 14.49
C ALA A 604 -24.18 -33.24 14.37
N GLY A 605 -22.91 -32.87 14.41
CA GLY A 605 -21.83 -33.85 14.37
C GLY A 605 -21.53 -34.37 12.97
N GLU A 606 -21.93 -33.61 11.96
CA GLU A 606 -21.65 -33.97 10.58
C GLU A 606 -20.23 -33.60 10.18
N THR A 607 -19.56 -34.52 9.49
CA THR A 607 -18.19 -34.29 9.04
C THR A 607 -18.11 -33.43 7.78
N THR A 608 -19.03 -33.66 6.85
CA THR A 608 -19.02 -32.94 5.56
C THR A 608 -20.40 -32.41 5.22
N ASN A 609 -20.47 -31.52 4.23
CA ASN A 609 -21.75 -31.12 3.69
C ASN A 609 -22.18 -32.08 2.59
N SER A 610 -23.24 -31.75 1.86
CA SER A 610 -23.83 -32.66 0.89
C SER A 610 -22.90 -32.98 -0.28
N ARG A 611 -22.02 -32.06 -0.65
CA ARG A 611 -21.14 -32.27 -1.80
C ARG A 611 -19.79 -32.85 -1.40
N GLY A 612 -19.60 -33.11 -0.11
CA GLY A 612 -18.39 -33.78 0.35
C GLY A 612 -17.30 -32.86 0.88
N GLN A 613 -17.55 -31.56 0.89
CA GLN A 613 -16.58 -30.61 1.42
C GLN A 613 -16.44 -30.76 2.93
N ARG A 614 -15.22 -30.84 3.40
CA ARG A 614 -14.96 -31.06 4.82
C ARG A 614 -15.29 -29.82 5.65
N LEU A 615 -16.10 -30.02 6.70
CA LEU A 615 -16.50 -28.94 7.59
C LEU A 615 -15.43 -28.68 8.64
N PRO A 616 -15.25 -27.41 9.01
CA PRO A 616 -14.32 -27.08 10.11
C PRO A 616 -14.88 -27.55 11.45
N GLN A 617 -13.99 -28.02 12.32
CA GLN A 617 -14.38 -28.58 13.61
C GLN A 617 -13.69 -27.81 14.72
N LYS A 618 -14.15 -27.98 15.95
CA LYS A 618 -13.51 -27.35 17.10
C LYS A 618 -12.03 -27.67 17.12
N GLY A 619 -11.21 -26.63 17.21
CA GLY A 619 -9.77 -26.79 17.18
C GLY A 619 -9.16 -26.51 15.82
N ASP A 620 -9.98 -26.60 14.77
CA ASP A 620 -9.52 -26.26 13.43
C ASP A 620 -9.45 -24.77 13.25
N VAL A 621 -10.51 -24.08 13.65
CA VAL A 621 -10.57 -22.63 13.49
C VAL A 621 -9.78 -21.95 14.60
N GLU A 622 -8.76 -21.20 14.21
CA GLU A 622 -7.94 -20.48 15.18
C GLU A 622 -8.25 -18.99 15.10
N MET A 623 -8.66 -18.53 13.93
CA MET A 623 -9.06 -17.14 13.77
C MET A 623 -10.39 -17.02 13.02
N LEU A 624 -11.29 -16.22 13.57
CA LEU A 624 -12.59 -16.02 12.93
C LEU A 624 -12.75 -14.57 12.50
N CYS A 625 -12.97 -14.35 11.21
CA CYS A 625 -13.18 -12.98 10.72
C CYS A 625 -14.38 -12.87 9.80
N GLY A 626 -15.02 -11.71 9.81
CA GLY A 626 -16.17 -11.51 8.93
C GLY A 626 -16.82 -10.13 8.92
N GLY A 627 -17.70 -9.93 7.95
CA GLY A 627 -18.47 -8.70 7.82
C GLY A 627 -19.94 -8.99 7.59
N PRO A 628 -20.69 -9.24 8.68
CA PRO A 628 -22.11 -9.56 8.61
C PRO A 628 -22.97 -8.39 8.13
N PRO A 629 -23.88 -8.65 7.18
CA PRO A 629 -24.84 -7.66 6.70
C PRO A 629 -25.84 -7.27 7.78
N CYS A 630 -26.06 -5.98 7.95
CA CYS A 630 -26.96 -5.47 8.96
C CYS A 630 -28.38 -5.19 8.47
N GLN A 631 -28.64 -5.54 7.21
CA GLN A 631 -29.85 -5.08 6.52
C GLN A 631 -31.15 -5.33 7.27
N GLY A 632 -31.92 -4.25 7.41
CA GLY A 632 -33.24 -4.26 8.02
C GLY A 632 -33.31 -3.80 9.46
N PHE A 633 -32.22 -3.93 10.21
CA PHE A 633 -32.08 -3.25 11.51
C PHE A 633 -31.22 -1.97 11.43
N SER A 634 -30.85 -1.57 10.21
CA SER A 634 -29.77 -0.58 10.06
C SER A 634 -30.22 0.86 10.32
N GLY A 635 -31.50 1.06 10.67
CA GLY A 635 -31.96 2.36 11.10
C GLY A 635 -31.33 2.78 12.42
N MET A 636 -31.34 4.08 12.70
CA MET A 636 -30.75 4.62 13.93
C MET A 636 -31.65 4.48 15.16
N ASN A 637 -32.94 4.73 14.97
CA ASN A 637 -33.90 4.78 16.08
C ASN A 637 -34.15 3.43 16.75
N ARG A 638 -34.71 3.50 17.96
CA ARG A 638 -34.84 2.37 18.87
C ARG A 638 -35.55 1.14 18.30
N PHE A 639 -35.11 -0.03 18.78
CA PHE A 639 -35.75 -1.31 18.46
C PHE A 639 -37.25 -1.32 18.80
N ASN A 640 -38.04 -1.86 17.89
CA ASN A 640 -39.39 -2.32 18.24
C ASN A 640 -39.35 -3.84 18.23
N SER A 641 -40.48 -4.49 18.49
CA SER A 641 -40.44 -5.96 18.54
C SER A 641 -40.17 -6.57 17.17
N ARG A 642 -40.62 -5.88 16.13
CA ARG A 642 -40.44 -6.32 14.74
C ARG A 642 -38.97 -6.35 14.36
N THR A 643 -38.35 -5.17 14.33
CA THR A 643 -36.95 -5.05 13.96
C THR A 643 -36.06 -5.88 14.88
N TYR A 644 -36.41 -5.98 16.16
CA TYR A 644 -35.63 -6.81 17.06
C TYR A 644 -35.86 -8.27 16.72
N SER A 645 -37.02 -8.59 16.14
CA SER A 645 -37.27 -9.97 15.77
C SER A 645 -36.37 -10.27 14.57
N LYS A 646 -36.14 -9.25 13.76
CA LYS A 646 -35.31 -9.45 12.59
C LYS A 646 -33.83 -9.55 12.98
N PHE A 647 -33.42 -8.76 13.97
CA PHE A 647 -32.03 -8.74 14.42
C PHE A 647 -31.70 -9.99 15.25
N LYS A 648 -32.75 -10.54 15.85
CA LYS A 648 -32.66 -11.73 16.71
C LYS A 648 -32.18 -12.94 15.90
N ASN A 649 -32.51 -12.95 14.61
CA ASN A 649 -32.13 -14.04 13.72
C ASN A 649 -31.20 -13.58 12.61
N SER A 650 -30.58 -12.42 12.81
CA SER A 650 -29.70 -11.84 11.81
C SER A 650 -28.42 -12.65 11.62
N LEU A 651 -27.62 -12.27 10.63
CA LEU A 651 -26.36 -12.93 10.37
C LEU A 651 -25.30 -12.53 11.37
N VAL A 652 -25.58 -11.46 12.12
CA VAL A 652 -24.70 -11.04 13.20
C VAL A 652 -24.76 -12.05 14.34
N VAL A 653 -25.97 -12.48 14.66
CA VAL A 653 -26.19 -13.49 15.69
C VAL A 653 -25.62 -14.83 15.24
N SER A 654 -25.74 -15.13 13.94
CA SER A 654 -25.17 -16.34 13.38
C SER A 654 -23.64 -16.32 13.50
N PHE A 655 -23.06 -15.18 13.19
CA PHE A 655 -21.61 -14.99 13.26
C PHE A 655 -21.11 -15.14 14.69
N LEU A 656 -21.81 -14.48 15.62
CA LEU A 656 -21.48 -14.60 17.04
C LEU A 656 -21.64 -16.03 17.53
N SER A 657 -22.57 -16.76 16.93
CA SER A 657 -22.78 -18.17 17.25
C SER A 657 -21.59 -18.99 16.77
N TYR A 658 -21.10 -18.67 15.59
CA TYR A 658 -19.87 -19.27 15.07
C TYR A 658 -18.72 -19.03 16.05
N CYS A 659 -18.65 -17.81 16.55
CA CYS A 659 -17.61 -17.44 17.51
C CYS A 659 -17.71 -18.27 18.79
N ASP A 660 -18.90 -18.34 19.36
CA ASP A 660 -19.12 -19.08 20.59
C ASP A 660 -18.81 -20.55 20.41
N TYR A 661 -19.22 -21.12 19.29
CA TYR A 661 -19.00 -22.54 19.04
C TYR A 661 -17.53 -22.88 18.84
N TYR A 662 -16.88 -22.15 17.92
CA TYR A 662 -15.53 -22.53 17.52
C TYR A 662 -14.45 -22.07 18.51
N ARG A 663 -14.75 -21.02 19.26
CA ARG A 663 -13.81 -20.47 20.24
C ARG A 663 -12.41 -20.22 19.66
N PRO A 664 -12.30 -19.33 18.65
CA PRO A 664 -10.98 -19.03 18.10
C PRO A 664 -10.14 -18.16 19.04
N ARG A 665 -8.84 -18.14 18.82
CA ARG A 665 -7.95 -17.30 19.61
C ARG A 665 -8.26 -15.83 19.35
N PHE A 666 -8.62 -15.51 18.11
CA PHE A 666 -8.95 -14.14 17.74
C PHE A 666 -10.21 -14.05 16.90
N PHE A 667 -10.87 -12.88 16.98
CA PHE A 667 -12.18 -12.66 16.37
C PHE A 667 -12.31 -11.23 15.86
N LEU A 668 -12.64 -11.07 14.59
CA LEU A 668 -12.83 -9.76 14.00
C LEU A 668 -14.17 -9.64 13.31
N LEU A 669 -14.94 -8.64 13.71
CA LEU A 669 -16.20 -8.31 13.05
C LEU A 669 -16.09 -6.90 12.48
N GLU A 670 -16.01 -6.80 11.15
CA GLU A 670 -15.94 -5.50 10.49
C GLU A 670 -17.29 -5.15 9.88
N ASN A 671 -17.62 -3.86 9.91
CA ASN A 671 -18.87 -3.39 9.31
C ASN A 671 -18.79 -1.91 8.98
N VAL A 672 -19.88 -1.36 8.46
CA VAL A 672 -19.96 0.07 8.24
C VAL A 672 -19.87 0.77 9.59
N ARG A 673 -19.48 2.04 9.60
CA ARG A 673 -19.26 2.75 10.85
C ARG A 673 -20.51 2.76 11.72
N ASN A 674 -21.64 3.11 11.11
CA ASN A 674 -22.90 3.24 11.85
C ASN A 674 -23.34 1.98 12.58
N PHE A 675 -22.57 0.90 12.43
CA PHE A 675 -22.77 -0.30 13.22
C PHE A 675 -22.72 0.04 14.70
N VAL A 676 -21.85 0.99 15.05
CA VAL A 676 -21.72 1.38 16.44
C VAL A 676 -22.86 2.30 16.91
N SER A 677 -23.74 2.65 15.99
CA SER A 677 -24.85 3.54 16.31
C SER A 677 -26.21 2.94 15.93
N PHE A 678 -26.20 1.71 15.43
CA PHE A 678 -27.44 1.06 14.99
C PHE A 678 -28.40 0.81 16.15
N LYS A 679 -29.67 1.16 15.92
CA LYS A 679 -30.72 1.01 16.92
C LYS A 679 -30.30 1.64 18.23
N ARG A 680 -29.75 2.85 18.13
CA ARG A 680 -29.17 3.55 19.27
C ARG A 680 -28.15 2.68 19.99
N SER A 681 -27.21 2.14 19.21
CA SER A 681 -26.04 1.43 19.71
C SER A 681 -26.37 0.10 20.38
N MET A 682 -27.57 -0.42 20.15
CA MET A 682 -27.98 -1.65 20.81
C MET A 682 -27.40 -2.89 20.13
N VAL A 683 -27.19 -2.82 18.82
CA VAL A 683 -26.54 -3.90 18.10
C VAL A 683 -25.14 -4.10 18.65
N LEU A 684 -24.42 -2.98 18.77
CA LEU A 684 -23.08 -2.95 19.31
C LEU A 684 -23.03 -3.44 20.74
N LYS A 685 -23.89 -2.88 21.58
CA LYS A 685 -23.94 -3.24 23.00
C LYS A 685 -24.24 -4.71 23.21
N LEU A 686 -25.18 -5.25 22.43
CA LEU A 686 -25.55 -6.65 22.54
C LEU A 686 -24.43 -7.56 22.03
N THR A 687 -23.77 -7.14 20.95
CA THR A 687 -22.63 -7.87 20.43
C THR A 687 -21.54 -8.00 21.50
N LEU A 688 -21.14 -6.85 22.04
CA LEU A 688 -20.14 -6.80 23.09
C LEU A 688 -20.55 -7.64 24.30
N ARG A 689 -21.81 -7.50 24.70
CA ARG A 689 -22.34 -8.26 25.84
C ARG A 689 -22.22 -9.76 25.62
N CYS A 690 -22.55 -10.19 24.40
CA CYS A 690 -22.47 -11.61 24.05
C CYS A 690 -21.03 -12.10 24.11
N LEU A 691 -20.13 -11.31 23.51
CA LEU A 691 -18.71 -11.64 23.54
C LEU A 691 -18.19 -11.77 24.98
N VAL A 692 -18.63 -10.86 25.84
CA VAL A 692 -18.24 -10.90 27.25
C VAL A 692 -18.78 -12.15 27.92
N ARG A 693 -20.03 -12.49 27.62
CA ARG A 693 -20.66 -13.70 28.15
C ARG A 693 -19.88 -14.94 27.75
N MET A 694 -19.33 -14.94 26.54
CA MET A 694 -18.49 -16.06 26.12
C MET A 694 -17.20 -16.13 26.94
N GLY A 695 -16.83 -15.01 27.57
CA GLY A 695 -15.61 -14.95 28.35
C GLY A 695 -14.48 -14.33 27.58
N TYR A 696 -14.81 -13.72 26.44
CA TYR A 696 -13.82 -13.08 25.58
C TYR A 696 -13.39 -11.72 26.10
N GLN A 697 -12.14 -11.38 25.84
CA GLN A 697 -11.70 -10.00 25.98
C GLN A 697 -12.12 -9.29 24.71
N CYS A 698 -12.70 -8.11 24.79
CA CYS A 698 -13.17 -7.47 23.55
C CYS A 698 -13.16 -5.95 23.58
N THR A 699 -13.23 -5.37 22.38
CA THR A 699 -13.28 -3.91 22.23
C THR A 699 -13.85 -3.55 20.86
N PHE A 700 -14.10 -2.25 20.67
CA PHE A 700 -14.55 -1.75 19.37
C PHE A 700 -13.86 -0.44 19.03
N GLY A 701 -13.94 -0.05 17.76
CA GLY A 701 -13.34 1.19 17.32
C GLY A 701 -13.73 1.56 15.90
N VAL A 702 -13.32 2.75 15.46
CA VAL A 702 -13.58 3.17 14.09
C VAL A 702 -12.28 3.52 13.39
N LEU A 703 -12.10 3.00 12.18
CA LEU A 703 -10.89 3.26 11.42
C LEU A 703 -11.18 3.90 10.07
N GLN A 704 -10.37 4.88 9.68
CA GLN A 704 -10.45 5.43 8.34
C GLN A 704 -9.42 4.74 7.46
N ALA A 705 -9.88 4.12 6.38
CA ALA A 705 -9.02 3.37 5.48
C ALA A 705 -7.95 4.25 4.85
N GLY A 706 -8.31 5.52 4.61
CA GLY A 706 -7.42 6.48 4.00
C GLY A 706 -6.15 6.71 4.81
N GLN A 707 -6.22 6.45 6.11
CA GLN A 707 -5.08 6.63 6.99
C GLN A 707 -4.11 5.46 6.91
N TYR A 708 -4.41 4.49 6.06
CA TYR A 708 -3.60 3.28 6.02
C TYR A 708 -3.14 2.89 4.62
N GLY A 709 -3.14 3.86 3.71
CA GLY A 709 -2.41 3.68 2.45
C GLY A 709 -3.21 3.61 1.16
N VAL A 710 -4.45 4.10 1.17
CA VAL A 710 -5.23 4.18 -0.05
C VAL A 710 -5.81 5.57 -0.20
N ALA A 711 -6.20 5.97 -1.41
CA ALA A 711 -6.97 7.19 -1.46
C ALA A 711 -8.42 6.80 -1.63
N GLN A 712 -9.13 6.88 -0.52
CA GLN A 712 -10.55 6.64 -0.45
C GLN A 712 -10.99 7.24 0.87
N THR A 713 -12.27 7.54 1.04
CA THR A 713 -12.77 7.80 2.38
C THR A 713 -13.70 6.66 2.74
N ARG A 714 -13.33 5.90 3.75
CA ARG A 714 -14.03 4.66 4.04
C ARG A 714 -13.88 4.29 5.52
N ARG A 715 -14.76 4.83 6.34
CA ARG A 715 -14.73 4.55 7.77
C ARG A 715 -15.39 3.20 8.06
N ARG A 716 -14.74 2.42 8.91
CA ARG A 716 -15.21 1.08 9.25
C ARG A 716 -15.30 0.91 10.76
N ALA A 717 -16.38 0.26 11.19
CA ALA A 717 -16.51 -0.17 12.58
C ALA A 717 -15.84 -1.52 12.75
N ILE A 718 -14.89 -1.58 13.68
CA ILE A 718 -14.11 -2.77 13.92
C ILE A 718 -14.36 -3.30 15.32
N ILE A 719 -14.77 -4.56 15.41
CA ILE A 719 -14.95 -5.22 16.70
C ILE A 719 -13.94 -6.34 16.87
N LEU A 720 -13.10 -6.20 17.89
CA LEU A 720 -12.02 -7.15 18.16
C LEU A 720 -12.29 -7.98 19.40
N ALA A 721 -11.88 -9.24 19.36
CA ALA A 721 -12.01 -10.11 20.52
C ALA A 721 -10.88 -11.14 20.59
N ALA A 722 -10.38 -11.39 21.79
CA ALA A 722 -9.34 -12.38 22.00
C ALA A 722 -9.68 -13.32 23.14
N ALA A 723 -9.21 -14.56 23.04
CA ALA A 723 -9.43 -15.58 24.04
C ALA A 723 -8.74 -15.21 25.35
N PRO A 724 -9.20 -15.78 26.49
CA PRO A 724 -8.64 -15.50 27.82
C PRO A 724 -7.12 -15.61 27.92
N GLY A 725 -6.54 -16.64 27.29
CA GLY A 725 -5.11 -16.86 27.36
C GLY A 725 -4.31 -15.93 26.47
N GLU A 726 -5.01 -15.06 25.74
CA GLU A 726 -4.38 -14.20 24.76
C GLU A 726 -4.19 -12.77 25.25
N LYS A 727 -3.61 -11.94 24.38
CA LYS A 727 -3.45 -10.51 24.61
C LYS A 727 -4.34 -9.77 23.63
N LEU A 728 -5.13 -8.83 24.12
CA LEU A 728 -6.09 -8.12 23.26
C LEU A 728 -5.38 -7.11 22.36
N PRO A 729 -5.57 -7.26 21.04
CA PRO A 729 -4.97 -6.38 20.03
C PRO A 729 -5.34 -4.91 20.18
N LEU A 730 -4.40 -4.03 19.87
CA LEU A 730 -4.71 -2.61 19.81
C LEU A 730 -5.24 -2.30 18.43
N PHE A 731 -5.65 -1.05 18.21
CA PHE A 731 -6.01 -0.60 16.88
C PHE A 731 -4.79 0.00 16.20
N PRO A 732 -4.68 -0.20 14.88
CA PRO A 732 -3.50 0.26 14.15
C PRO A 732 -3.32 1.77 14.20
N GLU A 733 -2.10 2.19 14.55
CA GLU A 733 -1.75 3.60 14.55
C GLU A 733 -1.65 4.07 13.09
N PRO A 734 -2.32 5.18 12.77
CA PRO A 734 -2.43 5.65 11.38
C PRO A 734 -1.08 5.88 10.69
N LEU A 735 -0.92 5.28 9.51
CA LEU A 735 0.29 5.42 8.72
C LEU A 735 0.32 6.71 7.89
N HIS A 736 -0.81 7.05 7.29
CA HIS A 736 -0.87 8.18 6.37
C HIS A 736 -1.72 9.32 6.91
N VAL A 737 -1.28 10.56 6.67
CA VAL A 737 -2.09 11.72 6.98
C VAL A 737 -3.29 11.71 6.05
N PHE A 738 -4.40 12.29 6.51
CA PHE A 738 -5.63 12.27 5.73
C PHE A 738 -6.54 13.43 6.13
N ALA A 739 -7.49 13.75 5.26
CA ALA A 739 -8.44 14.85 5.52
C ALA A 739 -9.18 14.63 6.84
N PRO A 740 -9.05 15.61 7.75
CA PRO A 740 -9.57 15.54 9.12
C PRO A 740 -11.07 15.24 9.18
N ARG A 741 -11.83 15.79 8.24
CA ARG A 741 -13.27 15.58 8.18
C ARG A 741 -13.63 14.11 8.02
N ALA A 742 -12.75 13.35 7.39
CA ALA A 742 -12.98 11.93 7.15
C ALA A 742 -12.37 11.08 8.25
N CYS A 743 -11.74 11.74 9.21
CA CYS A 743 -11.02 11.04 10.27
C CYS A 743 -11.64 11.27 11.63
N GLN A 744 -12.96 11.29 11.71
CA GLN A 744 -13.57 11.35 13.03
C GLN A 744 -13.84 9.92 13.46
N LEU A 745 -13.03 9.45 14.41
CA LEU A 745 -13.06 8.05 14.81
C LEU A 745 -13.83 7.72 16.09
N SER A 746 -14.33 8.75 16.76
CA SER A 746 -14.88 8.54 18.09
C SER A 746 -16.33 8.08 18.00
N VAL A 747 -16.80 7.45 19.08
CA VAL A 747 -18.12 6.87 19.10
C VAL A 747 -18.86 7.33 20.34
N VAL A 748 -20.09 7.80 20.18
CA VAL A 748 -20.91 8.14 21.33
C VAL A 748 -21.89 7.01 21.64
N VAL A 749 -21.79 6.44 22.84
CA VAL A 749 -22.73 5.43 23.29
C VAL A 749 -23.33 5.81 24.64
N ASP A 750 -24.66 5.91 24.70
CA ASP A 750 -25.40 6.34 25.90
C ASP A 750 -24.73 7.52 26.64
N ASP A 751 -24.46 8.58 25.89
CA ASP A 751 -23.88 9.83 26.39
C ASP A 751 -22.47 9.68 26.98
N LYS A 752 -21.76 8.64 26.55
CA LYS A 752 -20.33 8.49 26.87
C LYS A 752 -19.55 8.49 25.56
N LYS A 753 -18.46 9.25 25.52
CA LYS A 753 -17.60 9.24 24.33
C LYS A 753 -16.50 8.22 24.49
N PHE A 754 -16.39 7.36 23.50
CA PHE A 754 -15.40 6.30 23.47
C PHE A 754 -14.46 6.50 22.30
N VAL A 755 -13.17 6.49 22.59
CA VAL A 755 -12.14 6.57 21.56
C VAL A 755 -11.39 5.25 21.53
N SER A 756 -10.52 5.08 20.54
CA SER A 756 -9.65 3.91 20.52
C SER A 756 -8.29 4.30 21.06
N ASN A 757 -7.38 3.34 21.12
CA ASN A 757 -6.05 3.57 21.67
C ASN A 757 -5.18 4.47 20.78
N ILE A 758 -5.67 4.78 19.59
CA ILE A 758 -4.89 5.54 18.62
C ILE A 758 -4.42 6.88 19.20
N THR A 759 -3.11 7.07 19.22
CA THR A 759 -2.51 8.30 19.72
C THR A 759 -2.23 9.33 18.64
N ARG A 760 -2.38 8.95 17.39
CA ARG A 760 -2.10 9.87 16.29
C ARG A 760 -3.40 10.50 15.81
N LEU A 761 -3.53 11.81 16.06
CA LEU A 761 -4.73 12.54 15.72
C LEU A 761 -4.46 13.47 14.54
N SER A 762 -3.58 14.43 14.77
CA SER A 762 -3.33 15.48 13.80
C SER A 762 -2.28 15.14 12.74
N SER A 763 -1.53 14.05 12.92
CA SER A 763 -0.44 13.78 11.98
C SER A 763 -0.17 12.31 11.71
N GLY A 764 0.86 12.05 10.90
CA GLY A 764 1.25 10.70 10.53
C GLY A 764 2.59 10.68 9.81
N PRO A 765 3.23 9.50 9.77
CA PRO A 765 4.54 9.30 9.15
C PRO A 765 4.57 9.56 7.65
N PHE A 766 3.54 9.13 6.94
CA PHE A 766 3.55 9.14 5.47
C PHE A 766 2.58 10.14 4.86
N ARG A 767 2.93 10.64 3.68
CA ARG A 767 2.07 11.56 2.96
C ARG A 767 0.79 10.84 2.52
N THR A 768 -0.28 11.60 2.31
CA THR A 768 -1.54 11.01 1.91
C THR A 768 -1.41 10.43 0.50
N ILE A 769 -2.12 9.34 0.25
CA ILE A 769 -2.16 8.74 -1.08
C ILE A 769 -3.24 9.45 -1.88
N THR A 770 -2.98 9.68 -3.17
CA THR A 770 -3.92 10.42 -4.01
C THR A 770 -4.42 9.58 -5.18
N VAL A 771 -5.35 10.17 -5.94
CA VAL A 771 -5.87 9.55 -7.15
C VAL A 771 -4.76 9.40 -8.18
N ARG A 772 -3.90 10.40 -8.25
CA ARG A 772 -2.73 10.37 -9.13
C ARG A 772 -1.84 9.17 -8.79
N ASP A 773 -1.57 9.00 -7.49
CA ASP A 773 -0.79 7.86 -7.02
C ASP A 773 -1.48 6.56 -7.41
N THR A 774 -2.79 6.60 -7.47
CA THR A 774 -3.63 5.41 -7.60
C THR A 774 -3.75 4.89 -9.03
N MET A 775 -3.94 5.79 -10.00
CA MET A 775 -4.26 5.33 -11.35
C MET A 775 -3.71 6.18 -12.49
N SER A 776 -2.60 6.86 -12.27
CA SER A 776 -2.03 7.70 -13.32
C SER A 776 -1.28 6.88 -14.36
N ASP A 777 -0.95 5.64 -14.01
CA ASP A 777 -0.15 4.78 -14.88
C ASP A 777 -0.99 3.97 -15.84
N LEU A 778 -2.30 3.97 -15.63
CA LEU A 778 -3.20 3.14 -16.42
C LEU A 778 -3.47 3.75 -17.80
N PRO A 779 -3.44 2.90 -18.83
CA PRO A 779 -3.68 3.30 -20.22
C PRO A 779 -5.03 3.97 -20.40
N GLU A 780 -5.10 4.96 -21.29
CA GLU A 780 -6.35 5.66 -21.54
C GLU A 780 -7.34 4.74 -22.24
N VAL A 781 -8.52 4.60 -21.64
CA VAL A 781 -9.59 3.81 -22.25
C VAL A 781 -10.82 4.68 -22.42
N ARG A 782 -11.88 4.08 -22.95
CA ARG A 782 -13.05 4.82 -23.37
C ARG A 782 -14.32 4.25 -22.77
N ASN A 783 -15.40 5.02 -22.86
CA ASN A 783 -16.67 4.61 -22.28
C ASN A 783 -17.12 3.25 -22.78
N GLY A 784 -17.38 2.34 -21.86
CA GLY A 784 -17.76 0.98 -22.19
C GLY A 784 -16.62 0.13 -22.72
N ALA A 785 -15.43 0.28 -22.15
CA ALA A 785 -14.29 -0.52 -22.59
C ALA A 785 -14.48 -1.96 -22.17
N SER A 786 -14.47 -2.86 -23.16
CA SER A 786 -14.73 -4.28 -22.90
C SER A 786 -13.49 -5.17 -22.79
N ALA A 787 -12.30 -4.62 -23.01
CA ALA A 787 -11.13 -5.47 -23.17
C ALA A 787 -10.60 -5.97 -21.83
N LEU A 788 -10.61 -7.29 -21.67
CA LEU A 788 -10.20 -7.92 -20.42
C LEU A 788 -8.69 -8.03 -20.27
N GLU A 789 -7.99 -8.17 -21.39
CA GLU A 789 -6.53 -8.28 -21.36
C GLU A 789 -5.88 -7.25 -22.28
N ILE A 790 -5.16 -6.30 -21.68
CA ILE A 790 -4.47 -5.27 -22.43
C ILE A 790 -3.07 -5.04 -21.86
N SER A 791 -2.26 -4.30 -22.60
CA SER A 791 -0.92 -3.96 -22.15
C SER A 791 -0.95 -2.77 -21.21
N TYR A 792 -0.08 -2.79 -20.20
CA TYR A 792 0.10 -1.64 -19.31
C TYR A 792 0.62 -0.44 -20.09
N ASN A 793 1.40 -0.72 -21.13
CA ASN A 793 1.95 0.30 -22.01
C ASN A 793 2.80 1.33 -21.28
N GLY A 794 3.44 0.93 -20.18
CA GLY A 794 4.30 1.84 -19.45
C GLY A 794 4.82 1.34 -18.12
N GLU A 795 5.65 2.15 -17.49
CA GLU A 795 6.22 1.87 -16.17
C GLU A 795 5.30 2.37 -15.07
N PRO A 796 5.40 1.78 -13.87
CA PRO A 796 4.72 2.35 -12.71
C PRO A 796 5.27 3.74 -12.40
N GLN A 797 4.40 4.72 -12.23
CA GLN A 797 4.84 6.11 -12.02
C GLN A 797 4.92 6.52 -10.55
N SER A 798 4.51 5.64 -9.65
CA SER A 798 4.44 6.00 -8.24
C SER A 798 4.77 4.84 -7.31
N TRP A 799 5.03 5.18 -6.05
CA TRP A 799 5.29 4.17 -5.02
C TRP A 799 4.12 3.20 -4.92
N PHE A 800 2.92 3.77 -4.82
CA PHE A 800 1.68 3.00 -4.72
C PHE A 800 1.53 2.01 -5.88
N GLN A 801 1.66 2.51 -7.10
CA GLN A 801 1.59 1.69 -8.30
C GLN A 801 2.66 0.61 -8.29
N ARG A 802 3.85 0.97 -7.81
CA ARG A 802 4.95 0.03 -7.70
C ARG A 802 4.60 -1.11 -6.74
N GLN A 803 3.90 -0.77 -5.66
CA GLN A 803 3.49 -1.77 -4.67
C GLN A 803 2.43 -2.70 -5.24
N LEU A 804 1.47 -2.12 -5.96
CA LEU A 804 0.33 -2.89 -6.43
C LEU A 804 0.61 -3.64 -7.74
N ARG A 805 1.71 -3.31 -8.41
CA ARG A 805 2.08 -3.98 -9.65
C ARG A 805 3.22 -4.97 -9.47
N GLY A 806 4.04 -4.73 -8.44
CA GLY A 806 5.17 -5.60 -8.18
C GLY A 806 6.38 -5.24 -9.02
N ALA A 807 7.52 -5.84 -8.69
CA ALA A 807 8.78 -5.57 -9.38
C ALA A 807 8.89 -6.29 -10.72
N GLN A 808 8.21 -7.42 -10.84
CA GLN A 808 8.30 -8.26 -12.03
C GLN A 808 7.45 -7.72 -13.18
N TYR A 809 7.93 -7.90 -14.41
CA TYR A 809 7.23 -7.46 -15.61
C TYR A 809 5.85 -8.10 -15.72
N GLN A 810 4.88 -7.30 -16.15
CA GLN A 810 3.49 -7.75 -16.29
C GLN A 810 2.94 -7.44 -17.67
N PRO A 811 3.04 -8.41 -18.59
CA PRO A 811 2.57 -8.25 -19.98
C PRO A 811 1.09 -7.93 -20.07
N ILE A 812 0.30 -8.37 -19.11
CA ILE A 812 -1.16 -8.21 -19.17
C ILE A 812 -1.74 -7.47 -17.96
N LEU A 813 -2.46 -6.39 -18.25
CA LEU A 813 -3.26 -5.70 -17.25
C LEU A 813 -4.70 -6.16 -17.38
N ARG A 814 -5.31 -6.56 -16.27
CA ARG A 814 -6.62 -7.18 -16.34
C ARG A 814 -7.72 -6.28 -15.78
N ASP A 815 -8.90 -6.43 -16.35
CA ASP A 815 -10.11 -5.79 -15.86
C ASP A 815 -9.98 -4.27 -15.81
N HIS A 816 -9.32 -3.68 -16.80
CA HIS A 816 -9.46 -2.25 -16.96
C HIS A 816 -10.59 -2.17 -17.96
N ILE A 817 -11.76 -1.83 -17.46
CA ILE A 817 -13.01 -1.89 -18.22
C ILE A 817 -14.01 -0.92 -17.62
N CYS A 818 -14.86 -0.35 -18.45
CA CYS A 818 -15.83 0.62 -17.93
C CYS A 818 -17.24 0.25 -18.35
N LYS A 819 -18.21 0.69 -17.57
CA LYS A 819 -19.62 0.50 -17.91
C LYS A 819 -19.91 1.23 -19.20
N ASP A 820 -20.90 0.76 -19.95
CA ASP A 820 -21.26 1.46 -21.17
C ASP A 820 -22.48 2.30 -20.86
N MET A 821 -22.26 3.61 -20.79
CA MET A 821 -23.29 4.57 -20.47
C MET A 821 -24.05 4.97 -21.72
N SER A 822 -25.34 5.24 -21.56
CA SER A 822 -26.16 5.72 -22.68
C SER A 822 -25.56 6.96 -23.32
N ALA A 823 -25.96 7.24 -24.56
CA ALA A 823 -25.44 8.38 -25.32
C ALA A 823 -25.62 9.69 -24.55
N LEU A 824 -26.75 9.80 -23.86
CA LEU A 824 -27.04 10.98 -23.06
C LEU A 824 -26.01 11.15 -21.95
N VAL A 825 -25.83 10.10 -21.15
CA VAL A 825 -24.89 10.13 -20.03
C VAL A 825 -23.47 10.36 -20.53
N ALA A 826 -23.14 9.76 -21.67
CA ALA A 826 -21.81 9.95 -22.25
C ALA A 826 -21.58 11.40 -22.65
N ALA A 827 -22.60 12.00 -23.27
CA ALA A 827 -22.54 13.40 -23.66
C ALA A 827 -22.36 14.31 -22.45
N ARG A 828 -23.18 14.08 -21.42
CA ARG A 828 -23.07 14.81 -20.16
C ARG A 828 -21.65 14.71 -19.61
N MET A 829 -21.15 13.47 -19.54
CA MET A 829 -19.81 13.22 -19.01
C MET A 829 -18.75 13.98 -19.78
N ARG A 830 -18.85 13.98 -21.10
CA ARG A 830 -17.84 14.65 -21.91
C ARG A 830 -18.04 16.17 -21.87
N HIS A 831 -19.17 16.61 -21.33
CA HIS A 831 -19.39 18.05 -21.15
C HIS A 831 -19.09 18.54 -19.73
N ILE A 832 -18.58 17.65 -18.89
CA ILE A 832 -18.11 18.05 -17.56
C ILE A 832 -16.68 18.56 -17.66
N PRO A 833 -16.43 19.79 -17.19
CA PRO A 833 -15.11 20.41 -17.27
C PRO A 833 -14.04 19.65 -16.49
N LEU A 834 -12.77 19.86 -16.85
CA LEU A 834 -11.67 19.11 -16.21
C LEU A 834 -11.20 19.76 -14.92
N ALA A 835 -11.64 20.99 -14.67
CA ALA A 835 -11.22 21.73 -13.48
C ALA A 835 -11.71 21.05 -12.21
N PRO A 836 -10.84 20.97 -11.19
CA PRO A 836 -11.20 20.37 -9.90
C PRO A 836 -12.44 21.00 -9.28
N GLY A 837 -13.37 20.17 -8.81
CA GLY A 837 -14.60 20.66 -8.23
C GLY A 837 -15.76 20.65 -9.22
N SER A 838 -15.54 20.00 -10.37
CA SER A 838 -16.53 20.00 -11.44
C SER A 838 -17.53 18.87 -11.29
N ASP A 839 -18.82 19.21 -11.36
CA ASP A 839 -19.87 18.21 -11.42
C ASP A 839 -20.98 18.67 -12.37
N TRP A 840 -22.20 18.21 -12.13
CA TRP A 840 -23.33 18.50 -13.00
C TRP A 840 -23.69 19.97 -13.02
N ARG A 841 -23.28 20.70 -11.99
CA ARG A 841 -23.62 22.12 -11.87
C ARG A 841 -22.82 22.98 -12.84
N ASP A 842 -21.83 22.37 -13.50
CA ASP A 842 -21.03 23.08 -14.49
C ASP A 842 -21.53 22.76 -15.90
N LEU A 843 -22.58 21.96 -16.00
CA LEU A 843 -23.13 21.58 -17.29
C LEU A 843 -23.76 22.76 -18.01
N PRO A 844 -23.37 22.97 -19.27
CA PRO A 844 -24.01 24.00 -20.09
C PRO A 844 -25.40 23.54 -20.50
N ASN A 845 -26.35 24.48 -20.58
CA ASN A 845 -27.67 24.10 -21.07
C ASN A 845 -27.70 24.38 -22.56
N ILE A 846 -27.71 23.30 -23.34
CA ILE A 846 -27.54 23.39 -24.79
C ILE A 846 -28.19 22.22 -25.50
N GLU A 847 -28.45 22.40 -26.79
CA GLU A 847 -28.93 21.33 -27.63
C GLU A 847 -27.73 20.48 -28.07
N VAL A 848 -27.85 19.16 -27.91
CA VAL A 848 -26.76 18.26 -28.24
C VAL A 848 -27.24 17.13 -29.15
N ARG A 849 -26.39 16.75 -30.11
CA ARG A 849 -26.69 15.62 -30.98
C ARG A 849 -26.08 14.36 -30.37
N LEU A 850 -26.95 13.46 -29.93
CA LEU A 850 -26.50 12.23 -29.26
C LEU A 850 -25.97 11.21 -30.25
N SER A 851 -25.14 10.31 -29.75
CA SER A 851 -24.48 9.29 -30.57
C SER A 851 -25.48 8.41 -31.32
N ASP A 852 -26.66 8.21 -30.74
CA ASP A 852 -27.66 7.36 -31.35
C ASP A 852 -28.55 8.14 -32.33
N GLY A 853 -28.29 9.43 -32.47
CA GLY A 853 -29.03 10.26 -33.38
C GLY A 853 -30.10 11.09 -32.70
N THR A 854 -30.32 10.82 -31.42
CA THR A 854 -31.31 11.56 -30.64
C THR A 854 -30.85 12.99 -30.42
N MET A 855 -31.79 13.88 -30.14
CA MET A 855 -31.46 15.26 -29.84
C MET A 855 -31.72 15.56 -28.37
N ALA A 856 -30.73 16.14 -27.70
CA ALA A 856 -30.89 16.54 -26.31
C ALA A 856 -31.34 17.99 -26.22
N ARG A 857 -32.57 18.21 -25.79
CA ARG A 857 -33.13 19.55 -25.72
C ARG A 857 -32.66 20.32 -24.49
N LYS A 858 -32.66 21.63 -24.59
CA LYS A 858 -32.32 22.50 -23.46
C LYS A 858 -33.33 22.32 -22.34
N LEU A 859 -32.86 22.41 -21.10
CA LEU A 859 -33.76 22.38 -19.97
C LEU A 859 -34.51 23.70 -19.90
N ARG A 860 -35.84 23.62 -19.88
CA ARG A 860 -36.67 24.81 -19.76
C ARG A 860 -36.99 25.08 -18.30
N TYR A 861 -36.99 26.36 -17.92
CA TYR A 861 -37.37 26.72 -16.56
C TYR A 861 -38.77 27.31 -16.55
N THR A 862 -39.71 26.54 -16.03
CA THR A 862 -41.12 26.87 -16.10
C THR A 862 -41.70 27.52 -14.84
N HIS A 863 -40.89 27.68 -13.80
CA HIS A 863 -41.40 28.18 -12.53
C HIS A 863 -40.42 29.11 -11.81
N HIS A 864 -40.97 30.00 -10.99
CA HIS A 864 -40.15 30.90 -10.17
C HIS A 864 -39.80 30.23 -8.85
N ASP A 865 -38.51 30.10 -8.58
CA ASP A 865 -38.08 29.46 -7.35
C ASP A 865 -37.93 30.47 -6.22
N ARG A 866 -38.73 30.28 -5.18
CA ARG A 866 -38.73 31.14 -4.00
C ARG A 866 -37.36 31.28 -3.36
N LYS A 867 -36.84 30.17 -2.85
CA LYS A 867 -35.58 30.15 -2.13
C LYS A 867 -34.41 30.65 -2.95
N ASN A 868 -34.30 30.15 -4.18
CA ASN A 868 -33.13 30.41 -5.02
C ASN A 868 -33.25 31.65 -5.91
N GLY A 869 -34.43 32.25 -5.93
CA GLY A 869 -34.63 33.51 -6.61
C GLY A 869 -34.54 33.50 -8.12
N ARG A 870 -33.82 34.47 -8.66
CA ARG A 870 -33.81 34.71 -10.11
C ARG A 870 -32.39 34.97 -10.62
N SER A 871 -32.14 34.59 -11.86
CA SER A 871 -30.84 34.80 -12.49
C SER A 871 -30.58 36.29 -12.73
N SER A 872 -29.32 36.65 -12.91
CA SER A 872 -28.96 38.01 -13.27
C SER A 872 -29.74 38.48 -14.50
N SER A 873 -29.95 37.57 -15.44
CA SER A 873 -30.74 37.86 -16.63
C SER A 873 -32.20 38.04 -16.27
N GLY A 874 -32.61 37.48 -15.13
CA GLY A 874 -33.99 37.54 -14.70
C GLY A 874 -34.76 36.28 -15.06
N ALA A 875 -34.04 35.23 -15.40
CA ALA A 875 -34.65 33.96 -15.78
C ALA A 875 -35.13 33.17 -14.56
N LEU A 876 -36.16 32.36 -14.77
CA LEU A 876 -36.74 31.52 -13.72
C LEU A 876 -35.81 30.36 -13.39
N ARG A 877 -35.67 30.04 -12.11
CA ARG A 877 -34.87 28.87 -11.72
C ARG A 877 -35.63 27.58 -11.38
N GLY A 878 -36.96 27.61 -11.37
CA GLY A 878 -37.71 26.39 -11.09
C GLY A 878 -37.99 25.50 -12.29
N VAL A 879 -37.92 24.18 -12.09
CA VAL A 879 -38.37 23.23 -13.11
C VAL A 879 -39.75 22.64 -12.86
N CYS A 880 -40.38 22.98 -11.74
CA CYS A 880 -41.64 22.35 -11.35
C CYS A 880 -42.43 23.19 -10.35
N SER A 881 -43.71 22.86 -10.20
CA SER A 881 -44.60 23.60 -9.30
C SER A 881 -44.23 23.40 -7.84
N CYS A 882 -43.60 22.27 -7.55
CA CYS A 882 -43.31 21.86 -6.18
C CYS A 882 -42.33 22.79 -5.45
N VAL A 883 -41.79 23.78 -6.17
CA VAL A 883 -40.93 24.77 -5.54
C VAL A 883 -41.76 25.72 -4.68
N GLU A 884 -43.05 25.80 -4.98
CA GLU A 884 -43.95 26.70 -4.25
C GLU A 884 -44.51 26.01 -3.00
N ALA A 885 -43.87 24.91 -2.60
CA ALA A 885 -44.30 24.10 -1.45
C ALA A 885 -45.72 23.57 -1.60
N GLY A 886 -46.36 23.85 -2.73
CA GLY A 886 -47.75 23.52 -2.95
C GLY A 886 -47.96 22.03 -2.95
N LYS A 887 -46.86 21.29 -3.15
CA LYS A 887 -46.87 19.83 -3.12
C LYS A 887 -47.88 19.30 -4.12
N ALA A 888 -47.57 19.55 -5.39
CA ALA A 888 -48.42 19.23 -6.54
C ALA A 888 -47.69 18.28 -7.47
N CYS A 889 -46.56 18.78 -7.99
CA CYS A 889 -45.77 18.11 -9.02
C CYS A 889 -46.57 17.89 -10.30
N ASP A 890 -46.84 18.99 -11.00
CA ASP A 890 -47.38 18.96 -12.36
C ASP A 890 -46.63 17.92 -13.19
N PRO A 891 -47.25 16.75 -13.41
CA PRO A 891 -46.63 15.62 -14.11
C PRO A 891 -46.36 15.95 -15.58
N ALA A 892 -47.05 16.97 -16.07
CA ALA A 892 -46.86 17.46 -17.43
C ALA A 892 -45.62 18.34 -17.52
N ALA A 893 -45.08 18.73 -16.37
CA ALA A 893 -43.94 19.64 -16.31
C ALA A 893 -42.62 18.89 -16.19
N ARG A 894 -42.69 17.56 -16.10
CA ARG A 894 -41.47 16.74 -16.06
C ARG A 894 -40.78 16.79 -17.42
N GLN A 895 -39.47 16.94 -17.40
CA GLN A 895 -38.71 17.05 -18.65
C GLN A 895 -37.76 15.87 -18.84
N PHE A 896 -37.63 15.42 -20.09
CA PHE A 896 -36.81 14.26 -20.42
C PHE A 896 -35.74 14.60 -21.44
N ASN A 897 -34.70 13.76 -21.49
CA ASN A 897 -33.60 13.89 -22.46
C ASN A 897 -32.97 15.28 -22.51
N THR A 898 -32.64 15.81 -21.35
CA THR A 898 -31.93 17.08 -21.26
C THR A 898 -30.48 16.84 -20.84
N LEU A 899 -29.56 17.66 -21.35
CA LEU A 899 -28.17 17.55 -20.95
C LEU A 899 -28.05 17.78 -19.44
N ILE A 900 -28.67 18.85 -18.97
CA ILE A 900 -28.81 19.06 -17.54
C ILE A 900 -30.01 18.28 -17.04
N PRO A 901 -29.77 17.25 -16.22
CA PRO A 901 -30.83 16.35 -15.75
C PRO A 901 -31.89 17.08 -14.97
N TRP A 902 -33.15 17.00 -15.40
CA TRP A 902 -34.27 17.68 -14.76
C TRP A 902 -34.41 17.33 -13.27
N CYS A 903 -34.18 16.07 -12.97
CA CYS A 903 -34.37 15.54 -11.62
C CYS A 903 -33.45 16.17 -10.58
N LEU A 904 -32.37 16.80 -11.04
CA LEU A 904 -31.41 17.38 -10.10
C LEU A 904 -31.80 18.78 -9.65
N PRO A 905 -32.18 19.69 -10.58
CA PRO A 905 -32.77 20.91 -10.05
C PRO A 905 -34.14 20.67 -9.45
N HIS A 906 -34.81 19.60 -9.83
CA HIS A 906 -36.12 19.28 -9.26
C HIS A 906 -36.06 19.13 -7.75
N THR A 907 -35.14 18.29 -7.27
CA THR A 907 -35.04 18.00 -5.85
C THR A 907 -33.77 18.57 -5.23
N GLY A 908 -33.16 19.53 -5.92
CA GLY A 908 -31.88 20.08 -5.52
C GLY A 908 -31.84 20.70 -4.14
N ASN A 909 -32.77 21.62 -3.88
CA ASN A 909 -32.79 22.37 -2.63
C ASN A 909 -32.82 21.50 -1.37
N ARG A 910 -33.39 20.30 -1.50
CA ARG A 910 -33.54 19.41 -0.36
C ARG A 910 -32.35 18.48 -0.16
N HIS A 911 -31.52 18.32 -1.19
CA HIS A 911 -30.41 17.38 -1.11
C HIS A 911 -29.05 18.04 -1.31
N ASN A 912 -28.88 19.20 -0.67
CA ASN A 912 -27.64 19.96 -0.74
C ASN A 912 -27.16 20.19 -2.17
N HIS A 913 -28.12 20.48 -3.06
CA HIS A 913 -27.84 20.78 -4.47
C HIS A 913 -27.15 19.64 -5.21
N TRP A 914 -27.25 18.42 -4.67
CA TRP A 914 -26.66 17.23 -5.28
C TRP A 914 -25.19 17.42 -5.62
N ALA A 915 -24.42 17.93 -4.66
CA ALA A 915 -23.00 18.15 -4.87
C ALA A 915 -22.26 16.86 -5.15
N GLY A 916 -21.49 16.85 -6.23
CA GLY A 916 -20.65 15.71 -6.56
C GLY A 916 -21.19 14.81 -7.65
N LEU A 917 -22.50 14.87 -7.89
CA LEU A 917 -23.12 14.04 -8.90
C LEU A 917 -22.67 14.46 -10.31
N TYR A 918 -22.34 13.47 -11.13
CA TYR A 918 -21.67 13.68 -12.41
C TYR A 918 -20.36 14.44 -12.19
N GLY A 919 -19.75 14.22 -11.03
CA GLY A 919 -18.52 14.91 -10.69
C GLY A 919 -17.28 14.13 -11.06
N ARG A 920 -16.17 14.83 -11.26
CA ARG A 920 -14.90 14.21 -11.61
C ARG A 920 -14.00 14.09 -10.40
N LEU A 921 -13.24 13.00 -10.35
CA LEU A 921 -12.20 12.84 -9.34
C LEU A 921 -11.09 13.84 -9.60
N GLU A 922 -10.39 14.24 -8.54
CA GLU A 922 -9.27 15.15 -8.67
C GLU A 922 -7.98 14.38 -8.52
N TRP A 923 -6.99 14.67 -9.36
CA TRP A 923 -5.70 13.97 -9.30
C TRP A 923 -5.08 14.10 -7.92
N ASP A 924 -5.30 15.25 -7.28
CA ASP A 924 -4.74 15.52 -5.96
C ASP A 924 -5.68 15.06 -4.84
N GLY A 925 -6.89 14.66 -5.21
CA GLY A 925 -7.90 14.30 -4.22
C GLY A 925 -7.95 12.82 -3.91
N PHE A 926 -9.12 12.38 -3.45
CA PHE A 926 -9.32 10.97 -3.15
C PHE A 926 -10.72 10.51 -3.53
N PHE A 927 -10.90 9.20 -3.62
CA PHE A 927 -12.20 8.62 -3.91
C PHE A 927 -13.17 8.85 -2.77
N SER A 928 -14.40 9.19 -3.10
CA SER A 928 -15.51 9.01 -2.16
C SER A 928 -15.64 7.49 -2.05
N THR A 929 -16.29 7.01 -0.99
CA THR A 929 -16.23 5.58 -0.66
C THR A 929 -16.56 4.74 -1.87
N THR A 930 -15.69 3.77 -2.15
CA THR A 930 -15.79 2.99 -3.37
C THR A 930 -17.04 2.13 -3.30
N VAL A 931 -17.91 2.29 -4.28
CA VAL A 931 -19.21 1.66 -4.22
C VAL A 931 -19.22 0.42 -5.11
N THR A 932 -20.32 -0.33 -5.07
CA THR A 932 -20.44 -1.57 -5.82
C THR A 932 -20.79 -1.35 -7.28
N ASN A 933 -21.51 -0.27 -7.55
CA ASN A 933 -21.97 0.04 -8.90
C ASN A 933 -21.88 1.53 -9.20
N PRO A 934 -20.71 2.02 -9.64
CA PRO A 934 -20.66 3.47 -9.76
C PRO A 934 -21.66 4.03 -10.78
N GLU A 935 -22.50 4.94 -10.27
CA GLU A 935 -23.46 5.71 -11.05
C GLU A 935 -23.22 7.22 -10.90
N PRO A 936 -22.93 7.91 -12.01
CA PRO A 936 -22.76 9.37 -11.95
C PRO A 936 -23.87 10.08 -11.18
N MET A 937 -25.11 9.60 -11.26
CA MET A 937 -26.23 10.19 -10.51
C MET A 937 -26.51 9.49 -9.18
N GLY A 938 -25.69 8.51 -8.82
CA GLY A 938 -25.82 7.84 -7.54
C GLY A 938 -25.51 8.74 -6.36
N LYS A 939 -25.66 8.21 -5.14
CA LYS A 939 -25.44 8.97 -3.92
C LYS A 939 -23.95 9.27 -3.69
N GLN A 940 -23.12 8.33 -4.11
CA GLN A 940 -21.66 8.38 -4.00
C GLN A 940 -21.07 9.05 -5.23
N GLY A 941 -21.94 9.64 -6.04
CA GLY A 941 -21.84 9.72 -7.47
C GLY A 941 -20.73 10.51 -8.12
N ARG A 942 -19.71 10.94 -7.38
CA ARG A 942 -18.61 11.50 -8.16
C ARG A 942 -17.75 10.29 -8.45
N VAL A 943 -18.00 9.73 -9.63
CA VAL A 943 -17.26 8.62 -10.21
C VAL A 943 -16.37 8.90 -11.43
N LEU A 944 -16.39 10.13 -11.93
CA LEU A 944 -15.85 10.35 -13.28
C LEU A 944 -14.33 10.39 -13.26
N HIS A 945 -13.73 10.03 -14.39
CA HIS A 945 -12.29 10.10 -14.54
C HIS A 945 -11.85 11.57 -14.58
N PRO A 946 -10.73 11.88 -13.92
CA PRO A 946 -10.21 13.25 -13.85
C PRO A 946 -10.01 13.92 -15.21
N GLU A 947 -9.80 13.14 -16.26
CA GLU A 947 -9.59 13.68 -17.60
C GLU A 947 -10.50 13.05 -18.65
N GLN A 948 -10.33 11.74 -18.86
CA GLN A 948 -11.09 11.02 -19.88
C GLN A 948 -12.57 11.04 -19.56
N HIS A 949 -13.42 10.87 -20.57
CA HIS A 949 -14.85 10.90 -20.29
C HIS A 949 -15.38 9.48 -20.22
N ARG A 950 -15.67 9.07 -18.99
CA ARG A 950 -16.13 7.73 -18.66
C ARG A 950 -16.22 7.63 -17.14
N VAL A 951 -16.92 6.61 -16.64
CA VAL A 951 -16.86 6.28 -15.23
C VAL A 951 -15.55 5.54 -14.98
N VAL A 952 -15.08 5.54 -13.73
CA VAL A 952 -13.86 4.83 -13.38
C VAL A 952 -13.97 3.34 -13.68
N SER A 953 -12.85 2.74 -14.07
CA SER A 953 -12.84 1.34 -14.43
C SER A 953 -12.83 0.44 -13.20
N VAL A 954 -13.04 -0.85 -13.41
CA VAL A 954 -12.99 -1.83 -12.34
C VAL A 954 -11.59 -1.86 -11.73
N ARG A 955 -10.60 -1.83 -12.61
CA ARG A 955 -9.20 -1.80 -12.20
C ARG A 955 -8.91 -0.59 -11.32
N GLU A 956 -9.50 0.55 -11.68
CA GLU A 956 -9.27 1.79 -10.94
C GLU A 956 -9.91 1.74 -9.55
N CYS A 957 -11.10 1.17 -9.46
CA CYS A 957 -11.77 0.99 -8.18
C CYS A 957 -10.98 0.03 -7.30
N ALA A 958 -10.50 -1.05 -7.90
CA ALA A 958 -9.68 -2.02 -7.19
C ALA A 958 -8.40 -1.37 -6.68
N ARG A 959 -7.87 -0.46 -7.48
CA ARG A 959 -6.69 0.31 -7.10
C ARG A 959 -7.02 1.22 -5.93
N SER A 960 -8.22 1.78 -5.92
CA SER A 960 -8.67 2.64 -4.84
C SER A 960 -8.93 1.83 -3.56
N GLN A 961 -9.04 0.52 -3.71
CA GLN A 961 -9.28 -0.37 -2.58
C GLN A 961 -7.99 -1.00 -2.08
N GLY A 962 -6.88 -0.73 -2.77
CA GLY A 962 -5.59 -1.26 -2.37
C GLY A 962 -5.39 -2.70 -2.80
N PHE A 963 -6.16 -3.13 -3.79
CA PHE A 963 -6.02 -4.46 -4.35
C PHE A 963 -4.80 -4.56 -5.25
N PRO A 964 -3.98 -5.61 -5.04
CA PRO A 964 -2.92 -5.92 -6.01
C PRO A 964 -3.51 -6.16 -7.39
N ASP A 965 -2.81 -5.73 -8.43
CA ASP A 965 -3.32 -5.86 -9.79
C ASP A 965 -3.46 -7.31 -10.21
N THR A 966 -2.74 -8.19 -9.52
CA THR A 966 -2.80 -9.63 -9.82
C THR A 966 -3.94 -10.30 -9.07
N TYR A 967 -4.67 -9.54 -8.26
CA TYR A 967 -5.81 -10.10 -7.55
C TYR A 967 -6.95 -10.36 -8.52
N ARG A 968 -7.44 -11.60 -8.52
CA ARG A 968 -8.42 -12.02 -9.52
C ARG A 968 -9.86 -11.77 -9.11
N LEU A 969 -10.66 -11.31 -10.07
CA LEU A 969 -12.09 -11.13 -9.89
C LEU A 969 -12.83 -12.11 -10.80
N PHE A 970 -14.16 -12.09 -10.76
CA PHE A 970 -14.93 -13.06 -11.51
C PHE A 970 -16.30 -12.51 -11.95
N GLY A 971 -16.78 -13.00 -13.10
CA GLY A 971 -18.11 -12.65 -13.56
C GLY A 971 -18.10 -11.50 -14.55
N ASN A 972 -19.28 -10.94 -14.79
CA ASN A 972 -19.39 -9.79 -15.66
C ASN A 972 -18.91 -8.53 -14.95
N ILE A 973 -18.96 -7.40 -15.65
CA ILE A 973 -18.36 -6.17 -15.14
C ILE A 973 -19.01 -5.68 -13.84
N LEU A 974 -20.33 -5.80 -13.75
CA LEU A 974 -21.04 -5.38 -12.55
C LEU A 974 -20.70 -6.28 -11.37
N ASP A 975 -20.51 -7.57 -11.67
CA ASP A 975 -20.09 -8.53 -10.66
C ASP A 975 -18.77 -8.12 -10.05
N LYS A 976 -17.79 -7.82 -10.91
CA LYS A 976 -16.46 -7.41 -10.46
C LYS A 976 -16.52 -6.10 -9.68
N HIS A 977 -17.26 -5.13 -10.21
CA HIS A 977 -17.47 -3.86 -9.53
C HIS A 977 -17.99 -4.08 -8.11
N ARG A 978 -18.95 -4.98 -7.98
CA ARG A 978 -19.56 -5.30 -6.70
C ARG A 978 -18.58 -5.99 -5.75
N GLN A 979 -17.84 -6.95 -6.29
CA GLN A 979 -16.82 -7.67 -5.52
C GLN A 979 -15.82 -6.69 -4.93
N VAL A 980 -15.36 -5.76 -5.76
CA VAL A 980 -14.43 -4.73 -5.33
C VAL A 980 -15.05 -3.82 -4.27
N GLY A 981 -16.30 -3.43 -4.51
CA GLY A 981 -16.99 -2.50 -3.62
C GLY A 981 -17.25 -2.99 -2.21
N ASN A 982 -17.61 -4.26 -2.09
CA ASN A 982 -17.96 -4.83 -0.79
C ASN A 982 -16.75 -5.28 0.02
N ALA A 983 -15.57 -5.17 -0.58
CA ALA A 983 -14.35 -5.69 0.03
C ALA A 983 -13.73 -4.73 1.04
N VAL A 984 -13.12 -5.30 2.08
CA VAL A 984 -12.28 -4.55 3.00
C VAL A 984 -10.97 -4.24 2.30
N PRO A 985 -10.54 -2.98 2.34
CA PRO A 985 -9.24 -2.65 1.73
C PRO A 985 -8.10 -3.42 2.37
N PRO A 986 -7.41 -4.27 1.60
CA PRO A 986 -6.29 -5.08 2.11
C PRO A 986 -5.23 -4.31 2.93
N PRO A 987 -4.94 -3.04 2.62
CA PRO A 987 -4.02 -2.34 3.54
C PRO A 987 -4.53 -2.22 4.98
N LEU A 988 -5.80 -1.85 5.13
CA LEU A 988 -6.43 -1.75 6.45
C LEU A 988 -6.33 -3.07 7.21
N ALA A 989 -6.80 -4.13 6.56
CA ALA A 989 -6.76 -5.47 7.12
C ALA A 989 -5.33 -5.89 7.44
N LYS A 990 -4.37 -5.38 6.68
CA LYS A 990 -2.97 -5.66 6.92
C LYS A 990 -2.52 -5.00 8.21
N ALA A 991 -2.93 -3.75 8.40
CA ALA A 991 -2.59 -3.01 9.61
C ALA A 991 -3.15 -3.73 10.85
N ILE A 992 -4.46 -3.99 10.82
CA ILE A 992 -5.10 -4.75 11.89
C ILE A 992 -4.37 -6.07 12.15
N GLY A 993 -4.04 -6.75 11.05
CA GLY A 993 -3.36 -8.02 11.09
C GLY A 993 -2.02 -7.97 11.80
N LEU A 994 -1.27 -6.89 11.56
CA LEU A 994 0.01 -6.70 12.23
C LEU A 994 -0.23 -6.45 13.72
N GLU A 995 -1.24 -5.64 14.01
CA GLU A 995 -1.61 -5.40 15.40
C GLU A 995 -1.95 -6.70 16.13
N ILE A 996 -2.47 -7.66 15.39
CA ILE A 996 -2.72 -8.99 15.96
C ILE A 996 -1.42 -9.79 16.06
N LYS A 997 -0.54 -9.62 15.09
CA LYS A 997 0.75 -10.30 15.07
C LYS A 997 1.54 -9.99 16.33
N LEU A 998 1.50 -8.73 16.75
CA LEU A 998 2.13 -8.33 18.01
C LEU A 998 1.66 -9.20 19.17
N CYS A 999 0.35 -9.41 19.23
CA CYS A 999 -0.25 -10.22 20.29
C CYS A 999 0.13 -11.69 20.18
N MET A 1000 0.24 -12.17 18.96
CA MET A 1000 0.70 -13.54 18.74
C MET A 1000 2.10 -13.71 19.30
N LEU A 1001 2.95 -12.72 19.04
CA LEU A 1001 4.33 -12.75 19.54
C LEU A 1001 4.40 -12.63 21.05
N ALA A 1002 3.53 -11.81 21.64
CA ALA A 1002 3.58 -11.52 23.08
C ALA A 1002 3.21 -12.72 23.95
N LYS A 1003 2.37 -13.62 23.42
CA LYS A 1003 1.99 -14.81 24.16
C LYS A 1003 3.13 -15.81 24.18
N ALA A 1004 3.83 -15.88 25.30
CA ALA A 1004 4.98 -16.77 25.43
C ALA A 1004 4.84 -17.68 26.65
N GLY B 1 25.44 -32.35 -12.75
CA GLY B 1 25.14 -33.66 -13.26
C GLY B 1 25.24 -34.73 -12.20
N PRO B 2 25.63 -35.95 -12.60
CA PRO B 2 25.75 -37.06 -11.65
C PRO B 2 26.74 -36.75 -10.54
N LEU B 3 26.33 -36.99 -9.30
CA LEU B 3 27.22 -36.88 -8.16
C LEU B 3 28.04 -38.16 -8.08
N GLY B 4 28.69 -38.38 -6.95
CA GLY B 4 29.51 -39.57 -6.78
C GLY B 4 29.39 -40.09 -5.38
N SER B 5 29.82 -41.33 -5.19
CA SER B 5 29.60 -42.07 -3.96
C SER B 5 30.06 -41.31 -2.71
N GLU B 6 31.06 -40.46 -2.89
CA GLU B 6 31.60 -39.69 -1.78
C GLU B 6 32.10 -38.32 -2.22
N ALA B 7 31.37 -37.71 -3.14
CA ALA B 7 31.67 -36.34 -3.58
C ALA B 7 31.43 -35.37 -2.44
N HIS B 8 30.54 -35.75 -1.54
CA HIS B 8 30.18 -34.92 -0.39
C HIS B 8 31.29 -34.90 0.66
N LEU B 9 32.32 -35.70 0.45
CA LEU B 9 33.43 -35.78 1.39
C LEU B 9 34.58 -34.84 1.00
N TYR B 10 34.37 -34.10 -0.08
CA TYR B 10 35.40 -33.19 -0.58
C TYR B 10 34.97 -31.74 -0.50
N MET B 11 35.94 -30.85 -0.70
CA MET B 11 35.71 -29.41 -0.66
C MET B 11 36.73 -28.72 -1.54
N GLN B 12 36.34 -27.59 -2.12
CA GLN B 12 37.24 -26.82 -2.96
C GLN B 12 38.05 -25.83 -2.14
N VAL B 13 39.37 -25.95 -2.21
CA VAL B 13 40.24 -24.96 -1.62
C VAL B 13 40.95 -24.19 -2.73
N GLN B 14 40.59 -22.91 -2.87
CA GLN B 14 41.10 -22.10 -3.95
C GLN B 14 42.26 -21.21 -3.48
N ILE B 15 43.46 -21.53 -3.96
CA ILE B 15 44.65 -20.76 -3.59
C ILE B 15 44.86 -19.60 -4.55
N VAL B 16 44.99 -18.40 -4.00
CA VAL B 16 45.31 -17.23 -4.82
C VAL B 16 46.65 -16.64 -4.42
N ALA B 17 47.46 -16.31 -5.41
CA ALA B 17 48.78 -15.74 -5.14
C ALA B 17 48.73 -14.22 -5.28
N GLU B 18 49.79 -13.56 -4.85
CA GLU B 18 49.83 -12.10 -4.80
C GLU B 18 49.91 -11.47 -6.18
N ASP B 19 50.32 -12.25 -7.18
CA ASP B 19 50.43 -11.75 -8.54
C ASP B 19 49.06 -11.39 -9.11
N GLN B 20 48.02 -11.98 -8.53
CA GLN B 20 46.65 -11.72 -8.98
C GLN B 20 46.15 -10.39 -8.43
N PHE B 21 46.88 -9.81 -7.49
CA PHE B 21 46.48 -8.56 -6.87
C PHE B 21 46.93 -7.39 -7.73
N CYS B 22 48.00 -7.58 -8.49
CA CYS B 22 48.52 -6.54 -9.37
C CYS B 22 47.55 -6.26 -10.50
N GLY B 23 47.30 -4.98 -10.76
CA GLY B 23 46.48 -4.58 -11.89
C GLY B 23 45.01 -4.40 -11.57
N HIS B 24 44.57 -4.89 -10.42
CA HIS B 24 43.17 -4.79 -10.04
C HIS B 24 42.78 -3.32 -9.80
N GLN B 25 41.75 -2.88 -10.52
CA GLN B 25 41.32 -1.49 -10.46
C GLN B 25 40.13 -1.27 -9.53
N GLY B 26 39.65 -2.35 -8.93
CA GLY B 26 38.46 -2.27 -8.11
C GLY B 26 38.71 -2.38 -6.63
N ASN B 27 37.65 -2.59 -5.87
CA ASN B 27 37.73 -2.74 -4.43
C ASN B 27 38.28 -4.10 -4.00
N ASP B 28 38.74 -4.15 -2.75
CA ASP B 28 39.45 -5.29 -2.16
C ASP B 28 40.69 -5.72 -2.95
N MET B 29 40.95 -7.01 -2.94
CA MET B 29 42.16 -7.57 -3.56
C MET B 29 42.05 -7.87 -5.05
N TYR B 30 40.93 -8.47 -5.44
CA TYR B 30 40.79 -8.98 -6.80
C TYR B 30 39.33 -9.07 -7.24
N ASP B 31 39.14 -9.19 -8.55
CA ASP B 31 37.82 -9.43 -9.11
C ASP B 31 37.54 -10.92 -9.10
N GLU B 32 36.42 -11.31 -8.50
CA GLU B 32 36.05 -12.72 -8.37
C GLU B 32 35.92 -13.40 -9.72
N GLU B 33 35.51 -12.62 -10.73
CA GLU B 33 35.30 -13.15 -12.07
C GLU B 33 36.60 -13.31 -12.84
N LYS B 34 37.54 -12.39 -12.63
CA LYS B 34 38.78 -12.36 -13.41
C LYS B 34 39.97 -13.04 -12.73
N VAL B 35 39.79 -13.52 -11.51
CA VAL B 35 40.91 -14.07 -10.75
C VAL B 35 41.24 -15.50 -11.20
N LYS B 36 42.52 -15.81 -11.25
CA LYS B 36 42.97 -17.16 -11.55
C LYS B 36 43.41 -17.89 -10.28
N TYR B 37 42.74 -18.99 -9.98
CA TYR B 37 43.05 -19.76 -8.78
C TYR B 37 43.94 -20.97 -9.08
N THR B 38 44.50 -21.53 -8.02
CA THR B 38 45.05 -22.87 -8.03
C THR B 38 44.14 -23.71 -7.16
N VAL B 39 43.34 -24.56 -7.79
CA VAL B 39 42.25 -25.24 -7.10
C VAL B 39 42.63 -26.62 -6.59
N PHE B 40 42.26 -26.90 -5.34
CA PHE B 40 42.51 -28.20 -4.73
C PHE B 40 41.21 -28.86 -4.29
N LYS B 41 40.96 -30.07 -4.78
CA LYS B 41 39.85 -30.86 -4.28
C LYS B 41 40.34 -31.68 -3.09
N VAL B 42 39.88 -31.31 -1.90
CA VAL B 42 40.47 -31.83 -0.67
C VAL B 42 39.44 -32.50 0.25
N LEU B 43 39.80 -33.63 0.83
CA LEU B 43 38.98 -34.26 1.86
C LEU B 43 38.70 -33.29 2.99
N LYS B 44 37.43 -33.18 3.38
CA LYS B 44 37.03 -32.27 4.44
C LYS B 44 37.74 -32.57 5.76
N ASN B 45 38.05 -33.85 5.97
CA ASN B 45 38.66 -34.28 7.22
C ASN B 45 40.18 -34.18 7.20
N SER B 46 40.73 -33.76 6.06
CA SER B 46 42.18 -33.57 5.94
C SER B 46 42.68 -32.52 6.92
N SER B 47 43.85 -32.75 7.48
CA SER B 47 44.43 -31.80 8.43
C SER B 47 45.04 -30.63 7.66
N LEU B 48 45.25 -29.53 8.37
CA LEU B 48 45.89 -28.36 7.77
C LEU B 48 47.32 -28.72 7.36
N ALA B 49 47.99 -29.48 8.20
CA ALA B 49 49.39 -29.87 7.95
C ALA B 49 49.53 -30.70 6.68
N GLU B 50 48.60 -31.64 6.49
CA GLU B 50 48.61 -32.48 5.30
C GLU B 50 48.45 -31.64 4.05
N PHE B 51 47.57 -30.64 4.12
CA PHE B 51 47.33 -29.76 3.00
C PHE B 51 48.51 -28.83 2.75
N VAL B 52 49.25 -28.49 3.82
CA VAL B 52 50.42 -27.64 3.68
C VAL B 52 51.56 -28.42 3.03
N GLN B 53 51.68 -29.69 3.40
CA GLN B 53 52.65 -30.57 2.76
C GLN B 53 52.31 -30.71 1.28
N SER B 54 51.06 -31.06 1.01
CA SER B 54 50.58 -31.27 -0.36
C SER B 54 50.78 -30.02 -1.22
N LEU B 55 50.43 -28.86 -0.67
CA LEU B 55 50.55 -27.60 -1.38
C LEU B 55 52.01 -27.27 -1.64
N SER B 56 52.83 -27.39 -0.60
CA SER B 56 54.25 -27.04 -0.70
C SER B 56 54.93 -27.89 -1.77
N GLN B 57 54.60 -29.18 -1.78
CA GLN B 57 55.16 -30.10 -2.75
C GLN B 57 54.66 -29.83 -4.16
N THR B 58 53.35 -29.58 -4.28
CA THR B 58 52.72 -29.39 -5.58
C THR B 58 53.17 -28.10 -6.27
N MET B 59 53.21 -27.01 -5.51
CA MET B 59 53.49 -25.69 -6.07
C MET B 59 54.97 -25.35 -6.01
N GLY B 60 55.75 -26.18 -5.32
CA GLY B 60 57.19 -26.01 -5.30
C GLY B 60 57.71 -25.01 -4.29
N PHE B 61 57.41 -25.24 -3.01
CA PHE B 61 57.93 -24.41 -1.93
C PHE B 61 58.27 -25.27 -0.72
N PRO B 62 59.23 -24.82 0.09
CA PRO B 62 59.43 -25.42 1.42
C PRO B 62 58.29 -25.02 2.35
N GLN B 63 57.86 -25.92 3.22
CA GLN B 63 56.70 -25.68 4.07
C GLN B 63 56.89 -24.49 5.01
N ASP B 64 58.15 -24.17 5.32
CA ASP B 64 58.44 -23.05 6.19
C ASP B 64 58.68 -21.77 5.39
N GLN B 65 58.46 -21.84 4.08
CA GLN B 65 58.60 -20.67 3.21
C GLN B 65 57.27 -20.09 2.76
N ILE B 66 56.17 -20.71 3.17
CA ILE B 66 54.85 -20.20 2.81
C ILE B 66 54.01 -19.87 4.04
N ARG B 67 53.12 -18.90 3.88
CA ARG B 67 52.14 -18.57 4.93
C ARG B 67 50.75 -18.53 4.31
N LEU B 68 49.78 -19.06 5.05
CA LEU B 68 48.40 -19.11 4.58
C LEU B 68 47.53 -18.05 5.25
N TRP B 69 46.91 -17.21 4.43
CA TRP B 69 45.99 -16.18 4.92
C TRP B 69 44.62 -16.35 4.31
N PRO B 70 43.75 -17.14 4.97
CA PRO B 70 42.41 -17.46 4.47
C PRO B 70 41.61 -16.23 4.08
N MET B 71 41.03 -16.25 2.87
CA MET B 71 40.21 -15.14 2.41
C MET B 71 38.87 -15.18 3.14
N GLN B 72 38.64 -14.17 3.96
CA GLN B 72 37.51 -14.17 4.89
C GLN B 72 36.57 -12.99 4.63
N ALA B 73 35.27 -13.26 4.66
CA ALA B 73 34.27 -12.25 4.38
C ALA B 73 33.91 -11.45 5.64
N ARG B 74 33.70 -10.15 5.46
CA ARG B 74 33.33 -9.28 6.56
C ARG B 74 31.86 -8.88 6.45
N SER B 75 31.34 -8.28 7.52
CA SER B 75 29.92 -7.92 7.58
C SER B 75 29.52 -6.94 6.48
N ASN B 76 30.42 -6.02 6.16
CA ASN B 76 30.15 -4.99 5.17
C ASN B 76 30.06 -5.55 3.75
N GLY B 77 30.46 -6.81 3.58
CA GLY B 77 30.38 -7.46 2.29
C GLY B 77 31.73 -7.58 1.61
N THR B 78 32.76 -7.04 2.26
CA THR B 78 34.12 -7.14 1.74
C THR B 78 34.70 -8.52 2.01
N LYS B 79 35.81 -8.82 1.36
CA LYS B 79 36.51 -10.08 1.58
C LYS B 79 38.01 -9.84 1.64
N ARG B 80 38.59 -10.01 2.82
CA ARG B 80 40.00 -9.69 3.05
C ARG B 80 40.73 -10.88 3.66
N PRO B 81 42.06 -10.95 3.46
CA PRO B 81 42.87 -11.99 4.09
C PRO B 81 42.79 -11.97 5.61
N ALA B 82 42.66 -13.14 6.22
CA ALA B 82 42.61 -13.25 7.67
C ALA B 82 43.80 -14.06 8.17
N MET B 83 44.01 -14.05 9.49
CA MET B 83 45.17 -14.73 10.06
C MET B 83 44.91 -16.21 10.30
N LEU B 84 45.90 -17.03 9.96
CA LEU B 84 45.87 -18.45 10.25
C LEU B 84 47.19 -18.89 10.84
N ASP B 85 47.14 -19.61 11.96
CA ASP B 85 48.37 -20.09 12.57
C ASP B 85 48.68 -21.50 12.07
N ASN B 86 49.76 -21.61 11.31
CA ASN B 86 50.15 -22.86 10.69
C ASN B 86 50.49 -23.93 11.72
N GLU B 87 51.12 -23.50 12.81
CA GLU B 87 51.51 -24.41 13.89
C GLU B 87 50.33 -24.79 14.76
N ALA B 88 49.73 -23.80 15.42
CA ALA B 88 48.65 -24.04 16.38
C ALA B 88 47.46 -24.79 15.78
N ASP B 89 47.03 -24.37 14.60
CA ASP B 89 45.82 -24.91 13.99
C ASP B 89 46.09 -26.05 13.00
N GLY B 90 47.36 -26.44 12.88
CA GLY B 90 47.77 -27.43 11.90
C GLY B 90 47.09 -28.79 11.95
N ASN B 91 46.55 -29.15 13.12
CA ASN B 91 45.92 -30.46 13.31
C ASN B 91 44.41 -30.46 13.12
N LYS B 92 43.86 -29.30 12.78
CA LYS B 92 42.42 -29.17 12.60
C LYS B 92 41.99 -29.55 11.18
N THR B 93 40.83 -30.18 11.06
CA THR B 93 40.27 -30.51 9.76
C THR B 93 40.07 -29.25 8.93
N MET B 94 40.21 -29.37 7.62
CA MET B 94 40.06 -28.22 6.73
C MET B 94 38.63 -27.69 6.77
N ILE B 95 37.68 -28.56 7.04
CA ILE B 95 36.27 -28.18 7.03
C ILE B 95 35.88 -27.36 8.26
N GLU B 96 36.61 -27.55 9.36
CA GLU B 96 36.33 -26.79 10.57
C GLU B 96 37.07 -25.46 10.53
N LEU B 97 38.22 -25.44 9.87
CA LEU B 97 38.96 -24.20 9.70
C LEU B 97 38.26 -23.30 8.71
N SER B 98 37.63 -23.91 7.71
CA SER B 98 36.88 -23.17 6.70
C SER B 98 35.52 -22.73 7.25
N ASP B 99 35.14 -23.32 8.40
CA ASP B 99 33.84 -23.08 9.00
C ASP B 99 32.73 -23.49 8.04
N ASN B 100 32.86 -24.70 7.49
CA ASN B 100 31.86 -25.31 6.61
C ASN B 100 31.71 -24.58 5.28
N GLU B 101 32.42 -23.46 5.13
CA GLU B 101 32.47 -22.74 3.87
C GLU B 101 33.08 -23.64 2.79
N ASN B 102 32.64 -23.44 1.55
CA ASN B 102 33.12 -24.19 0.41
C ASN B 102 32.47 -23.64 -0.85
N PRO B 103 33.28 -23.31 -1.87
CA PRO B 103 34.75 -23.31 -1.92
C PRO B 103 35.39 -22.36 -0.89
N TRP B 104 36.61 -22.69 -0.47
CA TRP B 104 37.31 -21.91 0.53
C TRP B 104 38.57 -21.27 -0.05
N THR B 105 38.57 -19.94 -0.14
CA THR B 105 39.68 -19.24 -0.76
C THR B 105 40.75 -18.85 0.26
N ILE B 106 42.01 -19.05 -0.11
CA ILE B 106 43.14 -18.71 0.74
C ILE B 106 44.19 -17.91 0.00
N PHE B 107 44.66 -16.82 0.61
CA PHE B 107 45.81 -16.09 0.10
C PHE B 107 47.10 -16.83 0.43
N LEU B 108 47.95 -17.01 -0.57
CA LEU B 108 49.22 -17.67 -0.38
C LEU B 108 50.36 -16.65 -0.36
N GLU B 109 50.95 -16.43 0.80
CA GLU B 109 52.07 -15.51 0.90
C GLU B 109 53.41 -16.25 0.85
N THR B 110 54.19 -15.95 -0.17
CA THR B 110 55.52 -16.55 -0.31
C THR B 110 56.58 -15.46 -0.39
N VAL B 111 57.83 -15.84 -0.25
CA VAL B 111 58.93 -14.92 -0.45
C VAL B 111 59.21 -14.82 -1.95
N ASP B 112 59.53 -13.62 -2.42
CA ASP B 112 59.87 -13.41 -3.82
C ASP B 112 61.06 -14.29 -4.17
N PRO B 113 60.86 -15.24 -5.11
CA PRO B 113 61.90 -16.19 -5.50
C PRO B 113 63.17 -15.51 -6.00
N GLU B 114 63.05 -14.27 -6.45
CA GLU B 114 64.22 -13.51 -6.90
C GLU B 114 64.91 -12.82 -5.74
N LEU B 115 64.22 -12.70 -4.61
CA LEU B 115 64.82 -12.17 -3.41
C LEU B 115 65.14 -13.28 -2.42
N ALA B 116 64.80 -14.51 -2.79
CA ALA B 116 65.05 -15.67 -1.94
C ALA B 116 66.29 -16.41 -2.39
N ALA B 117 66.59 -16.34 -3.69
CA ALA B 117 67.82 -16.90 -4.23
C ALA B 117 69.02 -16.15 -3.66
N SER B 118 68.76 -14.91 -3.26
CA SER B 118 69.78 -14.08 -2.61
C SER B 118 69.85 -14.40 -1.12
N GLY B 119 68.98 -15.29 -0.65
CA GLY B 119 69.06 -15.82 0.70
C GLY B 119 68.00 -15.42 1.70
N ALA B 120 67.12 -14.48 1.35
CA ALA B 120 66.09 -14.02 2.29
C ALA B 120 65.00 -15.06 2.51
N THR B 121 64.37 -15.02 3.68
CA THR B 121 63.33 -15.98 4.04
C THR B 121 62.05 -15.29 4.53
N LEU B 122 61.09 -16.09 4.96
CA LEU B 122 59.79 -15.59 5.40
C LEU B 122 59.85 -14.97 6.79
N PRO B 123 59.54 -13.66 6.87
CA PRO B 123 59.55 -12.90 8.13
C PRO B 123 58.62 -13.47 9.19
N LYS B 124 58.93 -13.23 10.45
CA LYS B 124 58.10 -13.70 11.55
C LYS B 124 56.90 -12.77 11.73
N PHE B 125 55.80 -13.30 12.25
CA PHE B 125 54.59 -12.53 12.44
C PHE B 125 54.00 -12.77 13.83
N ASP B 126 53.89 -11.71 14.62
CA ASP B 126 53.30 -11.81 15.95
C ASP B 126 51.82 -11.53 15.87
N LYS B 127 51.03 -12.56 16.15
CA LYS B 127 49.58 -12.52 15.95
C LYS B 127 48.89 -11.44 16.79
N ASP B 128 49.41 -11.22 17.99
CA ASP B 128 48.81 -10.28 18.93
C ASP B 128 49.15 -8.82 18.67
N HIS B 129 50.38 -8.57 18.22
CA HIS B 129 50.86 -7.19 18.13
C HIS B 129 51.17 -6.73 16.71
N ASP B 130 51.21 -7.66 15.76
CA ASP B 130 51.45 -7.29 14.37
C ASP B 130 50.17 -7.33 13.55
N VAL B 131 50.23 -6.72 12.37
CA VAL B 131 49.11 -6.73 11.43
C VAL B 131 49.66 -6.67 10.02
N MET B 132 48.91 -7.21 9.07
CA MET B 132 49.32 -7.16 7.67
C MET B 132 48.50 -6.15 6.90
N LEU B 133 49.14 -5.05 6.50
CA LEU B 133 48.48 -4.01 5.74
C LEU B 133 48.73 -4.16 4.25
N PHE B 134 47.71 -3.86 3.45
CA PHE B 134 47.89 -3.84 2.00
C PHE B 134 47.90 -2.40 1.50
N LEU B 135 48.80 -2.12 0.56
CA LEU B 135 49.02 -0.76 0.11
C LEU B 135 48.69 -0.55 -1.35
N LYS B 136 47.86 0.44 -1.64
CA LYS B 136 47.55 0.80 -3.02
C LYS B 136 47.94 2.24 -3.28
N MET B 137 48.36 2.54 -4.51
CA MET B 137 48.66 3.92 -4.87
C MET B 137 47.72 4.42 -5.94
N TYR B 138 47.05 5.53 -5.67
CA TYR B 138 46.16 6.12 -6.66
C TYR B 138 46.85 7.19 -7.46
N ASP B 139 46.80 7.05 -8.78
CA ASP B 139 47.28 8.07 -9.70
C ASP B 139 46.10 8.78 -10.32
N PRO B 140 45.88 10.04 -9.90
CA PRO B 140 44.81 10.92 -10.39
C PRO B 140 44.94 11.24 -11.88
N LYS B 141 46.17 11.39 -12.36
CA LYS B 141 46.39 11.75 -13.75
C LYS B 141 45.86 10.67 -14.69
N THR B 142 46.22 9.42 -14.41
CA THR B 142 45.74 8.30 -15.20
C THR B 142 44.43 7.76 -14.64
N ARG B 143 44.05 8.25 -13.46
CA ARG B 143 42.86 7.79 -12.76
C ARG B 143 42.91 6.27 -12.57
N SER B 144 43.97 5.78 -11.92
CA SER B 144 44.12 4.34 -11.76
C SER B 144 44.78 3.93 -10.45
N LEU B 145 44.62 2.65 -10.12
CA LEU B 145 45.21 2.07 -8.92
C LEU B 145 46.43 1.24 -9.27
N ASN B 146 47.45 1.32 -8.44
CA ASN B 146 48.64 0.51 -8.57
C ASN B 146 48.92 -0.26 -7.29
N TYR B 147 48.86 -1.59 -7.38
CA TYR B 147 49.09 -2.44 -6.21
C TYR B 147 50.53 -2.32 -5.74
N CYS B 148 50.70 -1.98 -4.47
CA CYS B 148 52.03 -1.79 -3.90
C CYS B 148 52.32 -2.80 -2.80
N GLY B 149 51.85 -4.03 -2.99
CA GLY B 149 52.16 -5.12 -2.08
C GLY B 149 51.64 -4.94 -0.68
N HIS B 150 52.13 -5.77 0.24
CA HIS B 150 51.70 -5.73 1.62
C HIS B 150 52.88 -5.57 2.56
N ILE B 151 52.60 -5.30 3.83
CA ILE B 151 53.62 -5.15 4.86
C ILE B 151 53.18 -5.73 6.18
N TYR B 152 54.15 -6.28 6.93
CA TYR B 152 53.95 -6.61 8.33
C TYR B 152 54.30 -5.38 9.15
N THR B 153 53.43 -4.98 10.07
CA THR B 153 53.73 -3.84 10.92
C THR B 153 53.08 -3.95 12.29
N PRO B 154 53.80 -3.52 13.33
CA PRO B 154 53.23 -3.46 14.67
C PRO B 154 52.03 -2.53 14.75
N ILE B 155 51.02 -2.93 15.52
CA ILE B 155 49.83 -2.12 15.72
C ILE B 155 50.17 -0.73 16.25
N SER B 156 51.16 -0.68 17.13
CA SER B 156 51.53 0.56 17.82
C SER B 156 52.36 1.51 16.95
N CYS B 157 52.75 1.06 15.76
CA CYS B 157 53.52 1.90 14.85
C CYS B 157 52.73 3.15 14.45
N LYS B 158 53.45 4.24 14.23
CA LYS B 158 52.81 5.49 13.84
C LYS B 158 52.63 5.59 12.33
N ILE B 159 51.52 6.17 11.90
CA ILE B 159 51.21 6.36 10.49
C ILE B 159 52.36 7.04 9.74
N ARG B 160 52.94 8.04 10.37
CA ARG B 160 54.05 8.81 9.80
C ARG B 160 55.24 7.91 9.43
N ASP B 161 55.35 6.77 10.11
CA ASP B 161 56.46 5.85 9.88
C ASP B 161 56.22 4.92 8.70
N LEU B 162 54.99 4.87 8.21
CA LEU B 162 54.66 4.01 7.08
C LEU B 162 54.86 4.75 5.76
N LEU B 163 55.00 6.06 5.83
CA LEU B 163 55.15 6.91 4.65
C LEU B 163 56.36 6.59 3.76
N PRO B 164 57.57 6.38 4.35
CA PRO B 164 58.71 6.08 3.48
C PRO B 164 58.50 4.82 2.64
N VAL B 165 57.93 3.81 3.28
CA VAL B 165 57.59 2.56 2.60
C VAL B 165 56.70 2.83 1.41
N MET B 166 55.57 3.49 1.65
CA MET B 166 54.62 3.83 0.60
C MET B 166 55.30 4.58 -0.54
N CYS B 167 56.20 5.48 -0.18
CA CYS B 167 56.91 6.28 -1.16
C CYS B 167 57.80 5.43 -2.06
N ASP B 168 58.67 4.62 -1.47
CA ASP B 168 59.64 3.89 -2.28
C ASP B 168 59.05 2.64 -2.92
N ARG B 169 57.85 2.25 -2.48
CA ARG B 169 57.16 1.10 -3.06
C ARG B 169 56.41 1.51 -4.31
N ALA B 170 56.19 2.81 -4.46
CA ALA B 170 55.46 3.35 -5.59
C ALA B 170 56.39 4.07 -6.57
N GLY B 171 57.67 4.16 -6.19
CA GLY B 171 58.65 4.82 -7.03
C GLY B 171 58.66 6.32 -6.82
N PHE B 172 58.22 6.75 -5.64
CA PHE B 172 58.19 8.17 -5.30
C PHE B 172 59.52 8.62 -4.71
N ILE B 173 59.89 9.86 -5.04
CA ILE B 173 61.03 10.50 -4.38
C ILE B 173 60.73 10.52 -2.89
N GLN B 174 61.74 10.29 -2.05
CA GLN B 174 61.49 10.22 -0.62
C GLN B 174 61.09 11.58 -0.06
N ASP B 175 60.39 11.53 1.07
CA ASP B 175 59.82 12.72 1.71
C ASP B 175 58.83 13.43 0.76
N THR B 176 58.12 12.64 -0.04
CA THR B 176 57.04 13.15 -0.86
C THR B 176 55.77 13.19 -0.03
N SER B 177 55.09 14.34 -0.04
CA SER B 177 53.86 14.49 0.74
C SER B 177 52.76 13.60 0.20
N LEU B 178 52.13 12.83 1.09
CA LEU B 178 51.13 11.86 0.68
C LEU B 178 49.78 12.06 1.36
N ILE B 179 48.71 11.87 0.59
CA ILE B 179 47.37 11.82 1.12
C ILE B 179 46.97 10.36 1.31
N LEU B 180 46.58 10.02 2.54
CA LEU B 180 46.25 8.65 2.90
C LEU B 180 44.76 8.44 3.16
N TYR B 181 44.25 7.35 2.64
CA TYR B 181 42.89 6.90 2.87
C TYR B 181 42.91 5.45 3.32
N GLU B 182 41.86 5.02 4.00
CA GLU B 182 41.60 3.60 4.18
C GLU B 182 40.45 3.22 3.28
N GLU B 183 40.66 2.19 2.46
CA GLU B 183 39.59 1.63 1.67
C GLU B 183 38.79 0.69 2.56
N VAL B 184 37.78 1.23 3.24
CA VAL B 184 37.05 0.43 4.20
C VAL B 184 36.19 -0.60 3.48
N LYS B 185 35.49 -0.14 2.46
CA LYS B 185 34.61 -0.98 1.67
C LYS B 185 34.24 -0.19 0.42
N PRO B 186 33.58 -0.83 -0.56
CA PRO B 186 33.04 -0.06 -1.67
C PRO B 186 32.18 1.10 -1.19
N ASN B 187 32.39 2.27 -1.79
CA ASN B 187 31.70 3.52 -1.45
C ASN B 187 32.06 4.05 -0.06
N LEU B 188 33.12 3.52 0.54
CA LEU B 188 33.61 4.07 1.80
C LEU B 188 35.13 4.13 1.85
N THR B 189 35.66 5.30 1.47
CA THR B 189 37.09 5.57 1.50
C THR B 189 37.34 6.72 2.47
N GLU B 190 38.00 6.44 3.59
CA GLU B 190 38.12 7.44 4.66
C GLU B 190 39.53 8.01 4.81
N ARG B 191 39.64 9.33 4.65
CA ARG B 191 40.92 10.01 4.72
C ARG B 191 41.51 9.96 6.13
N ILE B 192 42.83 9.79 6.20
CA ILE B 192 43.55 9.82 7.48
C ILE B 192 44.11 11.21 7.74
N GLN B 193 43.53 11.90 8.72
CA GLN B 193 43.89 13.28 9.00
C GLN B 193 45.13 13.45 9.86
N ASP B 194 45.38 12.53 10.77
CA ASP B 194 46.53 12.64 11.68
C ASP B 194 47.54 11.52 11.45
N TYR B 195 48.75 11.89 11.04
CA TYR B 195 49.80 10.90 10.77
C TYR B 195 50.63 10.61 12.01
N ASP B 196 50.40 11.37 13.07
CA ASP B 196 51.18 11.23 14.31
C ASP B 196 50.55 10.26 15.29
N VAL B 197 49.48 9.60 14.88
CA VAL B 197 48.78 8.65 15.73
C VAL B 197 49.08 7.21 15.29
N SER B 198 49.06 6.29 16.25
CA SER B 198 49.31 4.87 15.96
C SER B 198 48.24 4.29 15.04
N LEU B 199 48.54 3.14 14.44
CA LEU B 199 47.61 2.47 13.54
C LEU B 199 46.30 2.12 14.23
N ASP B 200 46.40 1.67 15.48
CA ASP B 200 45.23 1.30 16.28
C ASP B 200 44.25 2.46 16.37
N LYS B 201 44.77 3.64 16.71
CA LYS B 201 43.93 4.82 16.89
C LYS B 201 43.41 5.34 15.56
N ALA B 202 44.26 5.33 14.54
CA ALA B 202 43.92 5.88 13.24
C ALA B 202 42.81 5.11 12.53
N LEU B 203 42.80 3.79 12.72
CA LEU B 203 41.86 2.92 12.01
C LEU B 203 40.93 2.19 12.96
N ASP B 204 39.64 2.55 12.93
CA ASP B 204 38.63 1.85 13.72
C ASP B 204 38.53 0.40 13.27
N GLU B 205 38.47 -0.51 14.25
CA GLU B 205 38.43 -1.94 14.00
C GLU B 205 39.57 -2.38 13.07
N LEU B 206 40.81 -2.20 13.53
CA LEU B 206 41.98 -2.49 12.72
C LEU B 206 42.18 -4.00 12.63
N MET B 207 42.21 -4.51 11.40
CA MET B 207 42.34 -5.94 11.18
C MET B 207 43.41 -6.27 10.15
N ASP B 208 43.79 -7.54 10.08
CA ASP B 208 44.63 -8.01 8.99
C ASP B 208 43.83 -8.01 7.71
N GLY B 209 44.44 -7.53 6.62
CA GLY B 209 43.76 -7.47 5.35
C GLY B 209 43.21 -6.09 5.05
N ASP B 210 43.44 -5.15 5.97
CA ASP B 210 43.00 -3.77 5.76
C ASP B 210 43.82 -3.11 4.66
N ILE B 211 43.23 -2.13 3.99
CA ILE B 211 43.85 -1.51 2.83
C ILE B 211 44.02 -0.01 2.99
N ILE B 212 45.26 0.46 2.82
CA ILE B 212 45.53 1.89 2.78
C ILE B 212 45.86 2.34 1.35
N VAL B 213 45.08 3.28 0.85
CA VAL B 213 45.32 3.87 -0.45
C VAL B 213 46.04 5.19 -0.24
N PHE B 214 47.03 5.50 -1.07
CA PHE B 214 47.74 6.77 -0.92
C PHE B 214 48.03 7.42 -2.26
N GLN B 215 48.12 8.74 -2.27
CA GLN B 215 48.41 9.46 -3.50
C GLN B 215 49.32 10.66 -3.21
N LYS B 216 49.93 11.20 -4.26
CA LYS B 216 50.70 12.43 -4.13
C LYS B 216 49.81 13.56 -3.66
N ASP B 217 50.34 14.43 -2.81
CA ASP B 217 49.68 15.69 -2.54
C ASP B 217 50.20 16.71 -3.53
N ASP B 218 49.40 17.01 -4.54
CA ASP B 218 49.85 17.79 -5.68
C ASP B 218 48.67 18.54 -6.30
N PRO B 219 48.81 19.85 -6.48
CA PRO B 219 47.77 20.70 -7.09
C PRO B 219 47.30 20.19 -8.46
N GLU B 220 48.21 19.58 -9.23
CA GLU B 220 47.89 19.03 -10.54
C GLU B 220 46.69 18.07 -10.50
N ASN B 221 46.48 17.44 -9.34
CA ASN B 221 45.39 16.50 -9.15
C ASN B 221 44.02 17.12 -9.42
N ASP B 222 43.93 18.44 -9.29
CA ASP B 222 42.65 19.12 -9.50
C ASP B 222 42.31 19.26 -10.97
N ASN B 223 43.22 18.82 -11.83
CA ASN B 223 42.95 18.80 -13.27
C ASN B 223 42.32 17.49 -13.69
N SER B 224 42.49 16.47 -12.85
CA SER B 224 41.87 15.18 -13.07
C SER B 224 40.38 15.26 -12.77
N GLU B 225 39.59 14.47 -13.49
CA GLU B 225 38.15 14.43 -13.23
C GLU B 225 37.87 13.64 -11.95
N LEU B 226 38.87 12.89 -11.51
CA LEU B 226 38.81 12.20 -10.23
C LEU B 226 40.07 12.48 -9.41
N PRO B 227 40.15 13.67 -8.79
CA PRO B 227 41.33 14.16 -8.08
C PRO B 227 41.80 13.27 -6.94
N THR B 228 40.88 12.59 -6.26
CA THR B 228 41.23 11.79 -5.10
C THR B 228 40.74 10.35 -5.23
N ALA B 229 41.34 9.46 -4.42
CA ALA B 229 40.96 8.06 -4.40
C ALA B 229 39.53 7.89 -3.91
N LYS B 230 39.09 8.82 -3.06
CA LYS B 230 37.72 8.84 -2.55
C LYS B 230 36.73 8.96 -3.71
N GLU B 231 36.92 10.00 -4.52
CA GLU B 231 36.07 10.24 -5.68
C GLU B 231 36.20 9.13 -6.71
N TYR B 232 37.39 8.55 -6.80
CA TYR B 232 37.61 7.43 -7.72
C TYR B 232 36.74 6.24 -7.33
N PHE B 233 36.82 5.85 -6.06
CA PHE B 233 36.05 4.70 -5.58
C PHE B 233 34.56 5.00 -5.60
N ARG B 234 34.21 6.28 -5.47
CA ARG B 234 32.81 6.67 -5.57
C ARG B 234 32.29 6.49 -7.00
N ASP B 235 32.98 7.10 -7.95
CA ASP B 235 32.61 7.00 -9.37
C ASP B 235 32.62 5.55 -9.83
N LEU B 236 33.55 4.77 -9.29
CA LEU B 236 33.65 3.35 -9.61
C LEU B 236 32.46 2.58 -9.04
N TYR B 237 32.04 2.98 -7.84
CA TYR B 237 30.90 2.34 -7.18
C TYR B 237 29.62 2.50 -7.99
N HIS B 238 29.51 3.62 -8.70
CA HIS B 238 28.32 3.94 -9.48
C HIS B 238 28.48 3.65 -10.96
N ARG B 239 29.66 3.15 -11.34
CA ARG B 239 29.95 2.83 -12.72
C ARG B 239 29.22 1.55 -13.12
N VAL B 240 28.68 1.52 -14.33
CA VAL B 240 27.96 0.33 -14.81
C VAL B 240 27.99 0.23 -16.33
N ASP B 241 28.13 -0.99 -16.84
CA ASP B 241 28.18 -1.21 -18.29
C ASP B 241 26.82 -1.65 -18.84
N VAL B 242 26.22 -0.80 -19.67
CA VAL B 242 24.89 -1.05 -20.20
C VAL B 242 24.93 -1.47 -21.67
N ILE B 243 24.19 -2.53 -21.99
CA ILE B 243 24.06 -2.97 -23.38
C ILE B 243 22.75 -2.48 -24.00
N PHE B 244 22.86 -1.53 -24.91
CA PHE B 244 21.68 -1.01 -25.59
C PHE B 244 21.38 -1.80 -26.86
N CYS B 245 20.12 -2.21 -26.99
CA CYS B 245 19.67 -3.05 -28.11
C CYS B 245 18.42 -2.51 -28.77
N ASP B 246 18.39 -2.55 -30.10
CA ASP B 246 17.21 -2.14 -30.87
C ASP B 246 16.23 -3.30 -30.94
N LYS B 247 15.01 -3.07 -30.46
CA LYS B 247 14.00 -4.14 -30.39
C LYS B 247 13.51 -4.56 -31.77
N THR B 248 13.67 -3.69 -32.76
CA THR B 248 13.27 -4.00 -34.12
C THR B 248 14.25 -4.97 -34.76
N ILE B 249 15.54 -4.72 -34.55
CA ILE B 249 16.59 -5.56 -35.09
C ILE B 249 16.61 -6.94 -34.43
N PRO B 250 16.42 -8.00 -35.24
CA PRO B 250 16.45 -9.36 -34.69
C PRO B 250 17.83 -9.74 -34.21
N ASN B 251 17.91 -10.29 -33.00
CA ASN B 251 19.17 -10.75 -32.42
C ASN B 251 20.27 -9.70 -32.44
N ASP B 252 19.89 -8.44 -32.29
CA ASP B 252 20.86 -7.35 -32.22
C ASP B 252 21.76 -7.57 -31.01
N PRO B 253 23.06 -7.77 -31.25
CA PRO B 253 24.00 -7.95 -30.14
C PRO B 253 24.08 -6.69 -29.30
N GLY B 254 23.66 -5.57 -29.88
CA GLY B 254 23.63 -4.30 -29.18
C GLY B 254 25.01 -3.74 -28.95
N PHE B 255 25.08 -2.52 -28.43
CA PHE B 255 26.38 -1.93 -28.14
C PHE B 255 26.51 -1.57 -26.67
N VAL B 256 27.73 -1.64 -26.17
CA VAL B 256 27.98 -1.45 -24.75
C VAL B 256 28.52 -0.06 -24.45
N VAL B 257 27.85 0.64 -23.54
CA VAL B 257 28.30 1.96 -23.09
C VAL B 257 28.51 1.94 -21.58
N THR B 258 29.62 2.52 -21.14
CA THR B 258 29.88 2.63 -19.71
C THR B 258 29.29 3.93 -19.16
N LEU B 259 28.34 3.79 -18.23
CA LEU B 259 27.59 4.92 -17.71
C LEU B 259 27.58 4.95 -16.18
N SER B 260 26.83 5.91 -15.64
CA SER B 260 26.72 6.06 -14.20
C SER B 260 25.33 5.64 -13.69
N ASN B 261 25.29 5.07 -12.49
CA ASN B 261 24.03 4.68 -11.87
C ASN B 261 23.09 5.87 -11.66
N ARG B 262 23.67 7.05 -11.49
CA ARG B 262 22.90 8.23 -11.10
C ARG B 262 22.17 8.90 -12.26
N MET B 263 22.54 8.54 -13.49
CA MET B 263 22.03 9.24 -14.67
C MET B 263 20.51 9.18 -14.80
N ASN B 264 19.92 10.30 -15.22
CA ASN B 264 18.49 10.36 -15.45
C ASN B 264 18.15 9.97 -16.89
N TYR B 265 16.88 10.13 -17.26
CA TYR B 265 16.45 9.78 -18.61
C TYR B 265 17.10 10.66 -19.67
N PHE B 266 17.13 11.95 -19.40
CA PHE B 266 17.69 12.93 -20.32
C PHE B 266 19.14 12.62 -20.69
N GLN B 267 19.96 12.32 -19.69
CA GLN B 267 21.37 12.04 -19.90
C GLN B 267 21.60 10.76 -20.70
N VAL B 268 20.86 9.71 -20.34
CA VAL B 268 20.94 8.43 -21.05
C VAL B 268 20.55 8.59 -22.52
N ALA B 269 19.39 9.21 -22.74
CA ALA B 269 18.89 9.46 -24.09
C ALA B 269 19.90 10.25 -24.90
N LYS B 270 20.47 11.29 -24.27
CA LYS B 270 21.50 12.09 -24.93
C LYS B 270 22.67 11.22 -25.37
N THR B 271 23.17 10.39 -24.44
CA THR B 271 24.31 9.53 -24.71
C THR B 271 24.07 8.58 -25.90
N VAL B 272 23.00 7.80 -25.80
CA VAL B 272 22.65 6.83 -26.84
C VAL B 272 22.45 7.54 -28.19
N ALA B 273 21.77 8.68 -28.14
CA ALA B 273 21.55 9.48 -29.34
C ALA B 273 22.87 9.93 -29.95
N GLN B 274 23.85 10.22 -29.11
CA GLN B 274 25.18 10.60 -29.58
C GLN B 274 25.84 9.44 -30.29
N ARG B 275 25.86 8.27 -29.65
CA ARG B 275 26.53 7.11 -30.25
C ARG B 275 25.74 6.57 -31.45
N LEU B 276 24.54 7.09 -31.66
CA LEU B 276 23.72 6.67 -32.80
C LEU B 276 23.55 7.78 -33.84
N ASN B 277 24.11 8.95 -33.54
CA ASN B 277 24.05 10.11 -34.44
C ASN B 277 22.62 10.54 -34.76
N THR B 278 21.79 10.67 -33.74
CA THR B 278 20.41 11.10 -33.92
C THR B 278 19.94 12.01 -32.79
N ASP B 279 18.78 12.64 -32.99
CA ASP B 279 18.15 13.47 -31.97
C ASP B 279 17.52 12.58 -30.89
N PRO B 280 17.86 12.85 -29.62
CA PRO B 280 17.33 12.11 -28.46
C PRO B 280 15.82 11.93 -28.47
N MET B 281 15.09 12.92 -28.98
CA MET B 281 13.64 12.86 -29.05
C MET B 281 13.17 11.79 -30.03
N LEU B 282 14.06 11.40 -30.95
CA LEU B 282 13.74 10.34 -31.91
C LEU B 282 14.13 8.97 -31.37
N LEU B 283 14.04 8.82 -30.06
CA LEU B 283 14.35 7.55 -29.41
C LEU B 283 13.29 7.19 -28.38
N GLN B 284 12.83 5.94 -28.41
CA GLN B 284 11.95 5.45 -27.36
C GLN B 284 12.66 4.30 -26.65
N PHE B 285 12.61 4.30 -25.32
CA PHE B 285 13.32 3.29 -24.55
C PHE B 285 12.39 2.27 -23.90
N PHE B 286 12.91 1.07 -23.72
CA PHE B 286 12.17 -0.01 -23.09
C PHE B 286 13.00 -0.62 -21.98
N LYS B 287 12.43 -0.66 -20.78
CA LYS B 287 13.02 -1.39 -19.67
C LYS B 287 13.05 -2.86 -20.06
N SER B 288 13.96 -3.63 -19.47
CA SER B 288 14.04 -5.04 -19.80
C SER B 288 12.92 -5.81 -19.12
N GLN B 289 12.52 -6.93 -19.72
CA GLN B 289 11.60 -7.86 -19.09
C GLN B 289 12.28 -8.36 -17.81
N GLY B 290 13.51 -8.83 -18.00
CA GLY B 290 14.45 -9.09 -16.93
C GLY B 290 14.50 -10.49 -16.35
N TYR B 291 13.40 -11.23 -16.38
CA TYR B 291 13.52 -12.67 -16.21
C TYR B 291 13.83 -13.29 -17.57
N ARG B 292 13.02 -12.90 -18.55
CA ARG B 292 13.29 -13.17 -19.95
C ARG B 292 14.21 -12.09 -20.51
N ASP B 293 14.93 -12.40 -21.59
CA ASP B 293 15.69 -11.38 -22.27
C ASP B 293 14.84 -10.78 -23.39
N GLY B 294 14.42 -9.53 -23.21
CA GLY B 294 13.56 -8.87 -24.17
C GLY B 294 12.98 -7.58 -23.62
N PRO B 295 12.44 -6.73 -24.51
CA PRO B 295 11.89 -5.42 -24.13
C PRO B 295 10.65 -5.49 -23.26
N GLY B 296 10.67 -4.73 -22.17
CA GLY B 296 9.55 -4.62 -21.25
C GLY B 296 8.77 -3.33 -21.42
N ASN B 297 8.29 -2.79 -20.32
CA ASN B 297 7.56 -1.52 -20.30
C ASN B 297 8.29 -0.39 -21.03
N PRO B 298 7.57 0.33 -21.89
CA PRO B 298 8.13 1.51 -22.55
C PRO B 298 8.30 2.65 -21.56
N LEU B 299 9.26 3.53 -21.80
CA LEU B 299 9.47 4.66 -20.92
C LEU B 299 8.86 5.93 -21.51
N ARG B 300 8.11 6.66 -20.69
CA ARG B 300 7.61 7.97 -21.09
C ARG B 300 8.78 8.95 -21.12
N HIS B 301 8.63 10.02 -21.90
CA HIS B 301 9.66 11.05 -21.98
C HIS B 301 9.91 11.71 -20.62
N ASN B 302 8.87 11.71 -19.79
CA ASN B 302 8.93 12.35 -18.48
C ASN B 302 9.38 11.40 -17.37
N TYR B 303 9.81 10.19 -17.73
CA TYR B 303 10.20 9.18 -16.75
C TYR B 303 11.24 9.75 -15.76
N GLU B 304 10.90 9.68 -14.47
CA GLU B 304 11.67 10.38 -13.43
C GLU B 304 12.69 9.50 -12.72
N GLY B 305 12.80 8.25 -13.12
CA GLY B 305 13.74 7.34 -12.48
C GLY B 305 15.16 7.51 -12.99
N THR B 306 16.06 6.68 -12.46
CA THR B 306 17.46 6.70 -12.89
C THR B 306 17.84 5.39 -13.57
N LEU B 307 19.08 5.29 -14.04
CA LEU B 307 19.56 4.10 -14.71
C LEU B 307 19.58 2.91 -13.77
N ARG B 308 19.92 3.15 -12.51
CA ARG B 308 19.96 2.10 -11.52
C ARG B 308 18.57 1.48 -11.32
N ASP B 309 17.55 2.33 -11.30
CA ASP B 309 16.18 1.87 -11.21
C ASP B 309 15.82 0.97 -12.38
N LEU B 310 16.34 1.31 -13.56
CA LEU B 310 16.07 0.55 -14.76
C LEU B 310 16.81 -0.78 -14.79
N LEU B 311 17.94 -0.84 -14.09
CA LEU B 311 18.77 -2.05 -14.13
C LEU B 311 18.77 -2.84 -12.82
N GLN B 312 17.93 -2.45 -11.86
CA GLN B 312 18.05 -2.97 -10.50
C GLN B 312 17.67 -4.44 -10.36
N PHE B 313 16.83 -4.95 -11.24
CA PHE B 313 16.39 -6.35 -11.14
C PHE B 313 17.24 -7.32 -11.98
N PHE B 314 18.32 -6.81 -12.57
CA PHE B 314 19.35 -7.68 -13.12
C PHE B 314 20.23 -8.23 -12.00
N LYS B 315 20.68 -9.47 -12.14
CA LYS B 315 21.64 -10.04 -11.20
C LYS B 315 23.01 -9.43 -11.47
N PRO B 316 23.87 -9.36 -10.42
CA PRO B 316 25.23 -8.84 -10.63
C PRO B 316 26.03 -9.69 -11.62
N ARG B 317 25.58 -10.93 -11.81
CA ARG B 317 26.18 -11.82 -12.79
C ARG B 317 25.70 -11.48 -14.20
N GLN B 318 24.42 -11.12 -14.30
CA GLN B 318 23.77 -10.90 -15.58
C GLN B 318 24.26 -9.68 -16.34
N PRO B 319 24.32 -9.78 -17.68
CA PRO B 319 24.55 -8.63 -18.55
C PRO B 319 23.35 -7.69 -18.49
N LYS B 320 23.60 -6.40 -18.30
CA LYS B 320 22.52 -5.44 -18.09
C LYS B 320 22.12 -4.75 -19.38
N LYS B 321 20.98 -5.16 -19.93
CA LYS B 321 20.52 -4.65 -21.21
C LYS B 321 19.42 -3.62 -21.07
N LEU B 322 19.33 -2.74 -22.06
CA LEU B 322 18.34 -1.68 -22.11
C LEU B 322 17.87 -1.58 -23.55
N TYR B 323 16.57 -1.65 -23.78
CA TYR B 323 16.09 -1.71 -25.15
C TYR B 323 15.66 -0.33 -25.65
N TYR B 324 15.52 -0.21 -26.97
CA TYR B 324 15.14 1.06 -27.58
C TYR B 324 14.70 0.87 -29.03
N GLN B 325 14.10 1.91 -29.59
CA GLN B 325 13.80 1.95 -31.01
C GLN B 325 13.86 3.39 -31.51
N GLN B 326 14.29 3.55 -32.76
CA GLN B 326 14.38 4.86 -33.39
C GLN B 326 13.02 5.24 -33.96
N LEU B 327 12.65 6.51 -33.80
CA LEU B 327 11.33 6.97 -34.16
C LEU B 327 11.31 7.86 -35.39
N LYS B 328 10.17 7.91 -36.08
CA LYS B 328 10.00 8.77 -37.24
C LYS B 328 9.43 10.12 -36.83
N MET B 329 9.04 10.23 -35.58
CA MET B 329 8.46 11.46 -35.04
C MET B 329 8.95 11.65 -33.61
N LYS B 330 8.98 12.89 -33.14
CA LYS B 330 9.47 13.16 -31.80
C LYS B 330 8.59 12.46 -30.76
N ILE B 331 9.24 11.90 -29.75
CA ILE B 331 8.62 10.92 -28.85
C ILE B 331 7.30 11.39 -28.22
N THR B 332 7.13 12.68 -28.02
CA THR B 332 5.89 13.19 -27.46
C THR B 332 4.74 12.98 -28.45
N ASP B 333 4.96 13.35 -29.70
CA ASP B 333 3.99 13.13 -30.76
C ASP B 333 3.71 11.64 -30.90
N PHE B 334 4.73 10.83 -30.68
CA PHE B 334 4.62 9.38 -30.76
C PHE B 334 3.78 8.84 -29.62
N GLU B 335 3.80 9.53 -28.49
CA GLU B 335 3.02 9.13 -27.32
C GLU B 335 1.57 9.56 -27.44
N ASN B 336 1.31 10.48 -28.36
CA ASN B 336 -0.04 10.99 -28.58
C ASN B 336 -0.74 10.30 -29.74
N ARG B 337 -0.25 9.11 -30.09
CA ARG B 337 -0.88 8.30 -31.11
C ARG B 337 -2.03 7.49 -30.51
N ARG B 338 -3.10 7.34 -31.28
CA ARG B 338 -4.28 6.61 -30.82
C ARG B 338 -4.37 5.25 -31.50
N SER B 339 -4.36 4.18 -30.70
CA SER B 339 -4.56 2.84 -31.23
C SER B 339 -5.97 2.69 -31.79
N PHE B 340 -6.06 2.55 -33.10
CA PHE B 340 -7.34 2.46 -33.78
C PHE B 340 -7.46 1.16 -34.58
N LYS B 341 -8.21 0.20 -34.04
CA LYS B 341 -8.42 -1.06 -34.73
C LYS B 341 -9.62 -0.97 -35.67
N CYS B 342 -9.38 -1.30 -36.93
CA CYS B 342 -10.43 -1.26 -37.94
C CYS B 342 -10.20 -2.34 -39.00
N ILE B 343 -11.07 -2.37 -39.99
CA ILE B 343 -11.03 -3.37 -41.05
C ILE B 343 -10.67 -2.74 -42.40
N TRP B 344 -9.69 -3.32 -43.09
CA TRP B 344 -9.32 -2.86 -44.43
C TRP B 344 -9.96 -3.73 -45.50
N LEU B 345 -10.65 -3.09 -46.45
CA LEU B 345 -11.25 -3.82 -47.56
C LEU B 345 -10.40 -3.65 -48.81
N ASN B 346 -10.00 -4.78 -49.40
CA ASN B 346 -9.05 -4.75 -50.52
C ASN B 346 -9.73 -4.79 -51.89
N SER B 347 -8.89 -4.85 -52.94
CA SER B 347 -9.36 -4.90 -54.32
C SER B 347 -10.17 -6.15 -54.59
N GLN B 348 -9.94 -7.18 -53.78
CA GLN B 348 -10.57 -8.47 -53.97
C GLN B 348 -11.88 -8.59 -53.19
N PHE B 349 -12.29 -7.48 -52.57
CA PHE B 349 -13.52 -7.42 -51.78
C PHE B 349 -13.40 -8.39 -50.60
N ARG B 350 -12.24 -8.38 -49.96
CA ARG B 350 -11.98 -9.26 -48.82
C ARG B 350 -11.54 -8.48 -47.59
N GLU B 351 -12.03 -8.89 -46.43
CA GLU B 351 -11.79 -8.18 -45.18
C GLU B 351 -10.46 -8.55 -44.52
N GLU B 352 -9.73 -7.53 -44.08
CA GLU B 352 -8.50 -7.76 -43.31
C GLU B 352 -8.55 -6.97 -42.01
N GLU B 353 -7.98 -7.53 -40.94
CA GLU B 353 -7.91 -6.81 -39.68
C GLU B 353 -6.65 -5.95 -39.64
N ILE B 354 -6.82 -4.65 -39.42
CA ILE B 354 -5.69 -3.74 -39.37
C ILE B 354 -5.78 -2.81 -38.16
N THR B 355 -4.63 -2.36 -37.68
CA THR B 355 -4.57 -1.43 -36.56
C THR B 355 -3.68 -0.25 -36.93
N LEU B 356 -4.27 0.94 -36.92
CA LEU B 356 -3.54 2.15 -37.33
C LEU B 356 -3.37 3.10 -36.16
N TYR B 357 -2.36 3.96 -36.25
CA TYR B 357 -2.05 4.88 -35.16
C TYR B 357 -2.02 6.33 -35.61
N PRO B 358 -3.19 6.91 -35.91
CA PRO B 358 -3.26 8.33 -36.23
C PRO B 358 -3.10 9.15 -34.96
N ASP B 359 -2.84 10.45 -35.08
CA ASP B 359 -2.76 11.29 -33.91
C ASP B 359 -4.10 11.31 -33.18
N LYS B 360 -4.05 11.27 -31.86
CA LYS B 360 -5.24 11.18 -31.01
C LYS B 360 -6.21 12.34 -31.23
N HIS B 361 -5.68 13.50 -31.59
CA HIS B 361 -6.50 14.68 -31.83
C HIS B 361 -6.85 14.85 -33.31
N GLY B 362 -6.38 13.94 -34.15
CA GLY B 362 -6.57 14.06 -35.58
C GLY B 362 -7.99 13.82 -36.06
N CYS B 363 -8.20 13.94 -37.37
CA CYS B 363 -9.50 13.73 -37.97
C CYS B 363 -9.55 12.40 -38.69
N VAL B 364 -10.73 12.06 -39.23
CA VAL B 364 -10.92 10.86 -40.03
C VAL B 364 -9.91 10.82 -41.18
N ARG B 365 -9.67 11.99 -41.75
CA ARG B 365 -8.70 12.18 -42.82
C ARG B 365 -7.34 11.57 -42.50
N ASP B 366 -6.87 11.80 -41.28
CA ASP B 366 -5.56 11.31 -40.86
C ASP B 366 -5.54 9.78 -40.76
N LEU B 367 -6.64 9.22 -40.26
CA LEU B 367 -6.81 7.77 -40.20
C LEU B 367 -6.72 7.17 -41.59
N LEU B 368 -7.52 7.71 -42.50
CA LEU B 368 -7.52 7.27 -43.89
C LEU B 368 -6.15 7.41 -44.53
N GLU B 369 -5.42 8.44 -44.11
CA GLU B 369 -4.08 8.67 -44.64
C GLU B 369 -3.12 7.59 -44.17
N GLU B 370 -3.25 7.21 -42.90
CA GLU B 370 -2.46 6.10 -42.36
C GLU B 370 -2.75 4.82 -43.13
N CYS B 371 -4.03 4.54 -43.31
CA CYS B 371 -4.44 3.33 -44.03
C CYS B 371 -3.92 3.34 -45.46
N LYS B 372 -3.86 4.52 -46.07
CA LYS B 372 -3.33 4.65 -47.41
C LYS B 372 -1.83 4.39 -47.42
N LYS B 373 -1.14 4.85 -46.38
CA LYS B 373 0.29 4.58 -46.25
C LYS B 373 0.56 3.10 -46.02
N ALA B 374 -0.44 2.38 -45.52
CA ALA B 374 -0.23 0.98 -45.12
C ALA B 374 -0.49 -0.04 -46.23
N VAL B 375 -1.31 0.31 -47.22
CA VAL B 375 -1.78 -0.69 -48.18
C VAL B 375 -1.43 -0.38 -49.63
N GLU B 376 -1.78 -1.31 -50.52
CA GLU B 376 -1.73 -1.07 -51.95
C GLU B 376 -3.15 -1.00 -52.50
N LEU B 377 -3.36 -0.17 -53.51
CA LEU B 377 -4.69 0.01 -54.08
C LEU B 377 -4.84 -0.80 -55.37
N GLY B 378 -6.00 -0.71 -56.00
CA GLY B 378 -6.26 -1.45 -57.23
C GLY B 378 -5.40 -0.93 -58.37
N GLU B 379 -5.28 -1.72 -59.43
CA GLU B 379 -4.47 -1.36 -60.60
C GLU B 379 -4.85 0.04 -61.07
N LYS B 380 -6.13 0.23 -61.34
CA LYS B 380 -6.66 1.59 -61.43
C LYS B 380 -8.03 1.67 -60.78
N ALA B 381 -8.12 2.57 -59.80
CA ALA B 381 -9.37 2.91 -59.15
C ALA B 381 -9.26 4.39 -58.78
N SER B 382 -10.17 4.88 -57.96
CA SER B 382 -10.15 6.28 -57.55
C SER B 382 -8.81 6.69 -56.95
N GLY B 383 -8.32 5.88 -56.02
CA GLY B 383 -7.14 6.25 -55.25
C GLY B 383 -7.59 7.09 -54.06
N LYS B 384 -8.90 7.14 -53.87
CA LYS B 384 -9.49 7.87 -52.75
C LYS B 384 -10.16 6.89 -51.80
N LEU B 385 -9.93 7.08 -50.50
CA LEU B 385 -10.43 6.15 -49.49
C LEU B 385 -11.59 6.73 -48.71
N ARG B 386 -12.34 5.87 -48.03
CA ARG B 386 -13.44 6.33 -47.18
C ARG B 386 -13.67 5.40 -45.99
N LEU B 387 -14.36 5.95 -44.99
CA LEU B 387 -14.59 5.28 -43.71
C LEU B 387 -16.08 5.00 -43.44
N LEU B 388 -16.41 3.71 -43.44
CA LEU B 388 -17.75 3.22 -43.18
C LEU B 388 -17.91 2.79 -41.73
N GLU B 389 -19.12 2.93 -41.20
CA GLU B 389 -19.46 2.38 -39.89
C GLU B 389 -20.56 1.35 -40.00
N ILE B 390 -20.25 0.15 -39.52
CA ILE B 390 -21.03 -1.06 -39.72
C ILE B 390 -21.46 -1.67 -38.40
N VAL B 391 -22.75 -1.94 -38.24
CA VAL B 391 -23.28 -2.63 -37.07
C VAL B 391 -24.28 -3.71 -37.50
N SER B 392 -24.16 -4.91 -36.92
CA SER B 392 -25.03 -6.04 -37.26
C SER B 392 -24.95 -6.37 -38.75
N TYR B 393 -23.74 -6.33 -39.29
CA TYR B 393 -23.47 -6.60 -40.69
C TYR B 393 -24.22 -5.65 -41.62
N LYS B 394 -24.57 -4.47 -41.09
CA LYS B 394 -25.22 -3.43 -41.88
C LYS B 394 -24.43 -2.14 -41.78
N ILE B 395 -24.27 -1.45 -42.91
CA ILE B 395 -23.64 -0.14 -42.90
C ILE B 395 -24.59 0.90 -42.32
N ILE B 396 -24.25 1.42 -41.16
CA ILE B 396 -25.08 2.45 -40.55
C ILE B 396 -24.56 3.86 -40.87
N GLY B 397 -23.40 3.95 -41.50
CA GLY B 397 -23.00 5.27 -41.98
C GLY B 397 -21.67 5.48 -42.69
N VAL B 398 -21.53 6.64 -43.32
CA VAL B 398 -20.25 7.06 -43.87
C VAL B 398 -19.79 8.30 -43.11
N HIS B 399 -18.54 8.30 -42.67
CA HIS B 399 -18.01 9.44 -41.92
C HIS B 399 -17.23 10.41 -42.81
N GLN B 400 -17.62 11.67 -42.78
CA GLN B 400 -16.96 12.71 -43.56
C GLN B 400 -15.55 12.92 -43.02
N GLU B 401 -14.60 13.13 -43.92
CA GLU B 401 -13.18 13.06 -43.56
C GLU B 401 -12.71 14.17 -42.62
N ASP B 402 -13.54 15.17 -42.38
CA ASP B 402 -13.18 16.23 -41.44
C ASP B 402 -13.65 15.91 -40.02
N GLU B 403 -14.43 14.85 -39.86
CA GLU B 403 -14.94 14.47 -38.56
C GLU B 403 -13.82 14.11 -37.59
N LEU B 404 -14.02 14.41 -36.31
CA LEU B 404 -13.01 14.17 -35.30
C LEU B 404 -12.91 12.70 -34.91
N LEU B 405 -11.68 12.23 -34.68
CA LEU B 405 -11.45 10.85 -34.29
C LEU B 405 -11.91 10.57 -32.86
N GLU B 406 -12.01 11.62 -32.05
CA GLU B 406 -12.38 11.48 -30.66
C GLU B 406 -13.89 11.21 -30.51
N CYS B 407 -14.62 11.40 -31.60
CA CYS B 407 -16.07 11.17 -31.60
C CYS B 407 -16.42 9.76 -32.05
N LEU B 408 -15.40 8.91 -32.16
CA LEU B 408 -15.59 7.54 -32.63
C LEU B 408 -15.27 6.53 -31.54
N SER B 409 -16.15 5.57 -31.36
CA SER B 409 -15.96 4.53 -30.35
C SER B 409 -16.01 3.14 -30.97
N PRO B 410 -14.83 2.61 -31.35
CA PRO B 410 -14.72 1.27 -31.95
C PRO B 410 -15.09 0.20 -30.93
N ALA B 411 -16.40 0.08 -30.70
CA ALA B 411 -16.98 -0.78 -29.67
C ALA B 411 -17.11 -2.23 -30.15
N THR B 412 -17.93 -3.00 -29.44
CA THR B 412 -18.08 -4.42 -29.68
C THR B 412 -18.77 -4.68 -31.02
N SER B 413 -20.03 -4.27 -31.14
CA SER B 413 -20.77 -4.46 -32.38
C SER B 413 -20.37 -3.44 -33.45
N ARG B 414 -19.74 -2.36 -33.03
CA ARG B 414 -19.37 -1.29 -33.96
C ARG B 414 -18.07 -1.59 -34.67
N THR B 415 -18.15 -1.73 -35.99
CA THR B 415 -16.99 -2.02 -36.82
C THR B 415 -16.74 -0.91 -37.81
N PHE B 416 -15.54 -0.35 -37.78
CA PHE B 416 -15.14 0.68 -38.73
C PHE B 416 -14.36 0.09 -39.89
N ARG B 417 -14.84 0.33 -41.10
CA ARG B 417 -14.21 -0.22 -42.29
C ARG B 417 -13.61 0.90 -43.13
N ILE B 418 -12.48 0.63 -43.77
CA ILE B 418 -11.85 1.57 -44.67
C ILE B 418 -11.76 0.93 -46.04
N GLU B 419 -12.18 1.66 -47.07
CA GLU B 419 -12.19 1.09 -48.41
C GLU B 419 -11.91 2.12 -49.49
N GLU B 420 -11.29 1.66 -50.57
CA GLU B 420 -11.06 2.50 -51.74
C GLU B 420 -12.37 2.72 -52.46
N ILE B 421 -12.66 3.99 -52.77
CA ILE B 421 -13.88 4.32 -53.50
C ILE B 421 -13.82 3.80 -54.92
N PRO B 422 -14.83 3.02 -55.33
CA PRO B 422 -14.90 2.56 -56.71
C PRO B 422 -15.10 3.73 -57.67
N LEU B 423 -14.60 3.58 -58.90
CA LEU B 423 -14.60 4.67 -59.88
C LEU B 423 -15.98 5.26 -60.15
N ASP B 424 -16.99 4.41 -60.22
CA ASP B 424 -18.33 4.86 -60.55
C ASP B 424 -19.09 5.39 -59.34
N GLN B 425 -18.35 5.76 -58.29
CA GLN B 425 -18.98 6.33 -57.10
C GLN B 425 -18.25 7.60 -56.66
N VAL B 426 -17.08 7.83 -57.22
CA VAL B 426 -16.30 9.04 -56.93
C VAL B 426 -17.10 10.29 -57.24
N ASP B 427 -17.28 10.54 -58.53
CA ASP B 427 -18.14 11.62 -58.98
C ASP B 427 -19.33 11.04 -59.74
N ILE B 428 -20.52 11.18 -59.15
CA ILE B 428 -21.73 10.71 -59.79
C ILE B 428 -22.66 11.86 -60.09
N ASP B 429 -23.82 11.57 -60.68
CA ASP B 429 -24.81 12.60 -60.92
C ASP B 429 -25.70 12.66 -59.69
N LYS B 430 -25.63 13.78 -58.98
CA LYS B 430 -26.16 13.88 -57.62
C LYS B 430 -27.69 13.81 -57.56
N GLU B 431 -28.34 14.44 -58.53
CA GLU B 431 -29.81 14.42 -58.59
C GLU B 431 -30.30 13.29 -59.49
N ASN B 432 -29.37 12.49 -59.99
CA ASN B 432 -29.71 11.35 -60.83
C ASN B 432 -29.26 10.04 -60.19
N GLU B 433 -27.94 9.89 -60.05
CA GLU B 433 -27.37 8.69 -59.45
C GLU B 433 -27.37 8.80 -57.92
N MET B 434 -27.71 7.70 -57.26
CA MET B 434 -27.71 7.69 -55.80
C MET B 434 -27.00 6.48 -55.23
N LEU B 435 -26.20 6.69 -54.20
CA LEU B 435 -25.53 5.59 -53.53
C LEU B 435 -26.42 5.00 -52.45
N VAL B 436 -26.65 3.69 -52.54
CA VAL B 436 -27.53 2.99 -51.63
C VAL B 436 -26.74 1.99 -50.79
N THR B 437 -27.16 1.82 -49.53
CA THR B 437 -26.54 0.85 -48.65
C THR B 437 -27.17 -0.53 -48.83
N VAL B 438 -26.32 -1.55 -48.93
CA VAL B 438 -26.73 -2.90 -49.27
C VAL B 438 -26.22 -3.91 -48.24
N ALA B 439 -27.05 -4.89 -47.91
CA ALA B 439 -26.68 -5.90 -46.93
C ALA B 439 -27.32 -7.26 -47.21
N HIS B 440 -26.78 -8.31 -46.59
CA HIS B 440 -27.34 -9.65 -46.70
C HIS B 440 -28.21 -9.95 -45.49
N PHE B 441 -29.01 -11.00 -45.57
CA PHE B 441 -29.79 -11.49 -44.44
C PHE B 441 -30.44 -12.84 -44.76
N HIS B 442 -30.48 -13.72 -43.76
CA HIS B 442 -31.10 -15.04 -43.93
C HIS B 442 -32.49 -15.05 -43.30
N LYS B 443 -33.47 -15.55 -44.05
CA LYS B 443 -34.87 -15.51 -43.67
C LYS B 443 -35.29 -14.07 -43.41
N GLU B 444 -35.65 -13.76 -42.17
CA GLU B 444 -36.13 -12.42 -41.82
C GLU B 444 -34.98 -11.41 -41.83
N VAL B 445 -35.30 -10.14 -41.62
CA VAL B 445 -34.31 -9.08 -41.81
C VAL B 445 -33.49 -8.77 -40.55
N PHE B 446 -33.90 -9.32 -39.41
CA PHE B 446 -33.13 -9.12 -38.19
C PHE B 446 -31.81 -9.87 -38.28
N GLY B 447 -31.90 -11.17 -38.58
CA GLY B 447 -30.70 -11.95 -38.80
C GLY B 447 -30.02 -11.45 -40.05
N THR B 448 -28.77 -11.03 -39.91
CA THR B 448 -28.01 -10.47 -41.01
C THR B 448 -26.62 -11.06 -41.04
N PHE B 449 -25.94 -10.94 -42.18
CA PHE B 449 -24.60 -11.50 -42.33
C PHE B 449 -23.88 -10.93 -43.54
N GLY B 450 -22.69 -11.48 -43.81
CA GLY B 450 -21.94 -11.13 -44.99
C GLY B 450 -21.29 -9.77 -44.92
N ILE B 451 -20.68 -9.36 -46.03
CA ILE B 451 -20.05 -8.05 -46.12
C ILE B 451 -20.99 -7.06 -46.80
N PRO B 452 -21.51 -6.11 -46.01
CA PRO B 452 -22.39 -5.07 -46.58
C PRO B 452 -21.58 -4.15 -47.48
N PHE B 453 -22.23 -3.43 -48.38
CA PHE B 453 -21.51 -2.59 -49.32
C PHE B 453 -22.35 -1.45 -49.87
N LEU B 454 -21.69 -0.47 -50.49
CA LEU B 454 -22.39 0.65 -51.10
C LEU B 454 -22.49 0.46 -52.61
N LEU B 455 -23.69 0.66 -53.14
CA LEU B 455 -23.94 0.41 -54.56
C LEU B 455 -24.51 1.64 -55.27
N ARG B 456 -23.99 1.93 -56.46
CA ARG B 456 -24.49 3.04 -57.26
C ARG B 456 -25.84 2.69 -57.89
N ILE B 457 -26.70 3.69 -58.05
CA ILE B 457 -28.01 3.49 -58.66
C ILE B 457 -28.36 4.57 -59.67
N HIS B 458 -28.74 4.15 -60.87
CA HIS B 458 -29.13 5.04 -61.95
C HIS B 458 -30.63 5.37 -61.88
N GLN B 459 -31.19 5.79 -63.01
CA GLN B 459 -32.58 6.24 -63.05
C GLN B 459 -33.42 5.38 -63.99
N GLY B 460 -34.47 4.78 -63.46
CA GLY B 460 -35.25 3.80 -64.21
C GLY B 460 -34.30 2.70 -64.64
N GLU B 461 -33.58 2.17 -63.66
CA GLU B 461 -32.37 1.39 -63.85
C GLU B 461 -32.47 0.18 -64.77
N HIS B 462 -33.65 -0.44 -64.83
CA HIS B 462 -33.79 -1.79 -65.37
C HIS B 462 -33.06 -2.72 -64.41
N PHE B 463 -33.79 -3.07 -63.36
CA PHE B 463 -33.27 -3.64 -62.12
C PHE B 463 -32.31 -4.82 -62.25
N ARG B 464 -32.39 -5.59 -63.33
CA ARG B 464 -31.46 -6.72 -63.39
C ARG B 464 -30.11 -6.33 -63.96
N GLU B 465 -30.00 -5.12 -64.51
CA GLU B 465 -28.69 -4.56 -64.81
C GLU B 465 -28.01 -4.24 -63.48
N VAL B 466 -28.76 -3.64 -62.55
CA VAL B 466 -28.22 -3.33 -61.24
C VAL B 466 -27.90 -4.65 -60.52
N MET B 467 -28.67 -5.70 -60.79
CA MET B 467 -28.38 -6.95 -60.10
C MET B 467 -27.22 -7.68 -60.76
N LYS B 468 -26.94 -7.39 -62.03
CA LYS B 468 -25.77 -8.01 -62.64
C LYS B 468 -24.55 -7.19 -62.25
N ARG B 469 -24.79 -5.98 -61.77
CA ARG B 469 -23.70 -5.18 -61.21
C ARG B 469 -23.34 -5.72 -59.82
N ILE B 470 -24.37 -5.93 -59.00
CA ILE B 470 -24.20 -6.59 -57.71
C ILE B 470 -23.48 -7.92 -57.88
N GLN B 471 -23.98 -8.71 -58.82
CA GLN B 471 -23.40 -10.01 -59.14
C GLN B 471 -21.96 -9.86 -59.61
N SER B 472 -21.69 -8.80 -60.37
CA SER B 472 -20.33 -8.52 -60.83
C SER B 472 -19.41 -8.27 -59.64
N LEU B 473 -19.96 -7.70 -58.57
CA LEU B 473 -19.17 -7.50 -57.36
C LEU B 473 -18.94 -8.81 -56.60
N LEU B 474 -20.05 -9.46 -56.22
CA LEU B 474 -19.99 -10.64 -55.36
C LEU B 474 -19.21 -11.81 -55.99
N ASP B 475 -19.77 -12.39 -57.05
CA ASP B 475 -19.15 -13.49 -57.77
C ASP B 475 -18.85 -14.70 -56.87
N ILE B 476 -19.90 -15.45 -56.52
CA ILE B 476 -19.73 -16.65 -55.71
C ILE B 476 -20.08 -17.91 -56.50
N GLN B 477 -21.33 -18.04 -56.94
CA GLN B 477 -21.75 -19.12 -57.83
C GLN B 477 -22.55 -18.50 -58.98
N GLU B 478 -22.70 -19.26 -60.05
CA GLU B 478 -22.95 -18.74 -61.40
C GLU B 478 -24.39 -18.50 -61.87
N LYS B 479 -25.33 -18.15 -60.97
CA LYS B 479 -26.78 -18.45 -60.99
C LYS B 479 -27.27 -19.39 -59.89
N GLU B 480 -26.42 -19.70 -58.92
CA GLU B 480 -26.96 -19.85 -57.57
C GLU B 480 -27.38 -18.44 -57.11
N PHE B 481 -26.79 -17.43 -57.76
CA PHE B 481 -27.25 -16.04 -57.67
C PHE B 481 -28.76 -15.95 -57.84
N GLU B 482 -29.28 -16.80 -58.72
CA GLU B 482 -30.70 -16.89 -59.07
C GLU B 482 -31.62 -16.95 -57.86
N LYS B 483 -31.15 -17.58 -56.79
CA LYS B 483 -31.97 -17.78 -55.60
C LYS B 483 -32.00 -16.52 -54.71
N PHE B 484 -31.38 -15.45 -55.18
CA PHE B 484 -31.36 -14.19 -54.43
C PHE B 484 -32.74 -13.59 -54.32
N LYS B 485 -33.18 -13.32 -53.09
CA LYS B 485 -34.42 -12.59 -52.93
C LYS B 485 -34.09 -11.13 -52.60
N PHE B 486 -34.50 -10.22 -53.48
CA PHE B 486 -34.20 -8.80 -53.35
C PHE B 486 -35.33 -8.05 -52.65
N ALA B 487 -35.00 -7.27 -51.62
CA ALA B 487 -36.02 -6.58 -50.84
C ALA B 487 -35.63 -5.14 -50.49
N ILE B 488 -36.63 -4.30 -50.23
CA ILE B 488 -36.39 -2.96 -49.75
C ILE B 488 -36.83 -2.89 -48.30
N VAL B 489 -35.89 -2.55 -47.42
CA VAL B 489 -36.13 -2.51 -45.99
C VAL B 489 -36.23 -1.08 -45.47
N MET B 490 -37.28 -0.80 -44.71
CA MET B 490 -37.52 0.51 -44.12
C MET B 490 -38.26 0.36 -42.80
N MET B 491 -37.62 0.81 -41.71
CA MET B 491 -38.20 0.75 -40.36
C MET B 491 -38.71 -0.64 -39.99
N GLY B 492 -38.05 -1.67 -40.51
CA GLY B 492 -38.41 -3.04 -40.20
C GLY B 492 -39.31 -3.69 -41.25
N ARG B 493 -40.05 -2.88 -41.99
CA ARG B 493 -40.88 -3.41 -43.06
C ARG B 493 -40.01 -3.71 -44.27
N HIS B 494 -40.42 -4.68 -45.07
CA HIS B 494 -39.67 -4.99 -46.28
C HIS B 494 -40.60 -5.39 -47.41
N GLN B 495 -40.36 -4.81 -48.58
CA GLN B 495 -41.12 -5.19 -49.76
C GLN B 495 -40.18 -5.80 -50.78
N TYR B 496 -40.46 -7.04 -51.17
CA TYR B 496 -39.64 -7.72 -52.17
C TYR B 496 -39.87 -7.11 -53.55
N ILE B 497 -38.81 -7.14 -54.37
CA ILE B 497 -38.84 -6.48 -55.67
C ILE B 497 -38.89 -7.51 -56.79
N ASN B 498 -39.83 -7.35 -57.71
CA ASN B 498 -39.92 -8.26 -58.85
C ASN B 498 -38.78 -8.01 -59.83
N GLU B 499 -38.02 -9.05 -60.10
CA GLU B 499 -36.76 -8.92 -60.82
C GLU B 499 -36.93 -8.55 -62.29
N ASP B 500 -37.98 -9.08 -62.93
CA ASP B 500 -38.18 -8.85 -64.35
C ASP B 500 -39.10 -7.66 -64.64
N GLU B 501 -39.67 -7.07 -63.58
CA GLU B 501 -40.49 -5.88 -63.75
C GLU B 501 -39.65 -4.61 -63.83
N TYR B 502 -38.44 -4.68 -63.29
CA TYR B 502 -37.48 -3.57 -63.33
C TYR B 502 -37.99 -2.27 -62.70
N GLU B 503 -38.46 -2.32 -61.46
CA GLU B 503 -38.95 -1.11 -60.82
C GLU B 503 -37.85 -0.44 -60.02
N VAL B 504 -37.32 0.66 -60.55
CA VAL B 504 -36.27 1.42 -59.87
C VAL B 504 -36.41 2.92 -60.08
N ASN B 505 -36.41 3.68 -58.99
CA ASN B 505 -36.11 5.11 -59.02
C ASN B 505 -35.93 5.63 -57.60
N LEU B 506 -35.04 6.60 -57.46
CA LEU B 506 -34.58 7.11 -56.16
C LEU B 506 -35.67 7.30 -55.12
N LYS B 507 -36.86 7.74 -55.59
CA LYS B 507 -37.98 8.05 -54.72
C LYS B 507 -38.33 6.94 -53.73
N ASP B 508 -38.02 5.70 -54.10
CA ASP B 508 -38.29 4.56 -53.25
C ASP B 508 -37.16 4.24 -52.29
N PHE B 509 -36.31 5.21 -52.02
CA PHE B 509 -35.14 4.98 -51.17
C PHE B 509 -34.87 6.10 -50.16
N GLU B 510 -35.43 7.28 -50.40
CA GLU B 510 -35.31 8.37 -49.44
C GLU B 510 -36.40 8.28 -48.39
N PRO B 511 -36.10 8.68 -47.15
CA PRO B 511 -37.10 8.78 -46.09
C PRO B 511 -38.05 9.96 -46.32
N GLN B 512 -38.87 10.26 -45.33
CA GLN B 512 -39.86 11.34 -45.42
C GLN B 512 -39.16 12.69 -45.59
N PRO B 513 -39.90 13.75 -45.99
CA PRO B 513 -39.26 15.05 -46.23
C PRO B 513 -38.37 15.56 -45.09
N GLY B 514 -37.18 16.03 -45.46
CA GLY B 514 -36.23 16.59 -44.50
C GLY B 514 -35.71 15.58 -43.49
N ASN B 515 -35.58 14.32 -43.91
CA ASN B 515 -35.22 13.28 -42.96
C ASN B 515 -33.81 12.71 -43.12
N MET B 516 -33.07 12.78 -42.03
CA MET B 516 -31.74 12.23 -41.90
C MET B 516 -31.70 11.37 -40.63
N SER B 517 -32.07 12.01 -39.53
CA SER B 517 -31.85 11.53 -38.16
C SER B 517 -32.12 10.04 -37.86
N HIS B 518 -33.19 9.46 -38.41
CA HIS B 518 -33.45 8.05 -38.14
C HIS B 518 -33.26 7.21 -39.42
N PRO B 519 -32.94 5.91 -39.26
CA PRO B 519 -32.36 5.05 -40.31
C PRO B 519 -33.01 5.11 -41.67
N ARG B 520 -32.17 5.19 -42.70
CA ARG B 520 -32.59 5.29 -44.08
C ARG B 520 -32.80 3.91 -44.71
N PRO B 521 -33.74 3.81 -45.66
CA PRO B 521 -34.06 2.56 -46.36
C PRO B 521 -32.84 1.89 -46.98
N TRP B 522 -32.78 0.56 -46.91
CA TRP B 522 -31.65 -0.17 -47.47
C TRP B 522 -32.06 -1.42 -48.24
N LEU B 523 -31.17 -1.85 -49.13
CA LEU B 523 -31.39 -3.00 -50.00
C LEU B 523 -30.99 -4.31 -49.32
N GLY B 524 -31.87 -5.31 -49.39
CA GLY B 524 -31.68 -6.58 -48.72
C GLY B 524 -31.63 -7.77 -49.65
N LEU B 525 -30.71 -8.70 -49.37
CA LEU B 525 -30.52 -9.90 -50.20
C LEU B 525 -30.70 -11.19 -49.39
N ASP B 526 -31.45 -12.15 -49.94
CA ASP B 526 -31.69 -13.41 -49.24
C ASP B 526 -31.13 -14.62 -50.00
N HIS B 527 -30.34 -15.44 -49.29
CA HIS B 527 -29.69 -16.63 -49.85
C HIS B 527 -28.95 -17.51 -48.82
N PHE B 528 -28.79 -17.02 -47.60
CA PHE B 528 -28.05 -17.70 -46.51
C PHE B 528 -26.58 -18.00 -46.84
N ASN B 529 -26.10 -19.17 -46.41
CA ASN B 529 -24.72 -19.61 -46.61
C ASN B 529 -24.46 -21.01 -46.05
#